data_6NUJ
# 
_entry.id   6NUJ 
# 
_audit_conform.dict_name       mmcif_pdbx.dic 
_audit_conform.dict_version    5.397 
_audit_conform.dict_location   http://mmcif.pdb.org/dictionaries/ascii/mmcif_pdbx.dic 
# 
loop_
_database_2.database_id 
_database_2.database_code 
_database_2.pdbx_database_accession 
_database_2.pdbx_DOI 
PDB   6NUJ         pdb_00006nuj 10.2210/pdb6nuj/pdb 
WWPDB D_1000239448 ?            ?                   
# 
loop_
_pdbx_audit_revision_history.ordinal 
_pdbx_audit_revision_history.data_content_type 
_pdbx_audit_revision_history.major_revision 
_pdbx_audit_revision_history.minor_revision 
_pdbx_audit_revision_history.revision_date 
1 'Structure model' 1 0 2019-12-11 
2 'Structure model' 1 1 2023-10-11 
3 'Structure model' 1 2 2024-10-23 
# 
_pdbx_audit_revision_details.ordinal             1 
_pdbx_audit_revision_details.revision_ordinal    1 
_pdbx_audit_revision_details.data_content_type   'Structure model' 
_pdbx_audit_revision_details.provider            repository 
_pdbx_audit_revision_details.type                'Initial release' 
_pdbx_audit_revision_details.description         ? 
_pdbx_audit_revision_details.details             ? 
# 
loop_
_pdbx_audit_revision_group.ordinal 
_pdbx_audit_revision_group.revision_ordinal 
_pdbx_audit_revision_group.data_content_type 
_pdbx_audit_revision_group.group 
1 2 'Structure model' 'Data collection'        
2 2 'Structure model' 'Database references'    
3 2 'Structure model' 'Refinement description' 
4 3 'Structure model' 'Structure summary'      
# 
loop_
_pdbx_audit_revision_category.ordinal 
_pdbx_audit_revision_category.revision_ordinal 
_pdbx_audit_revision_category.data_content_type 
_pdbx_audit_revision_category.category 
1 2 'Structure model' chem_comp_atom                
2 2 'Structure model' chem_comp_bond                
3 2 'Structure model' database_2                    
4 2 'Structure model' pdbx_initial_refinement_model 
5 3 'Structure model' pdbx_entry_details            
6 3 'Structure model' pdbx_modification_feature     
# 
loop_
_pdbx_audit_revision_item.ordinal 
_pdbx_audit_revision_item.revision_ordinal 
_pdbx_audit_revision_item.data_content_type 
_pdbx_audit_revision_item.item 
1 2 'Structure model' '_database_2.pdbx_DOI'                
2 2 'Structure model' '_database_2.pdbx_database_accession' 
# 
_pdbx_database_status.status_code                     REL 
_pdbx_database_status.status_code_sf                  REL 
_pdbx_database_status.status_code_mr                  ? 
_pdbx_database_status.entry_id                        6NUJ 
_pdbx_database_status.recvd_initial_deposition_date   2019-02-01 
_pdbx_database_status.SG_entry                        N 
_pdbx_database_status.deposit_site                    RCSB 
_pdbx_database_status.process_site                    RCSB 
_pdbx_database_status.status_code_cs                  ? 
_pdbx_database_status.methods_development_category    ? 
_pdbx_database_status.pdb_format_compatible           Y 
_pdbx_database_status.status_code_nmr_data            ? 
# 
loop_
_audit_author.name 
_audit_author.pdbx_ordinal 
_audit_author.identifier_ORCID 
'Lindenberger, J.J.' 1 ? 
'Kvaratskhelia, M.'  2 ? 
# 
_citation.abstract                  ? 
_citation.abstract_id_CAS           ? 
_citation.book_id_ISBN              ? 
_citation.book_publisher            ? 
_citation.book_publisher_city       ? 
_citation.book_title                ? 
_citation.coordinate_linkage        ? 
_citation.country                   US 
_citation.database_id_Medline       ? 
_citation.details                   ? 
_citation.id                        primary 
_citation.journal_abbrev            Elife 
_citation.journal_id_ASTM           ? 
_citation.journal_id_CSD            ? 
_citation.journal_id_ISSN           2050-084X 
_citation.journal_full              ? 
_citation.journal_issue             ? 
_citation.journal_volume            8 
_citation.language                  ? 
_citation.page_first                ? 
_citation.page_last                 ? 
_citation.title                     
'HIV-1 integrase tetramers are the antiviral target of pyridine-based allosteric integrase inhibitors.' 
_citation.year                      2019 
_citation.database_id_CSD           ? 
_citation.pdbx_database_id_DOI      10.7554/eLife.46344 
_citation.pdbx_database_id_PubMed   31120420 
_citation.unpublished_flag          ? 
# 
loop_
_citation_author.citation_id 
_citation_author.name 
_citation_author.ordinal 
_citation_author.identifier_ORCID 
primary 'Koneru, P.C.'      1  0000-0003-3955-4548 
primary 'Francis, A.C.'     2  ?                   
primary 'Deng, N.'          3  ?                   
primary 'Rebensburg, S.V.'  4  ?                   
primary 'Hoyte, A.C.'       5  ?                   
primary 'Lindenberger, J.'  6  ?                   
primary 'Adu-Ampratwum, D.' 7  0000-0001-9392-2431 
primary 'Larue, R.C.'       8  ?                   
primary 'Wempe, M.F.'       9  ?                   
primary 'Engelman, A.N.'    10 ?                   
primary 'Lyumkis, D.'       11 0000-0002-8124-7472 
primary 'Fuchs, J.R.'       12 ?                   
primary 'Levy, R.M.'        13 0000-0001-8696-5177 
primary 'Melikyan, G.B.'    14 ?                   
primary 'Kvaratskhelia, M.' 15 0000-0003-3800-0033 
# 
loop_
_entity.id 
_entity.type 
_entity.src_method 
_entity.pdbx_description 
_entity.formula_weight 
_entity.pdbx_number_of_molecules 
_entity.pdbx_ec 
_entity.pdbx_mutation 
_entity.pdbx_fragment 
_entity.details 
1 polymer     man Integrase                                                                                         18443.689 1  ? 
F185H 'CCD (UNP residues 50-212)' ? 
2 non-polymer syn '(2S)-tert-butoxy[4-(2,3-dihydropyrano[4,3,2-de]quinolin-7-yl)-2-methylquinolin-3-yl]acetic acid' 442.506   1  ? 
?     ?                           ? 
3 water       nat water                                                                                             18.015    53 ? 
?     ?                           ? 
# 
_entity_poly.entity_id                      1 
_entity_poly.type                           'polypeptide(L)' 
_entity_poly.nstd_linkage                   no 
_entity_poly.nstd_monomer                   yes 
_entity_poly.pdbx_seq_one_letter_code       
;GSHMHGQVDCSPGIWQLD(CAF)THLEGKVILVAVHVASGYIEAEVIPAETGQETAYFLLKLAGRWPVKTVHTDNGSNFT
STTVKAA(CAF)WWAGIKQEFGIPYNPQSQGVIESMNKELKKIIGQVRDQAEHLKTAVQMAVFIHNHKRKGGIGGYSAGE
RIVDIIATDIQTKE
;
_entity_poly.pdbx_seq_one_letter_code_can   
;GSHMHGQVDCSPGIWQLDCTHLEGKVILVAVHVASGYIEAEVIPAETGQETAYFLLKLAGRWPVKTVHTDNGSNFTSTTV
KAACWWAGIKQEFGIPYNPQSQGVIESMNKELKKIIGQVRDQAEHLKTAVQMAVFIHNHKRKGGIGGYSAGERIVDIIAT
DIQTKE
;
_entity_poly.pdbx_strand_id                 A 
_entity_poly.pdbx_target_identifier         ? 
# 
loop_
_pdbx_entity_nonpoly.entity_id 
_pdbx_entity_nonpoly.name 
_pdbx_entity_nonpoly.comp_id 
2 '(2S)-tert-butoxy[4-(2,3-dihydropyrano[4,3,2-de]quinolin-7-yl)-2-methylquinolin-3-yl]acetic acid' L3D 
3 water                                                                                             HOH 
# 
loop_
_entity_poly_seq.entity_id 
_entity_poly_seq.num 
_entity_poly_seq.mon_id 
_entity_poly_seq.hetero 
1 1   GLY n 
1 2   SER n 
1 3   HIS n 
1 4   MET n 
1 5   HIS n 
1 6   GLY n 
1 7   GLN n 
1 8   VAL n 
1 9   ASP n 
1 10  CYS n 
1 11  SER n 
1 12  PRO n 
1 13  GLY n 
1 14  ILE n 
1 15  TRP n 
1 16  GLN n 
1 17  LEU n 
1 18  ASP n 
1 19  CAF n 
1 20  THR n 
1 21  HIS n 
1 22  LEU n 
1 23  GLU n 
1 24  GLY n 
1 25  LYS n 
1 26  VAL n 
1 27  ILE n 
1 28  LEU n 
1 29  VAL n 
1 30  ALA n 
1 31  VAL n 
1 32  HIS n 
1 33  VAL n 
1 34  ALA n 
1 35  SER n 
1 36  GLY n 
1 37  TYR n 
1 38  ILE n 
1 39  GLU n 
1 40  ALA n 
1 41  GLU n 
1 42  VAL n 
1 43  ILE n 
1 44  PRO n 
1 45  ALA n 
1 46  GLU n 
1 47  THR n 
1 48  GLY n 
1 49  GLN n 
1 50  GLU n 
1 51  THR n 
1 52  ALA n 
1 53  TYR n 
1 54  PHE n 
1 55  LEU n 
1 56  LEU n 
1 57  LYS n 
1 58  LEU n 
1 59  ALA n 
1 60  GLY n 
1 61  ARG n 
1 62  TRP n 
1 63  PRO n 
1 64  VAL n 
1 65  LYS n 
1 66  THR n 
1 67  VAL n 
1 68  HIS n 
1 69  THR n 
1 70  ASP n 
1 71  ASN n 
1 72  GLY n 
1 73  SER n 
1 74  ASN n 
1 75  PHE n 
1 76  THR n 
1 77  SER n 
1 78  THR n 
1 79  THR n 
1 80  VAL n 
1 81  LYS n 
1 82  ALA n 
1 83  ALA n 
1 84  CAF n 
1 85  TRP n 
1 86  TRP n 
1 87  ALA n 
1 88  GLY n 
1 89  ILE n 
1 90  LYS n 
1 91  GLN n 
1 92  GLU n 
1 93  PHE n 
1 94  GLY n 
1 95  ILE n 
1 96  PRO n 
1 97  TYR n 
1 98  ASN n 
1 99  PRO n 
1 100 GLN n 
1 101 SER n 
1 102 GLN n 
1 103 GLY n 
1 104 VAL n 
1 105 ILE n 
1 106 GLU n 
1 107 SER n 
1 108 MET n 
1 109 ASN n 
1 110 LYS n 
1 111 GLU n 
1 112 LEU n 
1 113 LYS n 
1 114 LYS n 
1 115 ILE n 
1 116 ILE n 
1 117 GLY n 
1 118 GLN n 
1 119 VAL n 
1 120 ARG n 
1 121 ASP n 
1 122 GLN n 
1 123 ALA n 
1 124 GLU n 
1 125 HIS n 
1 126 LEU n 
1 127 LYS n 
1 128 THR n 
1 129 ALA n 
1 130 VAL n 
1 131 GLN n 
1 132 MET n 
1 133 ALA n 
1 134 VAL n 
1 135 PHE n 
1 136 ILE n 
1 137 HIS n 
1 138 ASN n 
1 139 HIS n 
1 140 LYS n 
1 141 ARG n 
1 142 LYS n 
1 143 GLY n 
1 144 GLY n 
1 145 ILE n 
1 146 GLY n 
1 147 GLY n 
1 148 TYR n 
1 149 SER n 
1 150 ALA n 
1 151 GLY n 
1 152 GLU n 
1 153 ARG n 
1 154 ILE n 
1 155 VAL n 
1 156 ASP n 
1 157 ILE n 
1 158 ILE n 
1 159 ALA n 
1 160 THR n 
1 161 ASP n 
1 162 ILE n 
1 163 GLN n 
1 164 THR n 
1 165 LYS n 
1 166 GLU n 
# 
_entity_src_gen.entity_id                          1 
_entity_src_gen.pdbx_src_id                        1 
_entity_src_gen.pdbx_alt_source_flag               sample 
_entity_src_gen.pdbx_seq_type                      'Biological sequence' 
_entity_src_gen.pdbx_beg_seq_num                   1 
_entity_src_gen.pdbx_end_seq_num                   166 
_entity_src_gen.gene_src_common_name               ? 
_entity_src_gen.gene_src_genus                     ? 
_entity_src_gen.pdbx_gene_src_gene                 pol 
_entity_src_gen.gene_src_species                   ? 
_entity_src_gen.gene_src_strain                    ? 
_entity_src_gen.gene_src_tissue                    ? 
_entity_src_gen.gene_src_tissue_fraction           ? 
_entity_src_gen.gene_src_details                   ? 
_entity_src_gen.pdbx_gene_src_fragment             ? 
_entity_src_gen.pdbx_gene_src_scientific_name      'Human immunodeficiency virus 1' 
_entity_src_gen.pdbx_gene_src_ncbi_taxonomy_id     11676 
_entity_src_gen.pdbx_gene_src_variant              ? 
_entity_src_gen.pdbx_gene_src_cell_line            ? 
_entity_src_gen.pdbx_gene_src_atcc                 ? 
_entity_src_gen.pdbx_gene_src_organ                ? 
_entity_src_gen.pdbx_gene_src_organelle            ? 
_entity_src_gen.pdbx_gene_src_cell                 ? 
_entity_src_gen.pdbx_gene_src_cellular_location    ? 
_entity_src_gen.host_org_common_name               ? 
_entity_src_gen.pdbx_host_org_scientific_name      'Escherichia coli BL21' 
_entity_src_gen.pdbx_host_org_ncbi_taxonomy_id     511693 
_entity_src_gen.host_org_genus                     ? 
_entity_src_gen.pdbx_host_org_gene                 ? 
_entity_src_gen.pdbx_host_org_organ                ? 
_entity_src_gen.host_org_species                   ? 
_entity_src_gen.pdbx_host_org_tissue               ? 
_entity_src_gen.pdbx_host_org_tissue_fraction      ? 
_entity_src_gen.pdbx_host_org_strain               ? 
_entity_src_gen.pdbx_host_org_variant              ? 
_entity_src_gen.pdbx_host_org_cell_line            ? 
_entity_src_gen.pdbx_host_org_atcc                 ? 
_entity_src_gen.pdbx_host_org_culture_collection   ? 
_entity_src_gen.pdbx_host_org_cell                 ? 
_entity_src_gen.pdbx_host_org_organelle            ? 
_entity_src_gen.pdbx_host_org_cellular_location    ? 
_entity_src_gen.pdbx_host_org_vector_type          ? 
_entity_src_gen.pdbx_host_org_vector               ? 
_entity_src_gen.host_org_details                   ? 
_entity_src_gen.expression_system_id               ? 
_entity_src_gen.plasmid_name                       ? 
_entity_src_gen.plasmid_details                    ? 
_entity_src_gen.pdbx_description                   ? 
# 
loop_
_chem_comp.id 
_chem_comp.type 
_chem_comp.mon_nstd_flag 
_chem_comp.name 
_chem_comp.pdbx_synonyms 
_chem_comp.formula 
_chem_comp.formula_weight 
ALA 'L-peptide linking' y ALANINE                                                                                           ? 
'C3 H7 N O2'       89.093  
ARG 'L-peptide linking' y ARGININE                                                                                          ? 
'C6 H15 N4 O2 1'   175.209 
ASN 'L-peptide linking' y ASPARAGINE                                                                                        ? 
'C4 H8 N2 O3'      132.118 
ASP 'L-peptide linking' y 'ASPARTIC ACID'                                                                                   ? 
'C4 H7 N O4'       133.103 
CAF 'L-peptide linking' n S-DIMETHYLARSINOYL-CYSTEINE                                                                       
'CYSTEIN-S-YL CACODYLATE' 'C5 H12 As N O3 S' 241.140 
CYS 'L-peptide linking' y CYSTEINE                                                                                          ? 
'C3 H7 N O2 S'     121.158 
GLN 'L-peptide linking' y GLUTAMINE                                                                                         ? 
'C5 H10 N2 O3'     146.144 
GLU 'L-peptide linking' y 'GLUTAMIC ACID'                                                                                   ? 
'C5 H9 N O4'       147.129 
GLY 'peptide linking'   y GLYCINE                                                                                           ? 
'C2 H5 N O2'       75.067  
HIS 'L-peptide linking' y HISTIDINE                                                                                         ? 
'C6 H10 N3 O2 1'   156.162 
HOH non-polymer         . WATER                                                                                             ? 
'H2 O'             18.015  
ILE 'L-peptide linking' y ISOLEUCINE                                                                                        ? 
'C6 H13 N O2'      131.173 
L3D non-polymer         . '(2S)-tert-butoxy[4-(2,3-dihydropyrano[4,3,2-de]quinolin-7-yl)-2-methylquinolin-3-yl]acetic acid' ? 
'C27 H26 N2 O4'    442.506 
LEU 'L-peptide linking' y LEUCINE                                                                                           ? 
'C6 H13 N O2'      131.173 
LYS 'L-peptide linking' y LYSINE                                                                                            ? 
'C6 H15 N2 O2 1'   147.195 
MET 'L-peptide linking' y METHIONINE                                                                                        ? 
'C5 H11 N O2 S'    149.211 
PHE 'L-peptide linking' y PHENYLALANINE                                                                                     ? 
'C9 H11 N O2'      165.189 
PRO 'L-peptide linking' y PROLINE                                                                                           ? 
'C5 H9 N O2'       115.130 
SER 'L-peptide linking' y SERINE                                                                                            ? 
'C3 H7 N O3'       105.093 
THR 'L-peptide linking' y THREONINE                                                                                         ? 
'C4 H9 N O3'       119.119 
TRP 'L-peptide linking' y TRYPTOPHAN                                                                                        ? 
'C11 H12 N2 O2'    204.225 
TYR 'L-peptide linking' y TYROSINE                                                                                          ? 
'C9 H11 N O3'      181.189 
VAL 'L-peptide linking' y VALINE                                                                                            ? 
'C5 H11 N O2'      117.146 
# 
loop_
_pdbx_poly_seq_scheme.asym_id 
_pdbx_poly_seq_scheme.entity_id 
_pdbx_poly_seq_scheme.seq_id 
_pdbx_poly_seq_scheme.mon_id 
_pdbx_poly_seq_scheme.ndb_seq_num 
_pdbx_poly_seq_scheme.pdb_seq_num 
_pdbx_poly_seq_scheme.auth_seq_num 
_pdbx_poly_seq_scheme.pdb_mon_id 
_pdbx_poly_seq_scheme.auth_mon_id 
_pdbx_poly_seq_scheme.pdb_strand_id 
_pdbx_poly_seq_scheme.pdb_ins_code 
_pdbx_poly_seq_scheme.hetero 
A 1 1   GLY 1   47  ?   ?   ?   A . n 
A 1 2   SER 2   48  ?   ?   ?   A . n 
A 1 3   HIS 3   49  ?   ?   ?   A . n 
A 1 4   MET 4   50  ?   ?   ?   A . n 
A 1 5   HIS 5   51  ?   ?   ?   A . n 
A 1 6   GLY 6   52  ?   ?   ?   A . n 
A 1 7   GLN 7   53  ?   ?   ?   A . n 
A 1 8   VAL 8   54  ?   ?   ?   A . n 
A 1 9   ASP 9   55  ?   ?   ?   A . n 
A 1 10  CYS 10  56  ?   ?   ?   A . n 
A 1 11  SER 11  57  57  SER SER A . n 
A 1 12  PRO 12  58  58  PRO PRO A . n 
A 1 13  GLY 13  59  59  GLY GLY A . n 
A 1 14  ILE 14  60  60  ILE ILE A . n 
A 1 15  TRP 15  61  61  TRP TRP A . n 
A 1 16  GLN 16  62  62  GLN GLN A . n 
A 1 17  LEU 17  63  63  LEU LEU A . n 
A 1 18  ASP 18  64  64  ASP ASP A . n 
A 1 19  CAF 19  65  65  CAF CAF A . n 
A 1 20  THR 20  66  66  THR THR A . n 
A 1 21  HIS 21  67  67  HIS HIS A . n 
A 1 22  LEU 22  68  68  LEU LEU A . n 
A 1 23  GLU 23  69  69  GLU GLU A . n 
A 1 24  GLY 24  70  70  GLY GLY A . n 
A 1 25  LYS 25  71  71  LYS LYS A . n 
A 1 26  VAL 26  72  72  VAL VAL A . n 
A 1 27  ILE 27  73  73  ILE ILE A . n 
A 1 28  LEU 28  74  74  LEU LEU A . n 
A 1 29  VAL 29  75  75  VAL VAL A . n 
A 1 30  ALA 30  76  76  ALA ALA A . n 
A 1 31  VAL 31  77  77  VAL VAL A . n 
A 1 32  HIS 32  78  78  HIS HIS A . n 
A 1 33  VAL 33  79  79  VAL VAL A . n 
A 1 34  ALA 34  80  80  ALA ALA A . n 
A 1 35  SER 35  81  81  SER SER A . n 
A 1 36  GLY 36  82  82  GLY GLY A . n 
A 1 37  TYR 37  83  83  TYR TYR A . n 
A 1 38  ILE 38  84  84  ILE ILE A . n 
A 1 39  GLU 39  85  85  GLU GLU A . n 
A 1 40  ALA 40  86  86  ALA ALA A . n 
A 1 41  GLU 41  87  87  GLU GLU A . n 
A 1 42  VAL 42  88  88  VAL VAL A . n 
A 1 43  ILE 43  89  89  ILE ILE A . n 
A 1 44  PRO 44  90  90  PRO PRO A . n 
A 1 45  ALA 45  91  91  ALA ALA A . n 
A 1 46  GLU 46  92  92  GLU GLU A . n 
A 1 47  THR 47  93  93  THR THR A . n 
A 1 48  GLY 48  94  94  GLY GLY A . n 
A 1 49  GLN 49  95  95  GLN GLN A . n 
A 1 50  GLU 50  96  96  GLU GLU A . n 
A 1 51  THR 51  97  97  THR THR A . n 
A 1 52  ALA 52  98  98  ALA ALA A . n 
A 1 53  TYR 53  99  99  TYR TYR A . n 
A 1 54  PHE 54  100 100 PHE PHE A . n 
A 1 55  LEU 55  101 101 LEU LEU A . n 
A 1 56  LEU 56  102 102 LEU LEU A . n 
A 1 57  LYS 57  103 103 LYS LYS A . n 
A 1 58  LEU 58  104 104 LEU LEU A . n 
A 1 59  ALA 59  105 105 ALA ALA A . n 
A 1 60  GLY 60  106 106 GLY GLY A . n 
A 1 61  ARG 61  107 107 ARG ARG A . n 
A 1 62  TRP 62  108 108 TRP TRP A . n 
A 1 63  PRO 63  109 109 PRO PRO A . n 
A 1 64  VAL 64  110 110 VAL VAL A . n 
A 1 65  LYS 65  111 111 LYS LYS A . n 
A 1 66  THR 66  112 112 THR THR A . n 
A 1 67  VAL 67  113 113 VAL VAL A . n 
A 1 68  HIS 68  114 114 HIS HIS A . n 
A 1 69  THR 69  115 115 THR THR A . n 
A 1 70  ASP 70  116 116 ASP ASP A . n 
A 1 71  ASN 71  117 117 ASN ASN A . n 
A 1 72  GLY 72  118 118 GLY GLY A . n 
A 1 73  SER 73  119 119 SER SER A . n 
A 1 74  ASN 74  120 120 ASN ASN A . n 
A 1 75  PHE 75  121 121 PHE PHE A . n 
A 1 76  THR 76  122 122 THR THR A . n 
A 1 77  SER 77  123 123 SER SER A . n 
A 1 78  THR 78  124 124 THR THR A . n 
A 1 79  THR 79  125 125 THR THR A . n 
A 1 80  VAL 80  126 126 VAL VAL A . n 
A 1 81  LYS 81  127 127 LYS LYS A . n 
A 1 82  ALA 82  128 128 ALA ALA A . n 
A 1 83  ALA 83  129 129 ALA ALA A . n 
A 1 84  CAF 84  130 130 CAF CAF A . n 
A 1 85  TRP 85  131 131 TRP TRP A . n 
A 1 86  TRP 86  132 132 TRP TRP A . n 
A 1 87  ALA 87  133 133 ALA ALA A . n 
A 1 88  GLY 88  134 134 GLY GLY A . n 
A 1 89  ILE 89  135 135 ILE ILE A . n 
A 1 90  LYS 90  136 136 LYS LYS A . n 
A 1 91  GLN 91  137 137 GLN GLN A . n 
A 1 92  GLU 92  138 ?   ?   ?   A . n 
A 1 93  PHE 93  139 ?   ?   ?   A . n 
A 1 94  GLY 94  140 ?   ?   ?   A . n 
A 1 95  ILE 95  141 ?   ?   ?   A . n 
A 1 96  PRO 96  142 ?   ?   ?   A . n 
A 1 97  TYR 97  143 ?   ?   ?   A . n 
A 1 98  ASN 98  144 ?   ?   ?   A . n 
A 1 99  PRO 99  145 ?   ?   ?   A . n 
A 1 100 GLN 100 146 ?   ?   ?   A . n 
A 1 101 SER 101 147 ?   ?   ?   A . n 
A 1 102 GLN 102 148 ?   ?   ?   A . n 
A 1 103 GLY 103 149 ?   ?   ?   A . n 
A 1 104 VAL 104 150 ?   ?   ?   A . n 
A 1 105 ILE 105 151 ?   ?   ?   A . n 
A 1 106 GLU 106 152 ?   ?   ?   A . n 
A 1 107 SER 107 153 153 SER SER A . n 
A 1 108 MET 108 154 154 MET MET A . n 
A 1 109 ASN 109 155 155 ASN ASN A . n 
A 1 110 LYS 110 156 156 LYS LYS A . n 
A 1 111 GLU 111 157 157 GLU GLU A . n 
A 1 112 LEU 112 158 158 LEU LEU A . n 
A 1 113 LYS 113 159 159 LYS LYS A . n 
A 1 114 LYS 114 160 160 LYS LYS A . n 
A 1 115 ILE 115 161 161 ILE ILE A . n 
A 1 116 ILE 116 162 162 ILE ILE A . n 
A 1 117 GLY 117 163 163 GLY GLY A . n 
A 1 118 GLN 118 164 164 GLN GLN A . n 
A 1 119 VAL 119 165 165 VAL VAL A . n 
A 1 120 ARG 120 166 166 ARG ARG A . n 
A 1 121 ASP 121 167 167 ASP ASP A . n 
A 1 122 GLN 122 168 168 GLN GLN A . n 
A 1 123 ALA 123 169 169 ALA ALA A . n 
A 1 124 GLU 124 170 170 GLU GLU A . n 
A 1 125 HIS 125 171 171 HIS HIS A . n 
A 1 126 LEU 126 172 172 LEU LEU A . n 
A 1 127 LYS 127 173 173 LYS LYS A . n 
A 1 128 THR 128 174 174 THR THR A . n 
A 1 129 ALA 129 175 175 ALA ALA A . n 
A 1 130 VAL 130 176 176 VAL VAL A . n 
A 1 131 GLN 131 177 177 GLN GLN A . n 
A 1 132 MET 132 178 178 MET MET A . n 
A 1 133 ALA 133 179 179 ALA ALA A . n 
A 1 134 VAL 134 180 180 VAL VAL A . n 
A 1 135 PHE 135 181 181 PHE PHE A . n 
A 1 136 ILE 136 182 182 ILE ILE A . n 
A 1 137 HIS 137 183 183 HIS HIS A . n 
A 1 138 ASN 138 184 184 ASN ASN A . n 
A 1 139 HIS 139 185 185 HIS HIS A . n 
A 1 140 LYS 140 186 186 LYS LYS A . n 
A 1 141 ARG 141 187 187 ARG ARG A . n 
A 1 142 LYS 142 188 ?   ?   ?   A . n 
A 1 143 GLY 143 189 ?   ?   ?   A . n 
A 1 144 GLY 144 190 ?   ?   ?   A . n 
A 1 145 ILE 145 191 ?   ?   ?   A . n 
A 1 146 GLY 146 192 ?   ?   ?   A . n 
A 1 147 GLY 147 193 ?   ?   ?   A . n 
A 1 148 TYR 148 194 194 TYR TYR A . n 
A 1 149 SER 149 195 195 SER SER A . n 
A 1 150 ALA 150 196 196 ALA ALA A . n 
A 1 151 GLY 151 197 197 GLY GLY A . n 
A 1 152 GLU 152 198 198 GLU GLU A . n 
A 1 153 ARG 153 199 199 ARG ARG A . n 
A 1 154 ILE 154 200 200 ILE ILE A . n 
A 1 155 VAL 155 201 201 VAL VAL A . n 
A 1 156 ASP 156 202 202 ASP ASP A . n 
A 1 157 ILE 157 203 203 ILE ILE A . n 
A 1 158 ILE 158 204 204 ILE ILE A . n 
A 1 159 ALA 159 205 205 ALA ALA A . n 
A 1 160 THR 160 206 206 THR THR A . n 
A 1 161 ASP 161 207 207 ASP ASP A . n 
A 1 162 ILE 162 208 208 ILE ILE A . n 
A 1 163 GLN 163 209 ?   ?   ?   A . n 
A 1 164 THR 164 210 ?   ?   ?   A . n 
A 1 165 LYS 165 211 ?   ?   ?   A . n 
A 1 166 GLU 166 212 ?   ?   ?   A . n 
# 
loop_
_pdbx_nonpoly_scheme.asym_id 
_pdbx_nonpoly_scheme.entity_id 
_pdbx_nonpoly_scheme.mon_id 
_pdbx_nonpoly_scheme.ndb_seq_num 
_pdbx_nonpoly_scheme.pdb_seq_num 
_pdbx_nonpoly_scheme.auth_seq_num 
_pdbx_nonpoly_scheme.pdb_mon_id 
_pdbx_nonpoly_scheme.auth_mon_id 
_pdbx_nonpoly_scheme.pdb_strand_id 
_pdbx_nonpoly_scheme.pdb_ins_code 
B 2 L3D 1  300 300 L3D BI2 A . 
C 3 HOH 1  401 16  HOH HOH A . 
C 3 HOH 2  402 79  HOH HOH A . 
C 3 HOH 3  403 27  HOH HOH A . 
C 3 HOH 4  404 11  HOH HOH A . 
C 3 HOH 5  405 91  HOH HOH A . 
C 3 HOH 6  406 40  HOH HOH A . 
C 3 HOH 7  407 8   HOH HOH A . 
C 3 HOH 8  408 60  HOH HOH A . 
C 3 HOH 9  409 13  HOH HOH A . 
C 3 HOH 10 410 21  HOH HOH A . 
C 3 HOH 11 411 67  HOH HOH A . 
C 3 HOH 12 412 90  HOH HOH A . 
C 3 HOH 13 413 53  HOH HOH A . 
C 3 HOH 14 414 4   HOH HOH A . 
C 3 HOH 15 415 9   HOH HOH A . 
C 3 HOH 16 416 5   HOH HOH A . 
C 3 HOH 17 417 2   HOH HOH A . 
C 3 HOH 18 418 35  HOH HOH A . 
C 3 HOH 19 419 24  HOH HOH A . 
C 3 HOH 20 420 39  HOH HOH A . 
C 3 HOH 21 421 18  HOH HOH A . 
C 3 HOH 22 422 3   HOH HOH A . 
C 3 HOH 23 423 6   HOH HOH A . 
C 3 HOH 24 424 20  HOH HOH A . 
C 3 HOH 25 425 36  HOH HOH A . 
C 3 HOH 26 426 7   HOH HOH A . 
C 3 HOH 27 427 19  HOH HOH A . 
C 3 HOH 28 428 1   HOH HOH A . 
C 3 HOH 29 429 10  HOH HOH A . 
C 3 HOH 30 430 22  HOH HOH A . 
C 3 HOH 31 431 43  HOH HOH A . 
C 3 HOH 32 432 30  HOH HOH A . 
C 3 HOH 33 433 12  HOH HOH A . 
C 3 HOH 34 434 14  HOH HOH A . 
C 3 HOH 35 435 31  HOH HOH A . 
C 3 HOH 36 436 29  HOH HOH A . 
C 3 HOH 37 437 51  HOH HOH A . 
C 3 HOH 38 438 25  HOH HOH A . 
C 3 HOH 39 439 15  HOH HOH A . 
C 3 HOH 40 440 26  HOH HOH A . 
C 3 HOH 41 441 34  HOH HOH A . 
C 3 HOH 42 442 42  HOH HOH A . 
C 3 HOH 43 443 32  HOH HOH A . 
C 3 HOH 44 444 54  HOH HOH A . 
C 3 HOH 45 445 33  HOH HOH A . 
C 3 HOH 46 446 68  HOH HOH A . 
C 3 HOH 47 447 72  HOH HOH A . 
C 3 HOH 48 448 69  HOH HOH A . 
C 3 HOH 49 449 47  HOH HOH A . 
C 3 HOH 50 450 74  HOH HOH A . 
C 3 HOH 51 451 50  HOH HOH A . 
C 3 HOH 52 452 85  HOH HOH A . 
C 3 HOH 53 453 38  HOH HOH A . 
# 
loop_
_software.citation_id 
_software.classification 
_software.compiler_name 
_software.compiler_version 
_software.contact_author 
_software.contact_author_email 
_software.date 
_software.description 
_software.dependencies 
_software.hardware 
_software.language 
_software.location 
_software.mods 
_software.name 
_software.os 
_software.os_version 
_software.type 
_software.version 
_software.pdbx_ordinal 
? refinement        ? ? ? ? ? ? ? ? ? ? ? PHENIX    ? ? ? 1.10.1_2155 1 
? 'data collection' ? ? ? ? ? ? ? ? ? ? ? HKL-3000  ? ? ? 1.10.1_2155 2 
? 'data scaling'    ? ? ? ? ? ? ? ? ? ? ? SCALEPACK ? ? ? .           3 
? 'data reduction'  ? ? ? ? ? ? ? ? ? ? ? HKL-3000  ? ? ? .           4 
? phasing           ? ? ? ? ? ? ? ? ? ? ? PHASER    ? ? ? .           5 
# 
_cell.angle_alpha                  90.000 
_cell.angle_alpha_esd              ? 
_cell.angle_beta                   90.000 
_cell.angle_beta_esd               ? 
_cell.angle_gamma                  120.000 
_cell.angle_gamma_esd              ? 
_cell.entry_id                     6NUJ 
_cell.details                      ? 
_cell.formula_units_Z              ? 
_cell.length_a                     72.211 
_cell.length_a_esd                 ? 
_cell.length_b                     72.211 
_cell.length_b_esd                 ? 
_cell.length_c                     66.079 
_cell.length_c_esd                 ? 
_cell.volume                       298401.370 
_cell.volume_esd                   ? 
_cell.Z_PDB                        6 
_cell.reciprocal_angle_alpha       ? 
_cell.reciprocal_angle_beta        ? 
_cell.reciprocal_angle_gamma       ? 
_cell.reciprocal_angle_alpha_esd   ? 
_cell.reciprocal_angle_beta_esd    ? 
_cell.reciprocal_angle_gamma_esd   ? 
_cell.reciprocal_length_a          ? 
_cell.reciprocal_length_b          ? 
_cell.reciprocal_length_c          ? 
_cell.reciprocal_length_a_esd      ? 
_cell.reciprocal_length_b_esd      ? 
_cell.reciprocal_length_c_esd      ? 
_cell.pdbx_unique_axis             ? 
# 
_symmetry.entry_id                         6NUJ 
_symmetry.cell_setting                     ? 
_symmetry.Int_Tables_number                152 
_symmetry.space_group_name_Hall            
;P 31 2"
;
_symmetry.space_group_name_H-M             'P 31 2 1' 
_symmetry.pdbx_full_space_group_name_H-M   ? 
# 
_exptl.absorpt_coefficient_mu     ? 
_exptl.absorpt_correction_T_max   ? 
_exptl.absorpt_correction_T_min   ? 
_exptl.absorpt_correction_type    ? 
_exptl.absorpt_process_details    ? 
_exptl.entry_id                   6NUJ 
_exptl.crystals_number            1 
_exptl.details                    ? 
_exptl.method                     'X-RAY DIFFRACTION' 
_exptl.method_details             ? 
# 
_exptl_crystal.colour                      ? 
_exptl_crystal.density_diffrn              ? 
_exptl_crystal.density_Matthews            2.45 
_exptl_crystal.density_method              ? 
_exptl_crystal.density_percent_sol         49.71 
_exptl_crystal.description                 ? 
_exptl_crystal.F_000                       ? 
_exptl_crystal.id                          1 
_exptl_crystal.preparation                 ? 
_exptl_crystal.size_max                    ? 
_exptl_crystal.size_mid                    ? 
_exptl_crystal.size_min                    ? 
_exptl_crystal.size_rad                    ? 
_exptl_crystal.colour_lustre               ? 
_exptl_crystal.colour_modifier             ? 
_exptl_crystal.colour_primary              ? 
_exptl_crystal.density_meas                ? 
_exptl_crystal.density_meas_esd            ? 
_exptl_crystal.density_meas_gt             ? 
_exptl_crystal.density_meas_lt             ? 
_exptl_crystal.density_meas_temp           ? 
_exptl_crystal.density_meas_temp_esd       ? 
_exptl_crystal.density_meas_temp_gt        ? 
_exptl_crystal.density_meas_temp_lt        ? 
_exptl_crystal.pdbx_crystal_image_url      ? 
_exptl_crystal.pdbx_crystal_image_format   ? 
_exptl_crystal.pdbx_mosaicity              ? 
_exptl_crystal.pdbx_mosaicity_esd          ? 
# 
_exptl_crystal_grow.apparatus       ? 
_exptl_crystal_grow.atmosphere      ? 
_exptl_crystal_grow.crystal_id      1 
_exptl_crystal_grow.details         ? 
_exptl_crystal_grow.method          'VAPOR DIFFUSION, HANGING DROP' 
_exptl_crystal_grow.method_ref      ? 
_exptl_crystal_grow.pH              6.5 
_exptl_crystal_grow.pressure        ? 
_exptl_crystal_grow.pressure_esd    ? 
_exptl_crystal_grow.seeding         ? 
_exptl_crystal_grow.seeding_ref     ? 
_exptl_crystal_grow.temp            277 
_exptl_crystal_grow.temp_details    ? 
_exptl_crystal_grow.temp_esd        ? 
_exptl_crystal_grow.time            ? 
_exptl_crystal_grow.pdbx_details    '0.1 M sodium cacodylate trihydrate, 0.1 M ammonium sulfate, 10% PEG8000' 
_exptl_crystal_grow.pdbx_pH_range   ? 
# 
_diffrn.ambient_environment              ? 
_diffrn.ambient_temp                     100 
_diffrn.ambient_temp_details             ? 
_diffrn.ambient_temp_esd                 ? 
_diffrn.crystal_id                       1 
_diffrn.crystal_support                  ? 
_diffrn.crystal_treatment                ? 
_diffrn.details                          ? 
_diffrn.id                               1 
_diffrn.ambient_pressure                 ? 
_diffrn.ambient_pressure_esd             ? 
_diffrn.ambient_pressure_gt              ? 
_diffrn.ambient_pressure_lt              ? 
_diffrn.ambient_temp_gt                  ? 
_diffrn.ambient_temp_lt                  ? 
_diffrn.pdbx_serial_crystal_experiment   N 
# 
_diffrn_detector.details                      ? 
_diffrn_detector.detector                     PIXEL 
_diffrn_detector.diffrn_id                    1 
_diffrn_detector.type                         'DECTRIS PILATUS 200K' 
_diffrn_detector.area_resol_mean              ? 
_diffrn_detector.dtime                        ? 
_diffrn_detector.pdbx_frames_total            ? 
_diffrn_detector.pdbx_collection_time_total   ? 
_diffrn_detector.pdbx_collection_date         2018-12-19 
_diffrn_detector.pdbx_frequency               ? 
# 
_diffrn_radiation.collimation                      ? 
_diffrn_radiation.diffrn_id                        1 
_diffrn_radiation.filter_edge                      ? 
_diffrn_radiation.inhomogeneity                    ? 
_diffrn_radiation.monochromator                    ? 
_diffrn_radiation.polarisn_norm                    ? 
_diffrn_radiation.polarisn_ratio                   ? 
_diffrn_radiation.probe                            ? 
_diffrn_radiation.type                             ? 
_diffrn_radiation.xray_symbol                      ? 
_diffrn_radiation.wavelength_id                    1 
_diffrn_radiation.pdbx_monochromatic_or_laue_m_l   M 
_diffrn_radiation.pdbx_wavelength_list             ? 
_diffrn_radiation.pdbx_wavelength                  ? 
_diffrn_radiation.pdbx_diffrn_protocol             'SINGLE WAVELENGTH' 
_diffrn_radiation.pdbx_analyzer                    ? 
_diffrn_radiation.pdbx_scattering_type             x-ray 
# 
_diffrn_radiation_wavelength.id           1 
_diffrn_radiation_wavelength.wavelength   1.54178 
_diffrn_radiation_wavelength.wt           1.0 
# 
_diffrn_source.current                     ? 
_diffrn_source.details                     ? 
_diffrn_source.diffrn_id                   1 
_diffrn_source.power                       ? 
_diffrn_source.size                        ? 
_diffrn_source.source                      'ROTATING ANODE' 
_diffrn_source.target                      ? 
_diffrn_source.type                        'RIGAKU MICROMAX-007 HF' 
_diffrn_source.voltage                     ? 
_diffrn_source.take-off_angle              ? 
_diffrn_source.pdbx_wavelength_list        1.54178 
_diffrn_source.pdbx_wavelength             ? 
_diffrn_source.pdbx_synchrotron_beamline   ? 
_diffrn_source.pdbx_synchrotron_site       ? 
# 
_reflns.B_iso_Wilson_estimate            22.8171075555 
_reflns.entry_id                         6NUJ 
_reflns.data_reduction_details           ? 
_reflns.data_reduction_method            ? 
_reflns.d_resolution_high                2.10 
_reflns.d_resolution_low                 24.3744326678 
_reflns.details                          ? 
_reflns.limit_h_max                      ? 
_reflns.limit_h_min                      ? 
_reflns.limit_k_max                      ? 
_reflns.limit_k_min                      ? 
_reflns.limit_l_max                      ? 
_reflns.limit_l_min                      ? 
_reflns.number_all                       ? 
_reflns.number_obs                       12002 
_reflns.observed_criterion               ? 
_reflns.observed_criterion_F_max         ? 
_reflns.observed_criterion_F_min         ? 
_reflns.observed_criterion_I_max         ? 
_reflns.observed_criterion_I_min         ? 
_reflns.observed_criterion_sigma_F       ? 
_reflns.observed_criterion_sigma_I       ? 
_reflns.percent_possible_obs             100 
_reflns.R_free_details                   ? 
_reflns.Rmerge_F_all                     ? 
_reflns.Rmerge_F_obs                     ? 
_reflns.Friedel_coverage                 ? 
_reflns.number_gt                        ? 
_reflns.threshold_expression             ? 
_reflns.pdbx_redundancy                  14.6 
_reflns.pdbx_Rmerge_I_obs                0.05141 
_reflns.pdbx_Rmerge_I_all                ? 
_reflns.pdbx_Rsym_value                  ? 
_reflns.pdbx_netI_over_av_sigmaI         ? 
_reflns.pdbx_netI_over_sigmaI            61.0 
_reflns.pdbx_res_netI_over_av_sigmaI_2   ? 
_reflns.pdbx_res_netI_over_sigmaI_2      ? 
_reflns.pdbx_chi_squared                 ? 
_reflns.pdbx_scaling_rejects             ? 
_reflns.pdbx_d_res_high_opt              ? 
_reflns.pdbx_d_res_low_opt               ? 
_reflns.pdbx_d_res_opt_method            ? 
_reflns.phase_calculation_details        ? 
_reflns.pdbx_Rrim_I_all                  0.046 
_reflns.pdbx_Rpim_I_all                  0.012 
_reflns.pdbx_d_opt                       ? 
_reflns.pdbx_number_measured_all         ? 
_reflns.pdbx_diffrn_id                   1 
_reflns.pdbx_ordinal                     1 
_reflns.pdbx_CC_half                     ? 
_reflns.pdbx_R_split                     ? 
# 
_reflns_shell.d_res_high                  2.1 
_reflns_shell.d_res_low                   2.174 
_reflns_shell.meanI_over_sigI_all         ? 
_reflns_shell.meanI_over_sigI_obs         9.04 
_reflns_shell.number_measured_all         ? 
_reflns_shell.number_measured_obs         ? 
_reflns_shell.number_possible             ? 
_reflns_shell.number_unique_all           ? 
_reflns_shell.number_unique_obs           1194 
_reflns_shell.percent_possible_all        100 
_reflns_shell.percent_possible_obs        ? 
_reflns_shell.Rmerge_F_all                ? 
_reflns_shell.Rmerge_F_obs                ? 
_reflns_shell.Rmerge_I_all                ? 
_reflns_shell.Rmerge_I_obs                0.2756 
_reflns_shell.meanI_over_sigI_gt          ? 
_reflns_shell.meanI_over_uI_all           ? 
_reflns_shell.meanI_over_uI_gt            ? 
_reflns_shell.number_measured_gt          ? 
_reflns_shell.number_unique_gt            ? 
_reflns_shell.percent_possible_gt         ? 
_reflns_shell.Rmerge_F_gt                 ? 
_reflns_shell.Rmerge_I_gt                 ? 
_reflns_shell.pdbx_redundancy             ? 
_reflns_shell.pdbx_Rsym_value             ? 
_reflns_shell.pdbx_chi_squared            ? 
_reflns_shell.pdbx_netI_over_sigmaI_all   ? 
_reflns_shell.pdbx_netI_over_sigmaI_obs   ? 
_reflns_shell.pdbx_Rrim_I_all             0.2873 
_reflns_shell.pdbx_Rpim_I_all             ? 
_reflns_shell.pdbx_rejects                ? 
_reflns_shell.pdbx_ordinal                1 
_reflns_shell.pdbx_diffrn_id              1 
_reflns_shell.pdbx_CC_half                ? 
_reflns_shell.pdbx_R_split                ? 
# 
_refine.aniso_B[1][1]                            ? 
_refine.aniso_B[1][2]                            ? 
_refine.aniso_B[1][3]                            ? 
_refine.aniso_B[2][2]                            ? 
_refine.aniso_B[2][3]                            ? 
_refine.aniso_B[3][3]                            ? 
_refine.B_iso_max                                ? 
_refine.B_iso_mean                               29.1102107381 
_refine.B_iso_min                                ? 
_refine.correlation_coeff_Fo_to_Fc               ? 
_refine.correlation_coeff_Fo_to_Fc_free          ? 
_refine.details                                  ? 
_refine.diff_density_max                         ? 
_refine.diff_density_max_esd                     ? 
_refine.diff_density_min                         ? 
_refine.diff_density_min_esd                     ? 
_refine.diff_density_rms                         ? 
_refine.diff_density_rms_esd                     ? 
_refine.entry_id                                 6NUJ 
_refine.pdbx_refine_id                           'X-RAY DIFFRACTION' 
_refine.ls_abs_structure_details                 ? 
_refine.ls_abs_structure_Flack                   ? 
_refine.ls_abs_structure_Flack_esd               ? 
_refine.ls_abs_structure_Rogers                  ? 
_refine.ls_abs_structure_Rogers_esd              ? 
_refine.ls_d_res_high                            2.10002700303 
_refine.ls_d_res_low                             24.3744326678 
_refine.ls_extinction_coef                       ? 
_refine.ls_extinction_coef_esd                   ? 
_refine.ls_extinction_expression                 ? 
_refine.ls_extinction_method                     ? 
_refine.ls_goodness_of_fit_all                   ? 
_refine.ls_goodness_of_fit_all_esd               ? 
_refine.ls_goodness_of_fit_obs                   ? 
_refine.ls_goodness_of_fit_obs_esd               ? 
_refine.ls_hydrogen_treatment                    ? 
_refine.ls_matrix_type                           ? 
_refine.ls_number_constraints                    ? 
_refine.ls_number_parameters                     ? 
_refine.ls_number_reflns_all                     ? 
_refine.ls_number_reflns_obs                     11892 
_refine.ls_number_reflns_R_free                  2155 
_refine.ls_number_reflns_R_work                  ? 
_refine.ls_number_restraints                     ? 
_refine.ls_percent_reflns_obs                    95.5225205236 
_refine.ls_percent_reflns_R_free                 10.0111493078 
_refine.ls_R_factor_all                          ? 
_refine.ls_R_factor_obs                          0.22167265269 
_refine.ls_R_factor_R_free                       0.244316687162 
_refine.ls_R_factor_R_free_error                 ? 
_refine.ls_R_factor_R_free_error_details         ? 
_refine.ls_R_factor_R_work                       0.219033887173 
_refine.ls_R_Fsqd_factor_obs                     ? 
_refine.ls_R_I_factor_obs                        ? 
_refine.ls_redundancy_reflns_all                 ? 
_refine.ls_redundancy_reflns_obs                 ? 
_refine.ls_restrained_S_all                      ? 
_refine.ls_restrained_S_obs                      ? 
_refine.ls_shift_over_esd_max                    ? 
_refine.ls_shift_over_esd_mean                   ? 
_refine.ls_structure_factor_coef                 ? 
_refine.ls_weighting_details                     ? 
_refine.ls_weighting_scheme                      ? 
_refine.ls_wR_factor_all                         ? 
_refine.ls_wR_factor_obs                         ? 
_refine.ls_wR_factor_R_free                      ? 
_refine.ls_wR_factor_R_work                      ? 
_refine.occupancy_max                            ? 
_refine.occupancy_min                            ? 
_refine.solvent_model_details                    ? 
_refine.solvent_model_param_bsol                 ? 
_refine.solvent_model_param_ksol                 ? 
_refine.ls_R_factor_gt                           ? 
_refine.ls_goodness_of_fit_gt                    ? 
_refine.ls_goodness_of_fit_ref                   ? 
_refine.ls_shift_over_su_max                     ? 
_refine.ls_shift_over_su_max_lt                  ? 
_refine.ls_shift_over_su_mean                    ? 
_refine.ls_shift_over_su_mean_lt                 ? 
_refine.pdbx_ls_sigma_I                          ? 
_refine.pdbx_ls_sigma_F                          1.33516230696 
_refine.pdbx_ls_sigma_Fsqd                       ? 
_refine.pdbx_data_cutoff_high_absF               ? 
_refine.pdbx_data_cutoff_high_rms_absF           ? 
_refine.pdbx_data_cutoff_low_absF                ? 
_refine.pdbx_isotropic_thermal_model             ? 
_refine.pdbx_ls_cross_valid_method               'FREE R-VALUE' 
_refine.pdbx_method_to_determine_struct          'MOLECULAR REPLACEMENT' 
_refine.pdbx_starting_model                      'PDB entry 6EB2' 
_refine.pdbx_stereochemistry_target_values       ? 
_refine.pdbx_R_Free_selection_details            ? 
_refine.pdbx_stereochem_target_val_spec_case     ? 
_refine.pdbx_overall_ESU_R                       ? 
_refine.pdbx_overall_ESU_R_Free                  ? 
_refine.pdbx_solvent_vdw_probe_radii             1.11 
_refine.pdbx_solvent_ion_probe_radii             ? 
_refine.pdbx_solvent_shrinkage_radii             0.9 
_refine.pdbx_real_space_R                        ? 
_refine.pdbx_density_correlation                 ? 
_refine.pdbx_pd_number_of_powder_patterns        ? 
_refine.pdbx_pd_number_of_points                 ? 
_refine.pdbx_pd_meas_number_of_points            ? 
_refine.pdbx_pd_proc_ls_prof_R_factor            ? 
_refine.pdbx_pd_proc_ls_prof_wR_factor           ? 
_refine.pdbx_pd_Marquardt_correlation_coeff      ? 
_refine.pdbx_pd_Fsqrd_R_factor                   ? 
_refine.pdbx_pd_ls_matrix_band_width             ? 
_refine.pdbx_overall_phase_error                 25.2615857674 
_refine.pdbx_overall_SU_R_free_Cruickshank_DPI   ? 
_refine.pdbx_overall_SU_R_free_Blow_DPI          ? 
_refine.pdbx_overall_SU_R_Blow_DPI               ? 
_refine.pdbx_TLS_residual_ADP_flag               ? 
_refine.pdbx_diffrn_id                           1 
_refine.overall_SU_B                             ? 
_refine.overall_SU_ML                            0.202846438107 
_refine.overall_SU_R_Cruickshank_DPI             ? 
_refine.overall_SU_R_free                        ? 
_refine.overall_FOM_free_R_set                   ? 
_refine.overall_FOM_work_R_set                   ? 
_refine.pdbx_average_fsc_overall                 ? 
_refine.pdbx_average_fsc_work                    ? 
_refine.pdbx_average_fsc_free                    ? 
# 
_refine_hist.pdbx_refine_id                   'X-RAY DIFFRACTION' 
_refine_hist.cycle_id                         LAST 
_refine_hist.pdbx_number_atoms_protein        1030 
_refine_hist.pdbx_number_atoms_nucleic_acid   0 
_refine_hist.pdbx_number_atoms_ligand         33 
_refine_hist.number_atoms_solvent             53 
_refine_hist.number_atoms_total               1116 
_refine_hist.d_res_high                       2.10002700303 
_refine_hist.d_res_low                        24.3744326678 
# 
loop_
_refine_ls_restr.pdbx_refine_id 
_refine_ls_restr.criterion 
_refine_ls_restr.dev_ideal 
_refine_ls_restr.dev_ideal_target 
_refine_ls_restr.number 
_refine_ls_restr.rejects 
_refine_ls_restr.type 
_refine_ls_restr.weight 
_refine_ls_restr.pdbx_restraint_function 
'X-RAY DIFFRACTION' ? 0.0020598760261  ? 1087 ? f_bond_d           ? ? 
'X-RAY DIFFRACTION' ? 0.665472641247   ? 1481 ? f_angle_d          ? ? 
'X-RAY DIFFRACTION' ? 0.0453051053364  ? 165  ? f_chiral_restr     ? ? 
'X-RAY DIFFRACTION' ? 0.00270709876921 ? 177  ? f_plane_restr      ? ? 
'X-RAY DIFFRACTION' ? 15.8311175221    ? 613  ? f_dihedral_angle_d ? ? 
# 
loop_
_refine_ls_shell.pdbx_refine_id 
_refine_ls_shell.d_res_high 
_refine_ls_shell.d_res_low 
_refine_ls_shell.number_reflns_all 
_refine_ls_shell.number_reflns_obs 
_refine_ls_shell.number_reflns_R_free 
_refine_ls_shell.number_reflns_R_work 
_refine_ls_shell.percent_reflns_obs 
_refine_ls_shell.percent_reflns_R_free 
_refine_ls_shell.R_factor_all 
_refine_ls_shell.R_factor_obs 
_refine_ls_shell.R_factor_R_free 
_refine_ls_shell.R_factor_R_free_error 
_refine_ls_shell.R_factor_R_work 
_refine_ls_shell.redundancy_reflns_all 
_refine_ls_shell.redundancy_reflns_obs 
_refine_ls_shell.wR_factor_all 
_refine_ls_shell.wR_factor_obs 
_refine_ls_shell.wR_factor_R_free 
_refine_ls_shell.wR_factor_R_work 
_refine_ls_shell.pdbx_total_number_of_bins_used 
_refine_ls_shell.pdbx_phase_error 
_refine_ls_shell.pdbx_fsc_work 
_refine_ls_shell.pdbx_fsc_free 
'X-RAY DIFFRACTION' 2.1    2.1488  . . 115 1013 73.3420026008 . . . 0.271702461012 . 0.24689121719  . . . . . . . . . . 
'X-RAY DIFFRACTION' 2.1488 2.2026  . . 131 1148 85.0964737192 . . . 0.25092249689  . 0.231243875287 . . . . . . . . . . 
'X-RAY DIFFRACTION' 2.2026 2.2621  . . 146 1258 93.8502673797 . . . 0.312321311852 . 0.243541042498 . . . . . . . . . . 
'X-RAY DIFFRACTION' 2.2621 2.3286  . . 156 1349 99.0783410138 . . . 0.276816533689 . 0.242815971622 . . . . . . . . . . 
'X-RAY DIFFRACTION' 2.3286 2.4037  . . 155 1304 98.9823609227 . . . 0.28497624992  . 0.247687896487 . . . . . . . . . . 
'X-RAY DIFFRACTION' 2.4037 2.4895  . . 144 1339 97.5657894737 . . . 0.232955643763 . 0.239490699454 . . . . . . . . . . 
'X-RAY DIFFRACTION' 2.4895 2.5891  . . 153 1285 97.6238968092 . . . 0.43178686225  . 0.242241079598 . . . . . . . . . . 
'X-RAY DIFFRACTION' 2.5891 2.7068  . . 135 1312 97.4410774411 . . . 0.288478417781 . 0.266810594695 . . . . . . . . . . 
'X-RAY DIFFRACTION' 2.7068 2.8493  . . 144 1345 97.896120973  . . . 0.272044919    . 0.244536938601 . . . . . . . . . . 
'X-RAY DIFFRACTION' 2.8493 3.0275  . . 143 1302 97.1755211836 . . . 0.261273792047 . 0.23456055504  . . . . . . . . . . 
'X-RAY DIFFRACTION' 3.0275 3.2607  . . 148 1345 98.3530961792 . . . 0.23629576748  . 0.227626126609 . . . . . . . . . . 
'X-RAY DIFFRACTION' 3.2607 3.5879  . . 145 1333 98.9290495315 . . . 0.273925764504 . 0.206458906998 . . . . . . . . . . 
'X-RAY DIFFRACTION' 3.5879 4.105   . . 146 1340 99.397993311  . . . 0.192630558895 . 0.191615384824 . . . . . . . . . . 
'X-RAY DIFFRACTION' 4.105  5.1637  . . 146 1357 99.0118577075 . . . 0.156573743806 . 0.179497026392 . . . . . . . . . . 
'X-RAY DIFFRACTION' 5.1637 24.3761 . . 148 1341 99.932885906  . . . 0.237431836045 . 0.208345447405 . . . . . . . . . . 
# 
_struct.entry_id                     6NUJ 
_struct.title                        'HIV-1 Integrase Catalytic Core Domain Complexed with Allosteric Inhibitor BI-224436' 
_struct.pdbx_model_details           ? 
_struct.pdbx_formula_weight          ? 
_struct.pdbx_formula_weight_method   ? 
_struct.pdbx_model_type_details      ? 
_struct.pdbx_CASP_flag               N 
# 
_struct_keywords.entry_id        6NUJ 
_struct_keywords.text            'HIV, Integrase, inhibitor, allosteric, TRANSFERASE-TRANSFERASE INHIBITOR complex' 
_struct_keywords.pdbx_keywords   'TRANSFERASE/TRANSFERASE INHIBITOR' 
# 
loop_
_struct_asym.id 
_struct_asym.pdbx_blank_PDB_chainid_flag 
_struct_asym.pdbx_modified 
_struct_asym.entity_id 
_struct_asym.details 
A N N 1 ? 
B N N 2 ? 
C N N 3 ? 
# 
_struct_ref.id                         1 
_struct_ref.db_name                    UNP 
_struct_ref.db_code                    F2WR52_9HIV1 
_struct_ref.pdbx_db_accession          F2WR52 
_struct_ref.pdbx_db_isoform            ? 
_struct_ref.entity_id                  1 
_struct_ref.pdbx_seq_one_letter_code   
;MHGQVDCSPGIWQLDCTHLEGKVILVAVHVASGYIEAEVIPAETGQETAYFLLKLAGRWPVKTVHTDNGSNFTSTTVKAA
CWWAGIKQEFGIPYNPQSQGVIESMNKELKKIIGQVRDQAEHLKTAVQMAVFIHNFKRKGGIGGYSAGERIVDIIATDIQ
TKE
;
_struct_ref.pdbx_align_begin           50 
# 
_struct_ref_seq.align_id                      1 
_struct_ref_seq.ref_id                        1 
_struct_ref_seq.pdbx_PDB_id_code              6NUJ 
_struct_ref_seq.pdbx_strand_id                A 
_struct_ref_seq.seq_align_beg                 4 
_struct_ref_seq.pdbx_seq_align_beg_ins_code   ? 
_struct_ref_seq.seq_align_end                 166 
_struct_ref_seq.pdbx_seq_align_end_ins_code   ? 
_struct_ref_seq.pdbx_db_accession             F2WR52 
_struct_ref_seq.db_align_beg                  50 
_struct_ref_seq.pdbx_db_align_beg_ins_code    ? 
_struct_ref_seq.db_align_end                  212 
_struct_ref_seq.pdbx_db_align_end_ins_code    ? 
_struct_ref_seq.pdbx_auth_seq_align_beg       50 
_struct_ref_seq.pdbx_auth_seq_align_end       212 
# 
loop_
_struct_ref_seq_dif.align_id 
_struct_ref_seq_dif.pdbx_pdb_id_code 
_struct_ref_seq_dif.mon_id 
_struct_ref_seq_dif.pdbx_pdb_strand_id 
_struct_ref_seq_dif.seq_num 
_struct_ref_seq_dif.pdbx_pdb_ins_code 
_struct_ref_seq_dif.pdbx_seq_db_name 
_struct_ref_seq_dif.pdbx_seq_db_accession_code 
_struct_ref_seq_dif.db_mon_id 
_struct_ref_seq_dif.pdbx_seq_db_seq_num 
_struct_ref_seq_dif.details 
_struct_ref_seq_dif.pdbx_auth_seq_num 
_struct_ref_seq_dif.pdbx_ordinal 
1 6NUJ GLY A 1   ? UNP F2WR52 ?   ?   'expression tag'      47  1 
1 6NUJ SER A 2   ? UNP F2WR52 ?   ?   'expression tag'      48  2 
1 6NUJ HIS A 3   ? UNP F2WR52 ?   ?   'expression tag'      49  3 
1 6NUJ HIS A 139 ? UNP F2WR52 PHE 185 'engineered mutation' 185 4 
# 
_pdbx_struct_assembly.id                   1 
_pdbx_struct_assembly.details              author_and_software_defined_assembly 
_pdbx_struct_assembly.method_details       PISA 
_pdbx_struct_assembly.oligomeric_details   dimeric 
_pdbx_struct_assembly.oligomeric_count     2 
# 
loop_
_pdbx_struct_assembly_prop.biol_id 
_pdbx_struct_assembly_prop.type 
_pdbx_struct_assembly_prop.value 
_pdbx_struct_assembly_prop.details 
1 'ABSA (A^2)' 3500  ? 
1 MORE         -21   ? 
1 'SSA (A^2)'  11700 ? 
# 
_pdbx_struct_assembly_gen.assembly_id       1 
_pdbx_struct_assembly_gen.oper_expression   1,2 
_pdbx_struct_assembly_gen.asym_id_list      A,B,C 
# 
_pdbx_struct_assembly_auth_evidence.id                     1 
_pdbx_struct_assembly_auth_evidence.assembly_id            1 
_pdbx_struct_assembly_auth_evidence.experimental_support   'gel filtration' 
_pdbx_struct_assembly_auth_evidence.details                'Molecule forms a dimer in solution' 
# 
loop_
_pdbx_struct_oper_list.id 
_pdbx_struct_oper_list.type 
_pdbx_struct_oper_list.name 
_pdbx_struct_oper_list.symmetry_operation 
_pdbx_struct_oper_list.matrix[1][1] 
_pdbx_struct_oper_list.matrix[1][2] 
_pdbx_struct_oper_list.matrix[1][3] 
_pdbx_struct_oper_list.vector[1] 
_pdbx_struct_oper_list.matrix[2][1] 
_pdbx_struct_oper_list.matrix[2][2] 
_pdbx_struct_oper_list.matrix[2][3] 
_pdbx_struct_oper_list.vector[2] 
_pdbx_struct_oper_list.matrix[3][1] 
_pdbx_struct_oper_list.matrix[3][2] 
_pdbx_struct_oper_list.matrix[3][3] 
_pdbx_struct_oper_list.vector[3] 
1 'identity operation'         1_555 x,y,z          1.0000000000  0.0000000000  0.0000000000 0.0000000000   0.0000000000  1.0000000000 0.0000000000  0.0000000000  0.0000000000 0.0000000000  1.0000000000  0.0000000000 
2 'crystal symmetry operation' 6_554 -x,-x+y,-z-2/3 -0.8508542837 -0.4801210105 0.2133794818 -17.8183366988 -0.4801210105 0.5455769726 -0.6868985240 -4.6353185566 0.2133794818 -0.6868985240 -0.6947226889 2.0246312225 
# 
loop_
_struct_conf.conf_type_id 
_struct_conf.id 
_struct_conf.pdbx_PDB_helix_id 
_struct_conf.beg_label_comp_id 
_struct_conf.beg_label_asym_id 
_struct_conf.beg_label_seq_id 
_struct_conf.pdbx_beg_PDB_ins_code 
_struct_conf.end_label_comp_id 
_struct_conf.end_label_asym_id 
_struct_conf.end_label_seq_id 
_struct_conf.pdbx_end_PDB_ins_code 
_struct_conf.beg_auth_comp_id 
_struct_conf.beg_auth_asym_id 
_struct_conf.beg_auth_seq_id 
_struct_conf.end_auth_comp_id 
_struct_conf.end_auth_asym_id 
_struct_conf.end_auth_seq_id 
_struct_conf.pdbx_PDB_helix_class 
_struct_conf.details 
_struct_conf.pdbx_PDB_helix_length 
HELX_P HELX_P1 AA1 THR A 47  ? TRP A 62  ? THR A 93  TRP A 108 1 ? 16 
HELX_P HELX_P2 AA2 ASN A 71  ? THR A 76  ? ASN A 117 THR A 122 5 ? 6  
HELX_P HELX_P3 AA3 SER A 77  ? GLY A 88  ? SER A 123 GLY A 134 1 ? 12 
HELX_P HELX_P4 AA4 MET A 108 ? ARG A 120 ? MET A 154 ARG A 166 1 ? 13 
HELX_P HELX_P5 AA5 ASP A 121 ? ALA A 123 ? ASP A 167 ALA A 169 5 ? 3  
HELX_P HELX_P6 AA6 HIS A 125 ? LYS A 140 ? HIS A 171 LYS A 186 1 ? 16 
HELX_P HELX_P7 AA7 SER A 149 ? ILE A 162 ? SER A 195 ILE A 208 1 ? 14 
# 
_struct_conf_type.id          HELX_P 
_struct_conf_type.criteria    ? 
_struct_conf_type.reference   ? 
# 
loop_
_struct_conn.id 
_struct_conn.conn_type_id 
_struct_conn.pdbx_leaving_atom_flag 
_struct_conn.pdbx_PDB_id 
_struct_conn.ptnr1_label_asym_id 
_struct_conn.ptnr1_label_comp_id 
_struct_conn.ptnr1_label_seq_id 
_struct_conn.ptnr1_label_atom_id 
_struct_conn.pdbx_ptnr1_label_alt_id 
_struct_conn.pdbx_ptnr1_PDB_ins_code 
_struct_conn.pdbx_ptnr1_standard_comp_id 
_struct_conn.ptnr1_symmetry 
_struct_conn.ptnr2_label_asym_id 
_struct_conn.ptnr2_label_comp_id 
_struct_conn.ptnr2_label_seq_id 
_struct_conn.ptnr2_label_atom_id 
_struct_conn.pdbx_ptnr2_label_alt_id 
_struct_conn.pdbx_ptnr2_PDB_ins_code 
_struct_conn.ptnr1_auth_asym_id 
_struct_conn.ptnr1_auth_comp_id 
_struct_conn.ptnr1_auth_seq_id 
_struct_conn.ptnr2_auth_asym_id 
_struct_conn.ptnr2_auth_comp_id 
_struct_conn.ptnr2_auth_seq_id 
_struct_conn.ptnr2_symmetry 
_struct_conn.pdbx_ptnr3_label_atom_id 
_struct_conn.pdbx_ptnr3_label_seq_id 
_struct_conn.pdbx_ptnr3_label_comp_id 
_struct_conn.pdbx_ptnr3_label_asym_id 
_struct_conn.pdbx_ptnr3_label_alt_id 
_struct_conn.pdbx_ptnr3_PDB_ins_code 
_struct_conn.details 
_struct_conn.pdbx_dist_value 
_struct_conn.pdbx_value_order 
_struct_conn.pdbx_role 
covale1 covale both ? A ASP 18 C ? ? ? 1_555 A CAF 19 N ? ? A ASP 64  A CAF 65  1_555 ? ? ? ? ? ? ? 1.328 ? ? 
covale2 covale both ? A CAF 19 C ? ? ? 1_555 A THR 20 N ? ? A CAF 65  A THR 66  1_555 ? ? ? ? ? ? ? 1.326 ? ? 
covale3 covale both ? A ALA 83 C ? ? ? 1_555 A CAF 84 N ? ? A ALA 129 A CAF 130 1_555 ? ? ? ? ? ? ? 1.326 ? ? 
covale4 covale both ? A CAF 84 C ? ? ? 1_555 A TRP 85 N ? ? A CAF 130 A TRP 131 1_555 ? ? ? ? ? ? ? 1.328 ? ? 
# 
_struct_conn_type.id          covale 
_struct_conn_type.criteria    ? 
_struct_conn_type.reference   ? 
# 
loop_
_pdbx_modification_feature.ordinal 
_pdbx_modification_feature.label_comp_id 
_pdbx_modification_feature.label_asym_id 
_pdbx_modification_feature.label_seq_id 
_pdbx_modification_feature.label_alt_id 
_pdbx_modification_feature.modified_residue_label_comp_id 
_pdbx_modification_feature.modified_residue_label_asym_id 
_pdbx_modification_feature.modified_residue_label_seq_id 
_pdbx_modification_feature.modified_residue_label_alt_id 
_pdbx_modification_feature.auth_comp_id 
_pdbx_modification_feature.auth_asym_id 
_pdbx_modification_feature.auth_seq_id 
_pdbx_modification_feature.PDB_ins_code 
_pdbx_modification_feature.symmetry 
_pdbx_modification_feature.modified_residue_auth_comp_id 
_pdbx_modification_feature.modified_residue_auth_asym_id 
_pdbx_modification_feature.modified_residue_auth_seq_id 
_pdbx_modification_feature.modified_residue_PDB_ins_code 
_pdbx_modification_feature.modified_residue_symmetry 
_pdbx_modification_feature.comp_id_linking_atom 
_pdbx_modification_feature.modified_residue_id_linking_atom 
_pdbx_modification_feature.modified_residue_id 
_pdbx_modification_feature.ref_pcm_id 
_pdbx_modification_feature.ref_comp_id 
_pdbx_modification_feature.type 
_pdbx_modification_feature.category 
1 CAF A 19 ? . . . . CAF A 65  ? 1_555 . . . . . . . CYS 1 CAF None 'Non-standard residue' 
2 CAF A 84 ? . . . . CAF A 130 ? 1_555 . . . . . . . CYS 1 CAF None 'Non-standard residue' 
# 
_struct_sheet.id               AA1 
_struct_sheet.type             ? 
_struct_sheet.number_strands   4 
_struct_sheet.details          ? 
# 
loop_
_struct_sheet_order.sheet_id 
_struct_sheet_order.range_id_1 
_struct_sheet_order.range_id_2 
_struct_sheet_order.offset 
_struct_sheet_order.sense 
AA1 1 2 ? anti-parallel 
AA1 2 3 ? anti-parallel 
AA1 3 4 ? parallel      
# 
loop_
_struct_sheet_range.sheet_id 
_struct_sheet_range.id 
_struct_sheet_range.beg_label_comp_id 
_struct_sheet_range.beg_label_asym_id 
_struct_sheet_range.beg_label_seq_id 
_struct_sheet_range.pdbx_beg_PDB_ins_code 
_struct_sheet_range.end_label_comp_id 
_struct_sheet_range.end_label_asym_id 
_struct_sheet_range.end_label_seq_id 
_struct_sheet_range.pdbx_end_PDB_ins_code 
_struct_sheet_range.beg_auth_comp_id 
_struct_sheet_range.beg_auth_asym_id 
_struct_sheet_range.beg_auth_seq_id 
_struct_sheet_range.end_auth_comp_id 
_struct_sheet_range.end_auth_asym_id 
_struct_sheet_range.end_auth_seq_id 
AA1 1 ILE A 38 ? ILE A 43 ? ILE A 84  ILE A 89  
AA1 2 LYS A 25 ? HIS A 32 ? LYS A 71  HIS A 78  
AA1 3 ILE A 14 ? LEU A 22 ? ILE A 60  LEU A 68  
AA1 4 THR A 66 ? HIS A 68 ? THR A 112 HIS A 114 
# 
loop_
_pdbx_struct_sheet_hbond.sheet_id 
_pdbx_struct_sheet_hbond.range_id_1 
_pdbx_struct_sheet_hbond.range_id_2 
_pdbx_struct_sheet_hbond.range_1_label_atom_id 
_pdbx_struct_sheet_hbond.range_1_label_comp_id 
_pdbx_struct_sheet_hbond.range_1_label_asym_id 
_pdbx_struct_sheet_hbond.range_1_label_seq_id 
_pdbx_struct_sheet_hbond.range_1_PDB_ins_code 
_pdbx_struct_sheet_hbond.range_1_auth_atom_id 
_pdbx_struct_sheet_hbond.range_1_auth_comp_id 
_pdbx_struct_sheet_hbond.range_1_auth_asym_id 
_pdbx_struct_sheet_hbond.range_1_auth_seq_id 
_pdbx_struct_sheet_hbond.range_2_label_atom_id 
_pdbx_struct_sheet_hbond.range_2_label_comp_id 
_pdbx_struct_sheet_hbond.range_2_label_asym_id 
_pdbx_struct_sheet_hbond.range_2_label_seq_id 
_pdbx_struct_sheet_hbond.range_2_PDB_ins_code 
_pdbx_struct_sheet_hbond.range_2_auth_atom_id 
_pdbx_struct_sheet_hbond.range_2_auth_comp_id 
_pdbx_struct_sheet_hbond.range_2_auth_asym_id 
_pdbx_struct_sheet_hbond.range_2_auth_seq_id 
AA1 1 2 O GLU A 39 ? O GLU A 85 N ALA A 30 ? N ALA A 76  
AA1 2 3 O VAL A 29 ? O VAL A 75 N ASP A 18 ? N ASP A 64  
AA1 3 4 N TRP A 15 ? N TRP A 61 O HIS A 68 ? O HIS A 114 
# 
_struct_site.id                   AC1 
_struct_site.pdbx_evidence_code   Software 
_struct_site.pdbx_auth_asym_id    A 
_struct_site.pdbx_auth_comp_id    L3D 
_struct_site.pdbx_auth_seq_id     300 
_struct_site.pdbx_auth_ins_code   ? 
_struct_site.pdbx_num_residues    11 
_struct_site.details              'binding site for residue L3D A 300' 
# 
loop_
_struct_site_gen.id 
_struct_site_gen.site_id 
_struct_site_gen.pdbx_num_res 
_struct_site_gen.label_comp_id 
_struct_site_gen.label_asym_id 
_struct_site_gen.label_seq_id 
_struct_site_gen.pdbx_auth_ins_code 
_struct_site_gen.auth_comp_id 
_struct_site_gen.auth_asym_id 
_struct_site_gen.auth_seq_id 
_struct_site_gen.label_atom_id 
_struct_site_gen.label_alt_id 
_struct_site_gen.symmetry 
_struct_site_gen.details 
1  AC1 11 LEU A 56  ? LEU A 102 . ? 6_554 ? 
2  AC1 11 ALA A 82  ? ALA A 128 . ? 6_554 ? 
3  AC1 11 ALA A 83  ? ALA A 129 . ? 6_554 ? 
4  AC1 11 TRP A 86  ? TRP A 132 . ? 6_554 ? 
5  AC1 11 GLN A 122 ? GLN A 168 . ? 1_555 ? 
6  AC1 11 GLU A 124 ? GLU A 170 . ? 1_555 ? 
7  AC1 11 HIS A 125 ? HIS A 171 . ? 1_555 ? 
8  AC1 11 THR A 128 ? THR A 174 . ? 1_555 ? 
9  AC1 11 MET A 132 ? MET A 178 . ? 1_555 ? 
10 AC1 11 HOH C .   ? HOH A 430 . ? 1_555 ? 
11 AC1 11 HOH C .   ? HOH A 438 . ? 1_555 ? 
# 
_pdbx_entry_details.entry_id                   6NUJ 
_pdbx_entry_details.compound_details           ? 
_pdbx_entry_details.source_details             ? 
_pdbx_entry_details.nonpolymer_details         ? 
_pdbx_entry_details.sequence_details           ? 
_pdbx_entry_details.has_ligand_of_interest     ? 
_pdbx_entry_details.has_protein_modification   Y 
# 
loop_
_pdbx_struct_mod_residue.id 
_pdbx_struct_mod_residue.label_asym_id 
_pdbx_struct_mod_residue.label_comp_id 
_pdbx_struct_mod_residue.label_seq_id 
_pdbx_struct_mod_residue.auth_asym_id 
_pdbx_struct_mod_residue.auth_comp_id 
_pdbx_struct_mod_residue.auth_seq_id 
_pdbx_struct_mod_residue.PDB_ins_code 
_pdbx_struct_mod_residue.parent_comp_id 
_pdbx_struct_mod_residue.details 
1 A CAF 19 A CAF 65  ? CYS 'modified residue' 
2 A CAF 84 A CAF 130 ? CYS 'modified residue' 
# 
loop_
_space_group_symop.id 
_space_group_symop.operation_xyz 
1 x,y,z          
2 -y,x-y,z+1/3   
3 -x+y,-x,z+2/3  
4 x-y,-y,-z+2/3  
5 -x,-x+y,-z+1/3 
6 y,x,-z         
# 
loop_
_pdbx_unobs_or_zero_occ_residues.id 
_pdbx_unobs_or_zero_occ_residues.PDB_model_num 
_pdbx_unobs_or_zero_occ_residues.polymer_flag 
_pdbx_unobs_or_zero_occ_residues.occupancy_flag 
_pdbx_unobs_or_zero_occ_residues.auth_asym_id 
_pdbx_unobs_or_zero_occ_residues.auth_comp_id 
_pdbx_unobs_or_zero_occ_residues.auth_seq_id 
_pdbx_unobs_or_zero_occ_residues.PDB_ins_code 
_pdbx_unobs_or_zero_occ_residues.label_asym_id 
_pdbx_unobs_or_zero_occ_residues.label_comp_id 
_pdbx_unobs_or_zero_occ_residues.label_seq_id 
1  1 Y 1 A GLY 47  ? A GLY 1   
2  1 Y 1 A SER 48  ? A SER 2   
3  1 Y 1 A HIS 49  ? A HIS 3   
4  1 Y 1 A MET 50  ? A MET 4   
5  1 Y 1 A HIS 51  ? A HIS 5   
6  1 Y 1 A GLY 52  ? A GLY 6   
7  1 Y 1 A GLN 53  ? A GLN 7   
8  1 Y 1 A VAL 54  ? A VAL 8   
9  1 Y 1 A ASP 55  ? A ASP 9   
10 1 Y 1 A CYS 56  ? A CYS 10  
11 1 Y 1 A GLU 138 ? A GLU 92  
12 1 Y 1 A PHE 139 ? A PHE 93  
13 1 Y 1 A GLY 140 ? A GLY 94  
14 1 Y 1 A ILE 141 ? A ILE 95  
15 1 Y 1 A PRO 142 ? A PRO 96  
16 1 Y 1 A TYR 143 ? A TYR 97  
17 1 Y 1 A ASN 144 ? A ASN 98  
18 1 Y 1 A PRO 145 ? A PRO 99  
19 1 Y 1 A GLN 146 ? A GLN 100 
20 1 Y 1 A SER 147 ? A SER 101 
21 1 Y 1 A GLN 148 ? A GLN 102 
22 1 Y 1 A GLY 149 ? A GLY 103 
23 1 Y 1 A VAL 150 ? A VAL 104 
24 1 Y 1 A ILE 151 ? A ILE 105 
25 1 Y 1 A GLU 152 ? A GLU 106 
26 1 Y 1 A LYS 188 ? A LYS 142 
27 1 Y 1 A GLY 189 ? A GLY 143 
28 1 Y 1 A GLY 190 ? A GLY 144 
29 1 Y 1 A ILE 191 ? A ILE 145 
30 1 Y 1 A GLY 192 ? A GLY 146 
31 1 Y 1 A GLY 193 ? A GLY 147 
32 1 Y 1 A GLN 209 ? A GLN 163 
33 1 Y 1 A THR 210 ? A THR 164 
34 1 Y 1 A LYS 211 ? A LYS 165 
35 1 Y 1 A GLU 212 ? A GLU 166 
# 
loop_
_chem_comp_atom.comp_id 
_chem_comp_atom.atom_id 
_chem_comp_atom.type_symbol 
_chem_comp_atom.pdbx_aromatic_flag 
_chem_comp_atom.pdbx_stereo_config 
_chem_comp_atom.pdbx_ordinal 
ALA N    N  N N 1   
ALA CA   C  N S 2   
ALA C    C  N N 3   
ALA O    O  N N 4   
ALA CB   C  N N 5   
ALA OXT  O  N N 6   
ALA H    H  N N 7   
ALA H2   H  N N 8   
ALA HA   H  N N 9   
ALA HB1  H  N N 10  
ALA HB2  H  N N 11  
ALA HB3  H  N N 12  
ALA HXT  H  N N 13  
ARG N    N  N N 14  
ARG CA   C  N S 15  
ARG C    C  N N 16  
ARG O    O  N N 17  
ARG CB   C  N N 18  
ARG CG   C  N N 19  
ARG CD   C  N N 20  
ARG NE   N  N N 21  
ARG CZ   C  N N 22  
ARG NH1  N  N N 23  
ARG NH2  N  N N 24  
ARG OXT  O  N N 25  
ARG H    H  N N 26  
ARG H2   H  N N 27  
ARG HA   H  N N 28  
ARG HB2  H  N N 29  
ARG HB3  H  N N 30  
ARG HG2  H  N N 31  
ARG HG3  H  N N 32  
ARG HD2  H  N N 33  
ARG HD3  H  N N 34  
ARG HE   H  N N 35  
ARG HH11 H  N N 36  
ARG HH12 H  N N 37  
ARG HH21 H  N N 38  
ARG HH22 H  N N 39  
ARG HXT  H  N N 40  
ASN N    N  N N 41  
ASN CA   C  N S 42  
ASN C    C  N N 43  
ASN O    O  N N 44  
ASN CB   C  N N 45  
ASN CG   C  N N 46  
ASN OD1  O  N N 47  
ASN ND2  N  N N 48  
ASN OXT  O  N N 49  
ASN H    H  N N 50  
ASN H2   H  N N 51  
ASN HA   H  N N 52  
ASN HB2  H  N N 53  
ASN HB3  H  N N 54  
ASN HD21 H  N N 55  
ASN HD22 H  N N 56  
ASN HXT  H  N N 57  
ASP N    N  N N 58  
ASP CA   C  N S 59  
ASP C    C  N N 60  
ASP O    O  N N 61  
ASP CB   C  N N 62  
ASP CG   C  N N 63  
ASP OD1  O  N N 64  
ASP OD2  O  N N 65  
ASP OXT  O  N N 66  
ASP H    H  N N 67  
ASP H2   H  N N 68  
ASP HA   H  N N 69  
ASP HB2  H  N N 70  
ASP HB3  H  N N 71  
ASP HD2  H  N N 72  
ASP HXT  H  N N 73  
CAF N    N  N N 74  
CAF CA   C  N R 75  
CAF CB   C  N N 76  
CAF C    C  N N 77  
CAF O    O  N N 78  
CAF OXT  O  N N 79  
CAF SG   S  N N 80  
CAF AS   AS N N 81  
CAF CE1  C  N N 82  
CAF CE2  C  N N 83  
CAF O1   O  N N 84  
CAF H    H  N N 85  
CAF H2   H  N N 86  
CAF HA   H  N N 87  
CAF HB2  H  N N 88  
CAF HB3  H  N N 89  
CAF HXT  H  N N 90  
CAF HE11 H  N N 91  
CAF HE12 H  N N 92  
CAF HE13 H  N N 93  
CAF HE21 H  N N 94  
CAF HE22 H  N N 95  
CAF HE23 H  N N 96  
CYS N    N  N N 97  
CYS CA   C  N R 98  
CYS C    C  N N 99  
CYS O    O  N N 100 
CYS CB   C  N N 101 
CYS SG   S  N N 102 
CYS OXT  O  N N 103 
CYS H    H  N N 104 
CYS H2   H  N N 105 
CYS HA   H  N N 106 
CYS HB2  H  N N 107 
CYS HB3  H  N N 108 
CYS HG   H  N N 109 
CYS HXT  H  N N 110 
GLN N    N  N N 111 
GLN CA   C  N S 112 
GLN C    C  N N 113 
GLN O    O  N N 114 
GLN CB   C  N N 115 
GLN CG   C  N N 116 
GLN CD   C  N N 117 
GLN OE1  O  N N 118 
GLN NE2  N  N N 119 
GLN OXT  O  N N 120 
GLN H    H  N N 121 
GLN H2   H  N N 122 
GLN HA   H  N N 123 
GLN HB2  H  N N 124 
GLN HB3  H  N N 125 
GLN HG2  H  N N 126 
GLN HG3  H  N N 127 
GLN HE21 H  N N 128 
GLN HE22 H  N N 129 
GLN HXT  H  N N 130 
GLU N    N  N N 131 
GLU CA   C  N S 132 
GLU C    C  N N 133 
GLU O    O  N N 134 
GLU CB   C  N N 135 
GLU CG   C  N N 136 
GLU CD   C  N N 137 
GLU OE1  O  N N 138 
GLU OE2  O  N N 139 
GLU OXT  O  N N 140 
GLU H    H  N N 141 
GLU H2   H  N N 142 
GLU HA   H  N N 143 
GLU HB2  H  N N 144 
GLU HB3  H  N N 145 
GLU HG2  H  N N 146 
GLU HG3  H  N N 147 
GLU HE2  H  N N 148 
GLU HXT  H  N N 149 
GLY N    N  N N 150 
GLY CA   C  N N 151 
GLY C    C  N N 152 
GLY O    O  N N 153 
GLY OXT  O  N N 154 
GLY H    H  N N 155 
GLY H2   H  N N 156 
GLY HA2  H  N N 157 
GLY HA3  H  N N 158 
GLY HXT  H  N N 159 
HIS N    N  N N 160 
HIS CA   C  N S 161 
HIS C    C  N N 162 
HIS O    O  N N 163 
HIS CB   C  N N 164 
HIS CG   C  Y N 165 
HIS ND1  N  Y N 166 
HIS CD2  C  Y N 167 
HIS CE1  C  Y N 168 
HIS NE2  N  Y N 169 
HIS OXT  O  N N 170 
HIS H    H  N N 171 
HIS H2   H  N N 172 
HIS HA   H  N N 173 
HIS HB2  H  N N 174 
HIS HB3  H  N N 175 
HIS HD1  H  N N 176 
HIS HD2  H  N N 177 
HIS HE1  H  N N 178 
HIS HE2  H  N N 179 
HIS HXT  H  N N 180 
HOH O    O  N N 181 
HOH H1   H  N N 182 
HOH H2   H  N N 183 
ILE N    N  N N 184 
ILE CA   C  N S 185 
ILE C    C  N N 186 
ILE O    O  N N 187 
ILE CB   C  N S 188 
ILE CG1  C  N N 189 
ILE CG2  C  N N 190 
ILE CD1  C  N N 191 
ILE OXT  O  N N 192 
ILE H    H  N N 193 
ILE H2   H  N N 194 
ILE HA   H  N N 195 
ILE HB   H  N N 196 
ILE HG12 H  N N 197 
ILE HG13 H  N N 198 
ILE HG21 H  N N 199 
ILE HG22 H  N N 200 
ILE HG23 H  N N 201 
ILE HD11 H  N N 202 
ILE HD12 H  N N 203 
ILE HD13 H  N N 204 
ILE HXT  H  N N 205 
L3D C01  C  N N 206 
L3D C02  C  Y N 207 
L3D C03  C  Y N 208 
L3D C04  C  N S 209 
L3D C05  C  N N 210 
L3D O06  O  N N 211 
L3D O07  O  N N 212 
L3D O08  O  N N 213 
L3D C09  C  N N 214 
L3D C10  C  N N 215 
L3D C11  C  N N 216 
L3D C12  C  N N 217 
L3D C13  C  Y N 218 
L3D C14  C  Y N 219 
L3D C15  C  Y N 220 
L3D C16  C  Y N 221 
L3D C17  C  Y N 222 
L3D C18  C  Y N 223 
L3D C19  C  Y N 224 
L3D N20  N  Y N 225 
L3D C21  C  Y N 226 
L3D C22  C  Y N 227 
L3D C23  C  Y N 228 
L3D C24  C  N N 229 
L3D C25  C  N N 230 
L3D O26  O  N N 231 
L3D C27  C  Y N 232 
L3D C28  C  Y N 233 
L3D C29  C  Y N 234 
L3D C30  C  Y N 235 
L3D C31  C  Y N 236 
L3D C32  C  Y N 237 
L3D N33  N  Y N 238 
L3D H1   H  N N 239 
L3D H2   H  N N 240 
L3D H3   H  N N 241 
L3D H4   H  N N 242 
L3D H5   H  N N 243 
L3D H6   H  N N 244 
L3D H7   H  N N 245 
L3D H8   H  N N 246 
L3D H9   H  N N 247 
L3D H10  H  N N 248 
L3D H11  H  N N 249 
L3D H12  H  N N 250 
L3D H13  H  N N 251 
L3D H14  H  N N 252 
L3D H15  H  N N 253 
L3D H16  H  N N 254 
L3D H17  H  N N 255 
L3D H18  H  N N 256 
L3D H19  H  N N 257 
L3D H20  H  N N 258 
L3D H21  H  N N 259 
L3D H22  H  N N 260 
L3D H23  H  N N 261 
L3D H24  H  N N 262 
L3D H25  H  N N 263 
L3D H26  H  N N 264 
LEU N    N  N N 265 
LEU CA   C  N S 266 
LEU C    C  N N 267 
LEU O    O  N N 268 
LEU CB   C  N N 269 
LEU CG   C  N N 270 
LEU CD1  C  N N 271 
LEU CD2  C  N N 272 
LEU OXT  O  N N 273 
LEU H    H  N N 274 
LEU H2   H  N N 275 
LEU HA   H  N N 276 
LEU HB2  H  N N 277 
LEU HB3  H  N N 278 
LEU HG   H  N N 279 
LEU HD11 H  N N 280 
LEU HD12 H  N N 281 
LEU HD13 H  N N 282 
LEU HD21 H  N N 283 
LEU HD22 H  N N 284 
LEU HD23 H  N N 285 
LEU HXT  H  N N 286 
LYS N    N  N N 287 
LYS CA   C  N S 288 
LYS C    C  N N 289 
LYS O    O  N N 290 
LYS CB   C  N N 291 
LYS CG   C  N N 292 
LYS CD   C  N N 293 
LYS CE   C  N N 294 
LYS NZ   N  N N 295 
LYS OXT  O  N N 296 
LYS H    H  N N 297 
LYS H2   H  N N 298 
LYS HA   H  N N 299 
LYS HB2  H  N N 300 
LYS HB3  H  N N 301 
LYS HG2  H  N N 302 
LYS HG3  H  N N 303 
LYS HD2  H  N N 304 
LYS HD3  H  N N 305 
LYS HE2  H  N N 306 
LYS HE3  H  N N 307 
LYS HZ1  H  N N 308 
LYS HZ2  H  N N 309 
LYS HZ3  H  N N 310 
LYS HXT  H  N N 311 
MET N    N  N N 312 
MET CA   C  N S 313 
MET C    C  N N 314 
MET O    O  N N 315 
MET CB   C  N N 316 
MET CG   C  N N 317 
MET SD   S  N N 318 
MET CE   C  N N 319 
MET OXT  O  N N 320 
MET H    H  N N 321 
MET H2   H  N N 322 
MET HA   H  N N 323 
MET HB2  H  N N 324 
MET HB3  H  N N 325 
MET HG2  H  N N 326 
MET HG3  H  N N 327 
MET HE1  H  N N 328 
MET HE2  H  N N 329 
MET HE3  H  N N 330 
MET HXT  H  N N 331 
PHE N    N  N N 332 
PHE CA   C  N S 333 
PHE C    C  N N 334 
PHE O    O  N N 335 
PHE CB   C  N N 336 
PHE CG   C  Y N 337 
PHE CD1  C  Y N 338 
PHE CD2  C  Y N 339 
PHE CE1  C  Y N 340 
PHE CE2  C  Y N 341 
PHE CZ   C  Y N 342 
PHE OXT  O  N N 343 
PHE H    H  N N 344 
PHE H2   H  N N 345 
PHE HA   H  N N 346 
PHE HB2  H  N N 347 
PHE HB3  H  N N 348 
PHE HD1  H  N N 349 
PHE HD2  H  N N 350 
PHE HE1  H  N N 351 
PHE HE2  H  N N 352 
PHE HZ   H  N N 353 
PHE HXT  H  N N 354 
PRO N    N  N N 355 
PRO CA   C  N S 356 
PRO C    C  N N 357 
PRO O    O  N N 358 
PRO CB   C  N N 359 
PRO CG   C  N N 360 
PRO CD   C  N N 361 
PRO OXT  O  N N 362 
PRO H    H  N N 363 
PRO HA   H  N N 364 
PRO HB2  H  N N 365 
PRO HB3  H  N N 366 
PRO HG2  H  N N 367 
PRO HG3  H  N N 368 
PRO HD2  H  N N 369 
PRO HD3  H  N N 370 
PRO HXT  H  N N 371 
SER N    N  N N 372 
SER CA   C  N S 373 
SER C    C  N N 374 
SER O    O  N N 375 
SER CB   C  N N 376 
SER OG   O  N N 377 
SER OXT  O  N N 378 
SER H    H  N N 379 
SER H2   H  N N 380 
SER HA   H  N N 381 
SER HB2  H  N N 382 
SER HB3  H  N N 383 
SER HG   H  N N 384 
SER HXT  H  N N 385 
THR N    N  N N 386 
THR CA   C  N S 387 
THR C    C  N N 388 
THR O    O  N N 389 
THR CB   C  N R 390 
THR OG1  O  N N 391 
THR CG2  C  N N 392 
THR OXT  O  N N 393 
THR H    H  N N 394 
THR H2   H  N N 395 
THR HA   H  N N 396 
THR HB   H  N N 397 
THR HG1  H  N N 398 
THR HG21 H  N N 399 
THR HG22 H  N N 400 
THR HG23 H  N N 401 
THR HXT  H  N N 402 
TRP N    N  N N 403 
TRP CA   C  N S 404 
TRP C    C  N N 405 
TRP O    O  N N 406 
TRP CB   C  N N 407 
TRP CG   C  Y N 408 
TRP CD1  C  Y N 409 
TRP CD2  C  Y N 410 
TRP NE1  N  Y N 411 
TRP CE2  C  Y N 412 
TRP CE3  C  Y N 413 
TRP CZ2  C  Y N 414 
TRP CZ3  C  Y N 415 
TRP CH2  C  Y N 416 
TRP OXT  O  N N 417 
TRP H    H  N N 418 
TRP H2   H  N N 419 
TRP HA   H  N N 420 
TRP HB2  H  N N 421 
TRP HB3  H  N N 422 
TRP HD1  H  N N 423 
TRP HE1  H  N N 424 
TRP HE3  H  N N 425 
TRP HZ2  H  N N 426 
TRP HZ3  H  N N 427 
TRP HH2  H  N N 428 
TRP HXT  H  N N 429 
TYR N    N  N N 430 
TYR CA   C  N S 431 
TYR C    C  N N 432 
TYR O    O  N N 433 
TYR CB   C  N N 434 
TYR CG   C  Y N 435 
TYR CD1  C  Y N 436 
TYR CD2  C  Y N 437 
TYR CE1  C  Y N 438 
TYR CE2  C  Y N 439 
TYR CZ   C  Y N 440 
TYR OH   O  N N 441 
TYR OXT  O  N N 442 
TYR H    H  N N 443 
TYR H2   H  N N 444 
TYR HA   H  N N 445 
TYR HB2  H  N N 446 
TYR HB3  H  N N 447 
TYR HD1  H  N N 448 
TYR HD2  H  N N 449 
TYR HE1  H  N N 450 
TYR HE2  H  N N 451 
TYR HH   H  N N 452 
TYR HXT  H  N N 453 
VAL N    N  N N 454 
VAL CA   C  N S 455 
VAL C    C  N N 456 
VAL O    O  N N 457 
VAL CB   C  N N 458 
VAL CG1  C  N N 459 
VAL CG2  C  N N 460 
VAL OXT  O  N N 461 
VAL H    H  N N 462 
VAL H2   H  N N 463 
VAL HA   H  N N 464 
VAL HB   H  N N 465 
VAL HG11 H  N N 466 
VAL HG12 H  N N 467 
VAL HG13 H  N N 468 
VAL HG21 H  N N 469 
VAL HG22 H  N N 470 
VAL HG23 H  N N 471 
VAL HXT  H  N N 472 
# 
loop_
_chem_comp_bond.comp_id 
_chem_comp_bond.atom_id_1 
_chem_comp_bond.atom_id_2 
_chem_comp_bond.value_order 
_chem_comp_bond.pdbx_aromatic_flag 
_chem_comp_bond.pdbx_stereo_config 
_chem_comp_bond.pdbx_ordinal 
ALA N   CA   sing N N 1   
ALA N   H    sing N N 2   
ALA N   H2   sing N N 3   
ALA CA  C    sing N N 4   
ALA CA  CB   sing N N 5   
ALA CA  HA   sing N N 6   
ALA C   O    doub N N 7   
ALA C   OXT  sing N N 8   
ALA CB  HB1  sing N N 9   
ALA CB  HB2  sing N N 10  
ALA CB  HB3  sing N N 11  
ALA OXT HXT  sing N N 12  
ARG N   CA   sing N N 13  
ARG N   H    sing N N 14  
ARG N   H2   sing N N 15  
ARG CA  C    sing N N 16  
ARG CA  CB   sing N N 17  
ARG CA  HA   sing N N 18  
ARG C   O    doub N N 19  
ARG C   OXT  sing N N 20  
ARG CB  CG   sing N N 21  
ARG CB  HB2  sing N N 22  
ARG CB  HB3  sing N N 23  
ARG CG  CD   sing N N 24  
ARG CG  HG2  sing N N 25  
ARG CG  HG3  sing N N 26  
ARG CD  NE   sing N N 27  
ARG CD  HD2  sing N N 28  
ARG CD  HD3  sing N N 29  
ARG NE  CZ   sing N N 30  
ARG NE  HE   sing N N 31  
ARG CZ  NH1  sing N N 32  
ARG CZ  NH2  doub N N 33  
ARG NH1 HH11 sing N N 34  
ARG NH1 HH12 sing N N 35  
ARG NH2 HH21 sing N N 36  
ARG NH2 HH22 sing N N 37  
ARG OXT HXT  sing N N 38  
ASN N   CA   sing N N 39  
ASN N   H    sing N N 40  
ASN N   H2   sing N N 41  
ASN CA  C    sing N N 42  
ASN CA  CB   sing N N 43  
ASN CA  HA   sing N N 44  
ASN C   O    doub N N 45  
ASN C   OXT  sing N N 46  
ASN CB  CG   sing N N 47  
ASN CB  HB2  sing N N 48  
ASN CB  HB3  sing N N 49  
ASN CG  OD1  doub N N 50  
ASN CG  ND2  sing N N 51  
ASN ND2 HD21 sing N N 52  
ASN ND2 HD22 sing N N 53  
ASN OXT HXT  sing N N 54  
ASP N   CA   sing N N 55  
ASP N   H    sing N N 56  
ASP N   H2   sing N N 57  
ASP CA  C    sing N N 58  
ASP CA  CB   sing N N 59  
ASP CA  HA   sing N N 60  
ASP C   O    doub N N 61  
ASP C   OXT  sing N N 62  
ASP CB  CG   sing N N 63  
ASP CB  HB2  sing N N 64  
ASP CB  HB3  sing N N 65  
ASP CG  OD1  doub N N 66  
ASP CG  OD2  sing N N 67  
ASP OD2 HD2  sing N N 68  
ASP OXT HXT  sing N N 69  
CAF N   CA   sing N N 70  
CAF N   H    sing N N 71  
CAF N   H2   sing N N 72  
CAF CA  CB   sing N N 73  
CAF CA  C    sing N N 74  
CAF CA  HA   sing N N 75  
CAF CB  SG   sing N N 76  
CAF CB  HB2  sing N N 77  
CAF CB  HB3  sing N N 78  
CAF C   O    doub N N 79  
CAF C   OXT  sing N N 80  
CAF OXT HXT  sing N N 81  
CAF SG  AS   sing N N 82  
CAF AS  CE1  sing N N 83  
CAF AS  CE2  sing N N 84  
CAF AS  O1   doub N N 85  
CAF CE1 HE11 sing N N 86  
CAF CE1 HE12 sing N N 87  
CAF CE1 HE13 sing N N 88  
CAF CE2 HE21 sing N N 89  
CAF CE2 HE22 sing N N 90  
CAF CE2 HE23 sing N N 91  
CYS N   CA   sing N N 92  
CYS N   H    sing N N 93  
CYS N   H2   sing N N 94  
CYS CA  C    sing N N 95  
CYS CA  CB   sing N N 96  
CYS CA  HA   sing N N 97  
CYS C   O    doub N N 98  
CYS C   OXT  sing N N 99  
CYS CB  SG   sing N N 100 
CYS CB  HB2  sing N N 101 
CYS CB  HB3  sing N N 102 
CYS SG  HG   sing N N 103 
CYS OXT HXT  sing N N 104 
GLN N   CA   sing N N 105 
GLN N   H    sing N N 106 
GLN N   H2   sing N N 107 
GLN CA  C    sing N N 108 
GLN CA  CB   sing N N 109 
GLN CA  HA   sing N N 110 
GLN C   O    doub N N 111 
GLN C   OXT  sing N N 112 
GLN CB  CG   sing N N 113 
GLN CB  HB2  sing N N 114 
GLN CB  HB3  sing N N 115 
GLN CG  CD   sing N N 116 
GLN CG  HG2  sing N N 117 
GLN CG  HG3  sing N N 118 
GLN CD  OE1  doub N N 119 
GLN CD  NE2  sing N N 120 
GLN NE2 HE21 sing N N 121 
GLN NE2 HE22 sing N N 122 
GLN OXT HXT  sing N N 123 
GLU N   CA   sing N N 124 
GLU N   H    sing N N 125 
GLU N   H2   sing N N 126 
GLU CA  C    sing N N 127 
GLU CA  CB   sing N N 128 
GLU CA  HA   sing N N 129 
GLU C   O    doub N N 130 
GLU C   OXT  sing N N 131 
GLU CB  CG   sing N N 132 
GLU CB  HB2  sing N N 133 
GLU CB  HB3  sing N N 134 
GLU CG  CD   sing N N 135 
GLU CG  HG2  sing N N 136 
GLU CG  HG3  sing N N 137 
GLU CD  OE1  doub N N 138 
GLU CD  OE2  sing N N 139 
GLU OE2 HE2  sing N N 140 
GLU OXT HXT  sing N N 141 
GLY N   CA   sing N N 142 
GLY N   H    sing N N 143 
GLY N   H2   sing N N 144 
GLY CA  C    sing N N 145 
GLY CA  HA2  sing N N 146 
GLY CA  HA3  sing N N 147 
GLY C   O    doub N N 148 
GLY C   OXT  sing N N 149 
GLY OXT HXT  sing N N 150 
HIS N   CA   sing N N 151 
HIS N   H    sing N N 152 
HIS N   H2   sing N N 153 
HIS CA  C    sing N N 154 
HIS CA  CB   sing N N 155 
HIS CA  HA   sing N N 156 
HIS C   O    doub N N 157 
HIS C   OXT  sing N N 158 
HIS CB  CG   sing N N 159 
HIS CB  HB2  sing N N 160 
HIS CB  HB3  sing N N 161 
HIS CG  ND1  sing Y N 162 
HIS CG  CD2  doub Y N 163 
HIS ND1 CE1  doub Y N 164 
HIS ND1 HD1  sing N N 165 
HIS CD2 NE2  sing Y N 166 
HIS CD2 HD2  sing N N 167 
HIS CE1 NE2  sing Y N 168 
HIS CE1 HE1  sing N N 169 
HIS NE2 HE2  sing N N 170 
HIS OXT HXT  sing N N 171 
HOH O   H1   sing N N 172 
HOH O   H2   sing N N 173 
ILE N   CA   sing N N 174 
ILE N   H    sing N N 175 
ILE N   H2   sing N N 176 
ILE CA  C    sing N N 177 
ILE CA  CB   sing N N 178 
ILE CA  HA   sing N N 179 
ILE C   O    doub N N 180 
ILE C   OXT  sing N N 181 
ILE CB  CG1  sing N N 182 
ILE CB  CG2  sing N N 183 
ILE CB  HB   sing N N 184 
ILE CG1 CD1  sing N N 185 
ILE CG1 HG12 sing N N 186 
ILE CG1 HG13 sing N N 187 
ILE CG2 HG21 sing N N 188 
ILE CG2 HG22 sing N N 189 
ILE CG2 HG23 sing N N 190 
ILE CD1 HD11 sing N N 191 
ILE CD1 HD12 sing N N 192 
ILE CD1 HD13 sing N N 193 
ILE OXT HXT  sing N N 194 
L3D C11 C09  sing N N 195 
L3D C12 C09  sing N N 196 
L3D C09 C10  sing N N 197 
L3D C09 O08  sing N N 198 
L3D C15 C16  doub Y N 199 
L3D C15 C14  sing Y N 200 
L3D C16 C17  sing Y N 201 
L3D C30 C29  doub Y N 202 
L3D C30 C31  sing Y N 203 
L3D C29 C28  sing Y N 204 
L3D C31 C32  doub Y N 205 
L3D O08 C04  sing N N 206 
L3D C28 N33  doub Y N 207 
L3D C28 C27  sing Y N 208 
L3D C32 C27  sing Y N 209 
L3D N33 C02  sing Y N 210 
L3D C27 C13  doub Y N 211 
L3D C02 C01  sing N N 212 
L3D C02 C03  doub Y N 213 
L3D C13 C03  sing Y N 214 
L3D C13 C14  sing N N 215 
L3D C03 C04  sing N N 216 
L3D C14 C19  doub Y N 217 
L3D C04 C05  sing N N 218 
L3D C17 O26  sing N N 219 
L3D C17 C18  doub Y N 220 
L3D O26 C25  sing N N 221 
L3D C19 C18  sing Y N 222 
L3D C19 N20  sing Y N 223 
L3D C18 C23  sing Y N 224 
L3D C05 O07  doub N N 225 
L3D C05 O06  sing N N 226 
L3D C25 C24  sing N N 227 
L3D N20 C21  doub Y N 228 
L3D C23 C24  sing N N 229 
L3D C23 C22  doub Y N 230 
L3D C21 C22  sing Y N 231 
L3D C01 H1   sing N N 232 
L3D C01 H2   sing N N 233 
L3D C01 H3   sing N N 234 
L3D C04 H4   sing N N 235 
L3D O06 H5   sing N N 236 
L3D C10 H6   sing N N 237 
L3D C10 H7   sing N N 238 
L3D C10 H8   sing N N 239 
L3D C11 H9   sing N N 240 
L3D C11 H10  sing N N 241 
L3D C11 H11  sing N N 242 
L3D C12 H12  sing N N 243 
L3D C12 H13  sing N N 244 
L3D C12 H14  sing N N 245 
L3D C15 H15  sing N N 246 
L3D C16 H16  sing N N 247 
L3D C21 H17  sing N N 248 
L3D C22 H18  sing N N 249 
L3D C24 H19  sing N N 250 
L3D C24 H20  sing N N 251 
L3D C25 H21  sing N N 252 
L3D C25 H22  sing N N 253 
L3D C29 H23  sing N N 254 
L3D C30 H24  sing N N 255 
L3D C31 H25  sing N N 256 
L3D C32 H26  sing N N 257 
LEU N   CA   sing N N 258 
LEU N   H    sing N N 259 
LEU N   H2   sing N N 260 
LEU CA  C    sing N N 261 
LEU CA  CB   sing N N 262 
LEU CA  HA   sing N N 263 
LEU C   O    doub N N 264 
LEU C   OXT  sing N N 265 
LEU CB  CG   sing N N 266 
LEU CB  HB2  sing N N 267 
LEU CB  HB3  sing N N 268 
LEU CG  CD1  sing N N 269 
LEU CG  CD2  sing N N 270 
LEU CG  HG   sing N N 271 
LEU CD1 HD11 sing N N 272 
LEU CD1 HD12 sing N N 273 
LEU CD1 HD13 sing N N 274 
LEU CD2 HD21 sing N N 275 
LEU CD2 HD22 sing N N 276 
LEU CD2 HD23 sing N N 277 
LEU OXT HXT  sing N N 278 
LYS N   CA   sing N N 279 
LYS N   H    sing N N 280 
LYS N   H2   sing N N 281 
LYS CA  C    sing N N 282 
LYS CA  CB   sing N N 283 
LYS CA  HA   sing N N 284 
LYS C   O    doub N N 285 
LYS C   OXT  sing N N 286 
LYS CB  CG   sing N N 287 
LYS CB  HB2  sing N N 288 
LYS CB  HB3  sing N N 289 
LYS CG  CD   sing N N 290 
LYS CG  HG2  sing N N 291 
LYS CG  HG3  sing N N 292 
LYS CD  CE   sing N N 293 
LYS CD  HD2  sing N N 294 
LYS CD  HD3  sing N N 295 
LYS CE  NZ   sing N N 296 
LYS CE  HE2  sing N N 297 
LYS CE  HE3  sing N N 298 
LYS NZ  HZ1  sing N N 299 
LYS NZ  HZ2  sing N N 300 
LYS NZ  HZ3  sing N N 301 
LYS OXT HXT  sing N N 302 
MET N   CA   sing N N 303 
MET N   H    sing N N 304 
MET N   H2   sing N N 305 
MET CA  C    sing N N 306 
MET CA  CB   sing N N 307 
MET CA  HA   sing N N 308 
MET C   O    doub N N 309 
MET C   OXT  sing N N 310 
MET CB  CG   sing N N 311 
MET CB  HB2  sing N N 312 
MET CB  HB3  sing N N 313 
MET CG  SD   sing N N 314 
MET CG  HG2  sing N N 315 
MET CG  HG3  sing N N 316 
MET SD  CE   sing N N 317 
MET CE  HE1  sing N N 318 
MET CE  HE2  sing N N 319 
MET CE  HE3  sing N N 320 
MET OXT HXT  sing N N 321 
PHE N   CA   sing N N 322 
PHE N   H    sing N N 323 
PHE N   H2   sing N N 324 
PHE CA  C    sing N N 325 
PHE CA  CB   sing N N 326 
PHE CA  HA   sing N N 327 
PHE C   O    doub N N 328 
PHE C   OXT  sing N N 329 
PHE CB  CG   sing N N 330 
PHE CB  HB2  sing N N 331 
PHE CB  HB3  sing N N 332 
PHE CG  CD1  doub Y N 333 
PHE CG  CD2  sing Y N 334 
PHE CD1 CE1  sing Y N 335 
PHE CD1 HD1  sing N N 336 
PHE CD2 CE2  doub Y N 337 
PHE CD2 HD2  sing N N 338 
PHE CE1 CZ   doub Y N 339 
PHE CE1 HE1  sing N N 340 
PHE CE2 CZ   sing Y N 341 
PHE CE2 HE2  sing N N 342 
PHE CZ  HZ   sing N N 343 
PHE OXT HXT  sing N N 344 
PRO N   CA   sing N N 345 
PRO N   CD   sing N N 346 
PRO N   H    sing N N 347 
PRO CA  C    sing N N 348 
PRO CA  CB   sing N N 349 
PRO CA  HA   sing N N 350 
PRO C   O    doub N N 351 
PRO C   OXT  sing N N 352 
PRO CB  CG   sing N N 353 
PRO CB  HB2  sing N N 354 
PRO CB  HB3  sing N N 355 
PRO CG  CD   sing N N 356 
PRO CG  HG2  sing N N 357 
PRO CG  HG3  sing N N 358 
PRO CD  HD2  sing N N 359 
PRO CD  HD3  sing N N 360 
PRO OXT HXT  sing N N 361 
SER N   CA   sing N N 362 
SER N   H    sing N N 363 
SER N   H2   sing N N 364 
SER CA  C    sing N N 365 
SER CA  CB   sing N N 366 
SER CA  HA   sing N N 367 
SER C   O    doub N N 368 
SER C   OXT  sing N N 369 
SER CB  OG   sing N N 370 
SER CB  HB2  sing N N 371 
SER CB  HB3  sing N N 372 
SER OG  HG   sing N N 373 
SER OXT HXT  sing N N 374 
THR N   CA   sing N N 375 
THR N   H    sing N N 376 
THR N   H2   sing N N 377 
THR CA  C    sing N N 378 
THR CA  CB   sing N N 379 
THR CA  HA   sing N N 380 
THR C   O    doub N N 381 
THR C   OXT  sing N N 382 
THR CB  OG1  sing N N 383 
THR CB  CG2  sing N N 384 
THR CB  HB   sing N N 385 
THR OG1 HG1  sing N N 386 
THR CG2 HG21 sing N N 387 
THR CG2 HG22 sing N N 388 
THR CG2 HG23 sing N N 389 
THR OXT HXT  sing N N 390 
TRP N   CA   sing N N 391 
TRP N   H    sing N N 392 
TRP N   H2   sing N N 393 
TRP CA  C    sing N N 394 
TRP CA  CB   sing N N 395 
TRP CA  HA   sing N N 396 
TRP C   O    doub N N 397 
TRP C   OXT  sing N N 398 
TRP CB  CG   sing N N 399 
TRP CB  HB2  sing N N 400 
TRP CB  HB3  sing N N 401 
TRP CG  CD1  doub Y N 402 
TRP CG  CD2  sing Y N 403 
TRP CD1 NE1  sing Y N 404 
TRP CD1 HD1  sing N N 405 
TRP CD2 CE2  doub Y N 406 
TRP CD2 CE3  sing Y N 407 
TRP NE1 CE2  sing Y N 408 
TRP NE1 HE1  sing N N 409 
TRP CE2 CZ2  sing Y N 410 
TRP CE3 CZ3  doub Y N 411 
TRP CE3 HE3  sing N N 412 
TRP CZ2 CH2  doub Y N 413 
TRP CZ2 HZ2  sing N N 414 
TRP CZ3 CH2  sing Y N 415 
TRP CZ3 HZ3  sing N N 416 
TRP CH2 HH2  sing N N 417 
TRP OXT HXT  sing N N 418 
TYR N   CA   sing N N 419 
TYR N   H    sing N N 420 
TYR N   H2   sing N N 421 
TYR CA  C    sing N N 422 
TYR CA  CB   sing N N 423 
TYR CA  HA   sing N N 424 
TYR C   O    doub N N 425 
TYR C   OXT  sing N N 426 
TYR CB  CG   sing N N 427 
TYR CB  HB2  sing N N 428 
TYR CB  HB3  sing N N 429 
TYR CG  CD1  doub Y N 430 
TYR CG  CD2  sing Y N 431 
TYR CD1 CE1  sing Y N 432 
TYR CD1 HD1  sing N N 433 
TYR CD2 CE2  doub Y N 434 
TYR CD2 HD2  sing N N 435 
TYR CE1 CZ   doub Y N 436 
TYR CE1 HE1  sing N N 437 
TYR CE2 CZ   sing Y N 438 
TYR CE2 HE2  sing N N 439 
TYR CZ  OH   sing N N 440 
TYR OH  HH   sing N N 441 
TYR OXT HXT  sing N N 442 
VAL N   CA   sing N N 443 
VAL N   H    sing N N 444 
VAL N   H2   sing N N 445 
VAL CA  C    sing N N 446 
VAL CA  CB   sing N N 447 
VAL CA  HA   sing N N 448 
VAL C   O    doub N N 449 
VAL C   OXT  sing N N 450 
VAL CB  CG1  sing N N 451 
VAL CB  CG2  sing N N 452 
VAL CB  HB   sing N N 453 
VAL CG1 HG11 sing N N 454 
VAL CG1 HG12 sing N N 455 
VAL CG1 HG13 sing N N 456 
VAL CG2 HG21 sing N N 457 
VAL CG2 HG22 sing N N 458 
VAL CG2 HG23 sing N N 459 
VAL OXT HXT  sing N N 460 
# 
_pdbx_audit_support.funding_organization   
'National Institutes of Health/National Institute Of Allergy and Infectious Diseases (NIH/NIAID)' 
_pdbx_audit_support.country                'United States' 
_pdbx_audit_support.grant_number           AI110310 
_pdbx_audit_support.ordinal                1 
# 
_pdbx_initial_refinement_model.id               1 
_pdbx_initial_refinement_model.entity_id_list   ? 
_pdbx_initial_refinement_model.type             'experimental model' 
_pdbx_initial_refinement_model.source_name      PDB 
_pdbx_initial_refinement_model.accession_code   6EB2 
_pdbx_initial_refinement_model.details          'PDB entry 6EB2' 
# 
_space_group.name_H-M_alt     'P 31 2 1' 
_space_group.name_Hall        
;P 31 2"
;
_space_group.IT_number        152 
_space_group.crystal_system   trigonal 
_space_group.id               1 
# 
_atom_sites.entry_id                    6NUJ 
_atom_sites.fract_transf_matrix[1][1]   -0.00864505 
_atom_sites.fract_transf_matrix[1][2]   -0.00761412 
_atom_sites.fract_transf_matrix[1][3]   -0.01108943 
_atom_sites.fract_transf_matrix[2][1]   -0.00810454 
_atom_sites.fract_transf_matrix[2][2]   0.00836690 
_atom_sites.fract_transf_matrix[2][3]   -0.01095552 
_atom_sites.fract_transf_matrix[3][1]   0.01204121 
_atom_sites.fract_transf_matrix[3][2]   -0.00033051 
_atom_sites.fract_transf_matrix[3][3]   -0.00916011 
_atom_sites.fract_transf_vector[1]      -0.083446 
_atom_sites.fract_transf_vector[2]      0.444248 
_atom_sites.fract_transf_vector[3]      -0.217540 
# 
loop_
_atom_type.symbol 
_atom_type.scat_dispersion_real 
_atom_type.scat_dispersion_imag 
_atom_type.scat_Cromer_Mann_a1 
_atom_type.scat_Cromer_Mann_a2 
_atom_type.scat_Cromer_Mann_b1 
_atom_type.scat_Cromer_Mann_b2 
_atom_type.scat_Cromer_Mann_c 
_atom_type.scat_source 
_atom_type.scat_dispersion_source 
AS ? ? 25.88022 7.02060 1.67971  31.58991 0.0 
;2-Gaussian fit: Grosse-Kunstleve RW, Sauter NK, Adams PD: Newsletter of the IUCr Commission on Crystallographic Computing 2004, 3, 22-31.
;
? 
C  ? ? 3.54356  2.42580 25.62398 1.50364  0.0 
;2-Gaussian fit: Grosse-Kunstleve RW, Sauter NK, Adams PD: Newsletter of the IUCr Commission on Crystallographic Computing 2004, 3, 22-31.
;
? 
N  ? ? 4.01032  2.96436 19.97189 1.75589  0.0 
;2-Gaussian fit: Grosse-Kunstleve RW, Sauter NK, Adams PD: Newsletter of the IUCr Commission on Crystallographic Computing 2004, 3, 22-31.
;
? 
O  ? ? 4.49882  3.47563 15.80542 1.70748  0.0 
;2-Gaussian fit: Grosse-Kunstleve RW, Sauter NK, Adams PD: Newsletter of the IUCr Commission on Crystallographic Computing 2004, 3, 22-31.
;
? 
S  ? ? 9.55732  6.39887 1.23737  29.19336 0.0 
;2-Gaussian fit: Grosse-Kunstleve RW, Sauter NK, Adams PD: Newsletter of the IUCr Commission on Crystallographic Computing 2004, 3, 22-31.
;
? 
# 
loop_
_atom_site.group_PDB 
_atom_site.id 
_atom_site.type_symbol 
_atom_site.label_atom_id 
_atom_site.label_alt_id 
_atom_site.label_comp_id 
_atom_site.label_asym_id 
_atom_site.label_entity_id 
_atom_site.label_seq_id 
_atom_site.pdbx_PDB_ins_code 
_atom_site.Cartn_x 
_atom_site.Cartn_y 
_atom_site.Cartn_z 
_atom_site.occupancy 
_atom_site.B_iso_or_equiv 
_atom_site.pdbx_formal_charge 
_atom_site.auth_seq_id 
_atom_site.auth_comp_id 
_atom_site.auth_asym_id 
_atom_site.auth_atom_id 
_atom_site.pdbx_PDB_model_num 
ATOM   1    N  N   . SER A 1 11  ? 9.01398   -9.16893  10.97238  1.000 37.07205 ? 57  SER A N   1 
ATOM   2    C  CA  . SER A 1 11  ? 7.80053   -9.16691  11.78100  1.000 40.71126 ? 57  SER A CA  1 
ATOM   3    C  C   . SER A 1 11  ? 6.55985   -9.01518  10.90675  1.000 41.24638 ? 57  SER A C   1 
ATOM   4    O  O   . SER A 1 11  ? 6.58221   -8.29005  9.91075   1.000 35.30036 ? 57  SER A O   1 
ATOM   5    C  CB  . SER A 1 11  ? 7.85123   -8.04789  12.82287  1.000 45.37212 ? 57  SER A CB  1 
ATOM   6    O  OG  . SER A 1 11  ? 8.84515   -8.30698  13.79879  1.000 74.19045 ? 57  SER A OG  1 
ATOM   7    N  N   . PRO A 1 12  ? 5.47333   -9.69905  11.27994  1.000 36.12778 ? 58  PRO A N   1 
ATOM   8    C  CA  . PRO A 1 12  ? 4.26456   -9.67994  10.44443  1.000 36.96111 ? 58  PRO A CA  1 
ATOM   9    C  C   . PRO A 1 12  ? 3.47028   -8.38827  10.52859  1.000 34.02138 ? 58  PRO A C   1 
ATOM   10   O  O   . PRO A 1 12  ? 2.51742   -8.21912  9.75482   1.000 29.91550 ? 58  PRO A O   1 
ATOM   11   C  CB  . PRO A 1 12  ? 3.44947   -10.85378 10.99823  1.000 33.50987 ? 58  PRO A CB  1 
ATOM   12   C  CG  . PRO A 1 12  ? 3.84936   -10.92032 12.42799  1.000 43.36494 ? 58  PRO A CG  1 
ATOM   13   C  CD  . PRO A 1 12  ? 5.31453   -10.56970 12.45838  1.000 36.05686 ? 58  PRO A CD  1 
ATOM   14   N  N   . GLY A 1 13  ? 3.82096   -7.48300  11.43635  1.000 27.83254 ? 59  GLY A N   1 
ATOM   15   C  CA  . GLY A 1 13  ? 3.12832   -6.22408  11.59825  1.000 26.88471 ? 59  GLY A CA  1 
ATOM   16   C  C   . GLY A 1 13  ? 3.73620   -5.04664  10.86818  1.000 24.00205 ? 59  GLY A C   1 
ATOM   17   O  O   . GLY A 1 13  ? 3.25556   -3.92040  11.04325  1.000 23.03651 ? 59  GLY A O   1 
ATOM   18   N  N   . ILE A 1 14  ? 4.76611   -5.26110  10.04955  1.000 21.46272 ? 60  ILE A N   1 
ATOM   19   C  CA  . ILE A 1 14  ? 5.50894   -4.17506  9.41805   1.000 22.10116 ? 60  ILE A CA  1 
ATOM   20   C  C   . ILE A 1 14  ? 4.95973   -3.94109  8.01870   1.000 24.56779 ? 60  ILE A C   1 
ATOM   21   O  O   . ILE A 1 14  ? 4.87730   -4.87273  7.20762   1.000 19.25496 ? 60  ILE A O   1 
ATOM   22   C  CB  . ILE A 1 14  ? 7.01547   -4.48397  9.36746   1.000 27.14473 ? 60  ILE A CB  1 
ATOM   23   C  CG1 . ILE A 1 14  ? 7.54963   -4.76564  10.77196  1.000 35.78782 ? 60  ILE A CG1 1 
ATOM   24   C  CG2 . ILE A 1 14  ? 7.77693   -3.32941  8.72897   1.000 26.79044 ? 60  ILE A CG2 1 
ATOM   25   C  CD1 . ILE A 1 14  ? 8.99801   -5.20252  10.80021  1.000 47.79907 ? 60  ILE A CD1 1 
ATOM   26   N  N   . TRP A 1 15  ? 4.58744   -2.69559  7.73745   1.000 18.09138 ? 61  TRP A N   1 
ATOM   27   C  CA  . TRP A 1 15  ? 4.17647   -2.25654  6.41390   1.000 19.20518 ? 61  TRP A CA  1 
ATOM   28   C  C   . TRP A 1 15  ? 5.03998   -1.08744  5.96231   1.000 27.06198 ? 61  TRP A C   1 
ATOM   29   O  O   . TRP A 1 15  ? 5.58439   -0.34436  6.78259   1.000 21.84681 ? 61  TRP A O   1 
ATOM   30   C  CB  . TRP A 1 15  ? 2.70273   -1.83941  6.39344   1.000 16.14646 ? 61  TRP A CB  1 
ATOM   31   C  CG  . TRP A 1 15  ? 1.75065   -2.96338  6.63133   1.000 18.83791 ? 61  TRP A CG  1 
ATOM   32   C  CD1 . TRP A 1 15  ? 1.49700   -3.58914  7.81634   1.000 18.27622 ? 61  TRP A CD1 1 
ATOM   33   C  CD2 . TRP A 1 15  ? 0.92233   -3.60226  5.65343   1.000 18.54927 ? 61  TRP A CD2 1 
ATOM   34   N  NE1 . TRP A 1 15  ? 0.55867   -4.57736  7.63738   1.000 17.44433 ? 61  TRP A NE1 1 
ATOM   35   C  CE2 . TRP A 1 15  ? 0.19043   -4.60555  6.31780   1.000 13.50608 ? 61  TRP A CE2 1 
ATOM   36   C  CE3 . TRP A 1 15  ? 0.72684   -3.42095  4.27953   1.000 17.15933 ? 61  TRP A CE3 1 
ATOM   37   C  CZ2 . TRP A 1 15  ? -0.72253  -5.42609  5.65607   1.000 17.08991 ? 61  TRP A CZ2 1 
ATOM   38   C  CZ3 . TRP A 1 15  ? -0.17910  -4.23546  3.62508   1.000 16.56087 ? 61  TRP A CZ3 1 
ATOM   39   C  CH2 . TRP A 1 15  ? -0.89304  -5.22563  4.31421   1.000 13.88654 ? 61  TRP A CH2 1 
ATOM   40   N  N   . GLN A 1 16  ? 5.17074   -0.93338  4.64865   1.000 19.38142 ? 62  GLN A N   1 
ATOM   41   C  CA  . GLN A 1 16  ? 5.83313   0.22308   4.06312   1.000 22.09700 ? 62  GLN A CA  1 
ATOM   42   C  C   . GLN A 1 16  ? 4.86777   0.92860   3.12323   1.000 21.48946 ? 62  GLN A C   1 
ATOM   43   O  O   . GLN A 1 16  ? 4.21057   0.28258   2.30038   1.000 21.62876 ? 62  GLN A O   1 
ATOM   44   C  CB  . GLN A 1 16  ? 7.11160   -0.16271  3.31635   1.000 26.48472 ? 62  GLN A CB  1 
ATOM   45   C  CG  . GLN A 1 16  ? 7.75711   1.02655   2.61714   1.000 35.05320 ? 62  GLN A CG  1 
ATOM   46   C  CD  . GLN A 1 16  ? 9.25488   0.89015   2.46595   1.000 27.19591 ? 62  GLN A CD  1 
ATOM   47   O  OE1 . GLN A 1 16  ? 9.89467   0.11324   3.17505   1.000 39.37584 ? 62  GLN A OE1 1 
ATOM   48   N  NE2 . GLN A 1 16  ? 9.82624   1.65514   1.54381   1.000 29.00278 ? 62  GLN A NE2 1 
ATOM   49   N  N   . LEU A 1 17  ? 4.78548   2.24985   3.24963   1.000 17.86519 ? 63  LEU A N   1 
ATOM   50   C  CA  . LEU A 1 17  ? 3.89086   3.07133   2.44684   1.000 15.93957 ? 63  LEU A CA  1 
ATOM   51   C  C   . LEU A 1 17  ? 4.70842   4.09531   1.67646   1.000 17.72847 ? 63  LEU A C   1 
ATOM   52   O  O   . LEU A 1 17  ? 5.57433   4.76360   2.25137   1.000 17.17021 ? 63  LEU A O   1 
ATOM   53   C  CB  . LEU A 1 17  ? 2.84756   3.78694   3.31132   1.000 21.85310 ? 63  LEU A CB  1 
ATOM   54   C  CG  . LEU A 1 17  ? 1.55424   3.06205   3.69018   1.000 39.66822 ? 63  LEU A CG  1 
ATOM   55   C  CD1 . LEU A 1 17  ? 1.81683   1.82186   4.53452   1.000 28.29525 ? 63  LEU A CD1 1 
ATOM   56   C  CD2 . LEU A 1 17  ? 0.61900   4.02464   4.40293   1.000 21.50510 ? 63  LEU A CD2 1 
ATOM   57   N  N   . ASP A 1 18  ? 4.42152   4.22094   0.38474   1.000 13.63619 ? 64  ASP A N   1 
ATOM   58   C  CA  . ASP A 1 18  ? 5.06220   5.21421   -0.46887  1.000 17.20393 ? 64  ASP A CA  1 
ATOM   59   C  C   . ASP A 1 18  ? 4.05704   5.66397   -1.51983  1.000 20.16660 ? 64  ASP A C   1 
ATOM   60   O  O   . ASP A 1 18  ? 3.13000   4.92505   -1.85003  1.000 21.78877 ? 64  ASP A O   1 
ATOM   61   C  CB  . ASP A 1 18  ? 6.31533   4.64350   -1.13710  1.000 16.57529 ? 64  ASP A CB  1 
ATOM   62   C  CG  . ASP A 1 18  ? 7.39564   4.28299   -0.13852  1.000 23.20542 ? 64  ASP A CG  1 
ATOM   63   O  OD1 . ASP A 1 18  ? 8.05435   5.20400   0.39054   1.000 25.71743 ? 64  ASP A OD1 1 
ATOM   64   O  OD2 . ASP A 1 18  ? 7.58911   3.07427   0.11077   1.000 23.27170 ? 64  ASP A OD2 1 
HETATM 65   N  N   . CAF A 1 19  ? 4.23043   6.86977   -2.04798  1.000 11.27935 ? 65  CAF A N   1 
HETATM 66   C  CA  . CAF A 1 19  ? 3.49207   7.25872   -3.23543  1.000 19.99258 ? 65  CAF A CA  1 
HETATM 67   C  CB  . CAF A 1 19  ? 2.88229   8.65777   -3.13408  1.000 21.08736 ? 65  CAF A CB  1 
HETATM 68   C  C   . CAF A 1 19  ? 4.36660   7.23241   -4.48260  1.000 27.41628 ? 65  CAF A C   1 
HETATM 69   O  O   . CAF A 1 19  ? 5.59353   7.50932   -4.44190  1.000 26.14896 ? 65  CAF A O   1 
HETATM 70   S  SG  . CAF A 1 19  ? 1.74139   8.79262   -1.72932  1.000 19.46963 ? 65  CAF A SG  1 
HETATM 71   AS AS  . CAF A 1 19  ? 3.06922   9.38063   -0.02706  1.000 28.04964 ? 65  CAF A AS  1 
HETATM 72   C  CE1 . CAF A 1 19  ? 4.77313   9.89244   -0.86051  1.000 64.17245 ? 65  CAF A CE1 1 
HETATM 73   C  CE2 . CAF A 1 19  ? 2.28135   10.90995  0.91825   1.000 33.11289 ? 65  CAF A CE2 1 
HETATM 74   O  O1  . CAF A 1 19  ? 3.27264   8.15048   0.97430   1.000 43.40143 ? 65  CAF A O1  1 
ATOM   75   N  N   . THR A 1 20  ? 3.72502   6.89476   -5.59322  1.000 25.47660 ? 66  THR A N   1 
ATOM   76   C  CA  . THR A 1 20  ? 4.35316   6.84703   -6.90233  1.000 30.22933 ? 66  THR A CA  1 
ATOM   77   C  C   . THR A 1 20  ? 3.55193   7.79789   -7.77472  1.000 35.68058 ? 66  THR A C   1 
ATOM   78   O  O   . THR A 1 20  ? 2.35395   7.97886   -7.55151  1.000 28.68966 ? 66  THR A O   1 
ATOM   79   C  CB  . THR A 1 20  ? 4.36641   5.42971   -7.50138  1.000 39.28998 ? 66  THR A CB  1 
ATOM   80   O  OG1 . THR A 1 20  ? 3.02261   4.95813   -7.65242  1.000 53.46989 ? 66  THR A OG1 1 
ATOM   81   C  CG2 . THR A 1 20  ? 5.13860   4.47277   -6.60147  1.000 38.73539 ? 66  THR A CG2 1 
ATOM   82   N  N   . HIS A 1 21  ? 4.18828   8.41032   -8.76520  1.000 22.79656 ? 67  HIS A N   1 
ATOM   83   C  CA  . HIS A 1 21  ? 3.48896   9.31327   -9.66361  1.000 30.43479 ? 67  HIS A CA  1 
ATOM   84   C  C   . HIS A 1 21  ? 3.39259   8.69991   -11.05175 1.000 25.40926 ? 67  HIS A C   1 
ATOM   85   O  O   . HIS A 1 21  ? 4.35338   8.10630   -11.55102 1.000 27.84675 ? 67  HIS A O   1 
ATOM   86   C  CB  . HIS A 1 21  ? 4.20576   10.66331  -9.73425  1.000 27.71504 ? 67  HIS A CB  1 
ATOM   87   C  CG  . HIS A 1 21  ? 4.20456   11.41140  -8.43821  1.000 40.59715 ? 67  HIS A CG  1 
ATOM   88   N  ND1 . HIS A 1 21  ? 3.32361   12.43654  -8.17027  1.000 50.67619 ? 67  HIS A ND1 1 
ATOM   89   C  CD2 . HIS A 1 21  ? 4.97278   11.27639  -7.33119  1.000 41.08391 ? 67  HIS A CD2 1 
ATOM   90   C  CE1 . HIS A 1 21  ? 3.55214   12.90436  -6.95609  1.000 42.74125 ? 67  HIS A CE1 1 
ATOM   91   N  NE2 . HIS A 1 21  ? 4.54766   12.21737  -6.42541  1.000 39.91084 ? 67  HIS A NE2 1 
ATOM   92   N  N   . LEU A 1 22  ? 2.21955   8.84812   -11.66350 1.000 30.13823 ? 68  LEU A N   1 
ATOM   93   C  CA  . LEU A 1 22  ? 1.97090   8.36025   -13.01289 1.000 24.33475 ? 68  LEU A CA  1 
ATOM   94   C  C   . LEU A 1 22  ? 0.83466   9.17605   -13.60669 1.000 24.28341 ? 68  LEU A C   1 
ATOM   95   O  O   . LEU A 1 22  ? -0.19926  9.35561   -12.95463 1.000 28.64231 ? 68  LEU A O   1 
ATOM   96   C  CB  . LEU A 1 22  ? 1.61794   6.86875   -13.00169 1.000 31.68378 ? 68  LEU A CB  1 
ATOM   97   C  CG  . LEU A 1 22  ? 1.87735   6.06882   -14.27742 1.000 41.21081 ? 68  LEU A CG  1 
ATOM   98   C  CD1 . LEU A 1 22  ? 3.34381   6.15170   -14.67539 1.000 32.83555 ? 68  LEU A CD1 1 
ATOM   99   C  CD2 . LEU A 1 22  ? 1.44539   4.62413   -14.08455 1.000 31.10258 ? 68  LEU A CD2 1 
ATOM   100  N  N   . GLU A 1 23  ? 1.02995   9.66905   -14.83220 1.000 32.37975 ? 69  GLU A N   1 
ATOM   101  C  CA  . GLU A 1 23  ? -0.01970  10.36945  -15.57636 1.000 29.18346 ? 69  GLU A CA  1 
ATOM   102  C  C   . GLU A 1 23  ? -0.54382  11.57461  -14.79804 1.000 25.02955 ? 69  GLU A C   1 
ATOM   103  O  O   . GLU A 1 23  ? -1.73465  11.89222  -14.83533 1.000 27.70476 ? 69  GLU A O   1 
ATOM   104  C  CB  . GLU A 1 23  ? -1.16421  9.41967   -15.93646 1.000 28.53562 ? 69  GLU A CB  1 
ATOM   105  C  CG  . GLU A 1 23  ? -0.73600  8.21610   -16.75183 1.000 35.42141 ? 69  GLU A CG  1 
ATOM   106  C  CD  . GLU A 1 23  ? -1.90669  7.34783   -17.16643 1.000 34.78036 ? 69  GLU A CD  1 
ATOM   107  O  OE1 . GLU A 1 23  ? -3.06363  7.80978   -17.06044 1.000 28.26141 ? 69  GLU A OE1 1 
ATOM   108  O  OE2 . GLU A 1 23  ? -1.66722  6.19968   -17.59482 1.000 30.68157 ? 69  GLU A OE2 1 
ATOM   109  N  N   . GLY A 1 24  ? 0.35276   12.25341  -14.08554 1.000 26.22406 ? 70  GLY A N   1 
ATOM   110  C  CA  . GLY A 1 24  ? -0.04484  13.39637  -13.28940 1.000 30.06511 ? 70  GLY A CA  1 
ATOM   111  C  C   . GLY A 1 24  ? -0.88741  13.07536  -12.07660 1.000 36.36436 ? 70  GLY A C   1 
ATOM   112  O  O   . GLY A 1 24  ? -1.39707  13.99797  -11.43382 1.000 35.80764 ? 70  GLY A O   1 
ATOM   113  N  N   . LYS A 1 25  ? -1.05723  11.79995  -11.74324 1.000 34.88732 ? 71  LYS A N   1 
ATOM   114  C  CA  . LYS A 1 25  ? -1.80780  11.38594  -10.56852 1.000 26.81833 ? 71  LYS A CA  1 
ATOM   115  C  C   . LYS A 1 25  ? -0.87833  10.69662  -9.57768  1.000 23.65622 ? 71  LYS A C   1 
ATOM   116  O  O   . LYS A 1 25  ? 0.28805   10.41711  -9.86802  1.000 27.14341 ? 71  LYS A O   1 
ATOM   117  C  CB  . LYS A 1 25  ? -2.96761  10.45782  -10.95320 1.000 26.56697 ? 71  LYS A CB  1 
ATOM   118  C  CG  . LYS A 1 25  ? -4.00553  11.10566  -11.85758 1.000 29.40684 ? 71  LYS A CG  1 
ATOM   119  C  CD  . LYS A 1 25  ? -5.15516  10.15581  -12.15136 1.000 33.11048 ? 71  LYS A CD  1 
ATOM   120  C  CE  . LYS A 1 25  ? -6.24176  10.84132  -12.96358 1.000 41.44896 ? 71  LYS A CE  1 
ATOM   121  N  NZ  . LYS A 1 25  ? -5.71134  11.41975  -14.22982 1.000 52.08931 ? 71  LYS A NZ  1 
ATOM   122  N  N   . VAL A 1 26  ? -1.41271  10.42350  -8.39095  1.000 23.49474 ? 72  VAL A N   1 
ATOM   123  C  CA  . VAL A 1 26  ? -0.63781  9.89334   -7.27734  1.000 17.43681 ? 72  VAL A CA  1 
ATOM   124  C  C   . VAL A 1 26  ? -1.18886  8.52479   -6.90850  1.000 20.85423 ? 72  VAL A C   1 
ATOM   125  O  O   . VAL A 1 26  ? -2.40094  8.36680   -6.72051  1.000 21.96731 ? 72  VAL A O   1 
ATOM   126  C  CB  . VAL A 1 26  ? -0.66964  10.83867  -6.06321  1.000 25.82263 ? 72  VAL A CB  1 
ATOM   127  C  CG1 . VAL A 1 26  ? 0.06617   10.21353  -4.89262  1.000 22.73982 ? 72  VAL A CG1 1 
ATOM   128  C  CG2 . VAL A 1 26  ? -0.06311  12.18641  -6.42446  1.000 28.35096 ? 72  VAL A CG2 1 
ATOM   129  N  N   . ILE A 1 27  ? -0.30107  7.54127   -6.80447  1.000 19.98336 ? 73  ILE A N   1 
ATOM   130  C  CA  . ILE A 1 27  ? -0.66108  6.18910   -6.39723  1.000 22.37658 ? 73  ILE A CA  1 
ATOM   131  C  C   . ILE A 1 27  ? -0.01124  5.93979   -5.04564  1.000 20.73997 ? 73  ILE A C   1 
ATOM   132  O  O   . ILE A 1 27  ? 1.21924   5.97529   -4.92669  1.000 20.61588 ? 73  ILE A O   1 
ATOM   133  C  CB  . ILE A 1 27  ? -0.21102  5.14331   -7.42799  1.000 24.00009 ? 73  ILE A CB  1 
ATOM   134  C  CG1 . ILE A 1 27  ? -0.77535  5.47505   -8.81125  1.000 19.29049 ? 73  ILE A CG1 1 
ATOM   135  C  CG2 . ILE A 1 27  ? -0.63981  3.74843   -6.99132  1.000 16.72969 ? 73  ILE A CG2 1 
ATOM   136  C  CD1 . ILE A 1 27  ? -0.07498  4.75196   -9.94373  1.000 25.31894 ? 73  ILE A CD1 1 
ATOM   137  N  N   . LEU A 1 28  ? -0.82929  5.67152   -4.03319  1.000 18.10222 ? 74  LEU A N   1 
ATOM   138  C  CA  . LEU A 1 28  ? -0.32843  5.31440   -2.71326  1.000 19.01622 ? 74  LEU A CA  1 
ATOM   139  C  C   . LEU A 1 28  ? -0.22038  3.79761   -2.64349  1.000 20.76285 ? 74  LEU A C   1 
ATOM   140  O  O   . LEU A 1 28  ? -1.21343  3.09185   -2.84310  1.000 19.38587 ? 74  LEU A O   1 
ATOM   141  C  CB  . LEU A 1 28  ? -1.25260  5.85996   -1.62316  1.000 21.38372 ? 74  LEU A CB  1 
ATOM   142  C  CG  . LEU A 1 28  ? -0.73631  6.00000   -0.18575  1.000 30.00196 ? 74  LEU A CG  1 
ATOM   143  C  CD1 . LEU A 1 28  ? -1.63942  6.93929   0.59806   1.000 27.65566 ? 74  LEU A CD1 1 
ATOM   144  C  CD2 . LEU A 1 28  ? -0.63565  4.65694   0.52325   1.000 40.83954 ? 74  LEU A CD2 1 
ATOM   145  N  N   . VAL A 1 29  ? 0.98016   3.30070   -2.35965  1.000 13.70969 ? 75  VAL A N   1 
ATOM   146  C  CA  . VAL A 1 29  ? 1.26714   1.87136   -2.37008  1.000 14.02567 ? 75  VAL A CA  1 
ATOM   147  C  C   . VAL A 1 29  ? 1.68840   1.45352   -0.96994  1.000 22.19462 ? 75  VAL A C   1 
ATOM   148  O  O   . VAL A 1 29  ? 2.64009   2.01201   -0.40941  1.000 15.94818 ? 75  VAL A O   1 
ATOM   149  C  CB  . VAL A 1 29  ? 2.35998   1.51916   -3.39204  1.000 22.46487 ? 75  VAL A CB  1 
ATOM   150  C  CG1 . VAL A 1 29  ? 2.67156   0.02762   -3.34765  1.000 19.60749 ? 75  VAL A CG1 1 
ATOM   151  C  CG2 . VAL A 1 29  ? 1.93908   1.94241   -4.78932  1.000 22.30161 ? 75  VAL A CG2 1 
ATOM   152  N  N   . ALA A 1 30  ? 0.98032   0.47861   -0.40661  1.000 12.22626 ? 76  ALA A N   1 
ATOM   153  C  CA  . ALA A 1 30  ? 1.36046   -0.14593  0.85127   1.000 11.40438 ? 76  ALA A CA  1 
ATOM   154  C  C   . ALA A 1 30  ? 1.82249   -1.56556  0.56044   1.000 27.53012 ? 76  ALA A C   1 
ATOM   155  O  O   . ALA A 1 30  ? 1.14669   -2.30568  -0.16304  1.000 17.97017 ? 76  ALA A O   1 
ATOM   156  C  CB  . ALA A 1 30  ? 0.19327   -0.15404  1.84035   1.000 16.67456 ? 76  ALA A CB  1 
ATOM   157  N  N   . VAL A 1 31  ? 2.96816   -1.94168  1.12189   1.000 20.17272 ? 77  VAL A N   1 
ATOM   158  C  CA  . VAL A 1 31  ? 3.52554   -3.27863  0.96299   1.000 16.98815 ? 77  VAL A CA  1 
ATOM   159  C  C   . VAL A 1 31  ? 3.66636   -3.91820  2.33498   1.000 19.28908 ? 77  VAL A C   1 
ATOM   160  O  O   . VAL A 1 31  ? 4.27556   -3.33311  3.23804   1.000 19.80596 ? 77  VAL A O   1 
ATOM   161  C  CB  . VAL A 1 31  ? 4.88524   -3.24409  0.24084   1.000 23.19675 ? 77  VAL A CB  1 
ATOM   162  C  CG1 . VAL A 1 31  ? 5.39498   -4.65871  0.00265   1.000 25.43359 ? 77  VAL A CG1 1 
ATOM   163  C  CG2 . VAL A 1 31  ? 4.77499   -2.48136  -1.07358  1.000 22.36177 ? 77  VAL A CG2 1 
ATOM   164  N  N   . HIS A 1 32  ? 3.09722   -5.11036  2.49318   1.000 17.50407 ? 78  HIS A N   1 
ATOM   165  C  CA  . HIS A 1 32  ? 3.36045   -5.92494  3.67311   1.000 19.41279 ? 78  HIS A CA  1 
ATOM   166  C  C   . HIS A 1 32  ? 4.73646   -6.55689  3.49471   1.000 27.36071 ? 78  HIS A C   1 
ATOM   167  O  O   . HIS A 1 32  ? 4.92517   -7.41102  2.62152   1.000 20.45403 ? 78  HIS A O   1 
ATOM   168  C  CB  . HIS A 1 32  ? 2.27300   -6.97930  3.85731   1.000 14.15885 ? 78  HIS A CB  1 
ATOM   169  C  CG  . HIS A 1 32  ? 2.44851   -7.81857  5.08395   1.000 21.02547 ? 78  HIS A CG  1 
ATOM   170  N  ND1 . HIS A 1 32  ? 2.84468   -9.13754  5.03390   1.000 19.31796 ? 78  HIS A ND1 1 
ATOM   171  C  CD2 . HIS A 1 32  ? 2.28290   -7.52492  6.39556   1.000 15.23675 ? 78  HIS A CD2 1 
ATOM   172  C  CE1 . HIS A 1 32  ? 2.91406   -9.62098  6.26150   1.000 24.26289 ? 78  HIS A CE1 1 
ATOM   173  N  NE2 . HIS A 1 32  ? 2.57772   -8.66290  7.10644   1.000 26.26719 ? 78  HIS A NE2 1 
ATOM   174  N  N   . VAL A 1 33  ? 5.70009   -6.13081  4.31530   1.000 22.24057 ? 79  VAL A N   1 
ATOM   175  C  CA  . VAL A 1 33  ? 7.10816   -6.39153  4.02072   1.000 22.63527 ? 79  VAL A CA  1 
ATOM   176  C  C   . VAL A 1 33  ? 7.39770   -7.88798  4.02355   1.000 20.48588 ? 79  VAL A C   1 
ATOM   177  O  O   . VAL A 1 33  ? 8.13795   -8.39356  3.17074   1.000 20.25731 ? 79  VAL A O   1 
ATOM   178  C  CB  . VAL A 1 33  ? 8.00730   -5.63917  5.01968   1.000 25.45810 ? 79  VAL A CB  1 
ATOM   179  C  CG1 . VAL A 1 33  ? 9.47526   -5.92086  4.73365   1.000 29.85603 ? 79  VAL A CG1 1 
ATOM   180  C  CG2 . VAL A 1 33  ? 7.72441   -4.14407  4.96669   1.000 25.31395 ? 79  VAL A CG2 1 
ATOM   181  N  N   . ALA A 1 34  ? 6.80555   -8.62320  4.96602   1.000 21.76484 ? 80  ALA A N   1 
ATOM   182  C  CA  . ALA A 1 34  ? 7.14055   -10.03572 5.11275   1.000 30.22931 ? 80  ALA A CA  1 
ATOM   183  C  C   . ALA A 1 34  ? 6.60755   -10.87633 3.95930   1.000 35.55167 ? 80  ALA A C   1 
ATOM   184  O  O   . ALA A 1 34  ? 7.17814   -11.92872 3.65093   1.000 27.47637 ? 80  ALA A O   1 
ATOM   185  C  CB  . ALA A 1 34  ? 6.60690   -10.56726 6.44323   1.000 24.95139 ? 80  ALA A CB  1 
ATOM   186  N  N   . SER A 1 35  ? 5.52670   -10.43862 3.30901   1.000 23.22209 ? 81  SER A N   1 
ATOM   187  C  CA  . SER A 1 35  ? 4.87990   -11.24507 2.28334   1.000 24.03891 ? 81  SER A CA  1 
ATOM   188  C  C   . SER A 1 35  ? 5.01718   -10.69305 0.87195   1.000 22.96360 ? 81  SER A C   1 
ATOM   189  O  O   . SER A 1 35  ? 4.91083   -11.46751 -0.08362  1.000 24.96472 ? 81  SER A O   1 
ATOM   190  C  CB  . SER A 1 35  ? 3.38681   -11.41058 2.60123   1.000 26.62450 ? 81  SER A CB  1 
ATOM   191  O  OG  . SER A 1 35  ? 2.70834   -10.16926 2.50859   1.000 22.75134 ? 81  SER A OG  1 
ATOM   192  N  N   . GLY A 1 36  ? 5.25284   -9.39238  0.71001   1.000 24.93439 ? 82  GLY A N   1 
ATOM   193  C  CA  . GLY A 1 36  ? 5.15815   -8.78172  -0.59860  1.000 20.82958 ? 82  GLY A CA  1 
ATOM   194  C  C   . GLY A 1 36  ? 3.75845   -8.41065  -1.03888  1.000 16.21511 ? 82  GLY A C   1 
ATOM   195  O  O   . GLY A 1 36  ? 3.59673   -7.88660  -2.14935  1.000 18.93633 ? 82  GLY A O   1 
ATOM   196  N  N   . TYR A 1 37  ? 2.74609   -8.66801  -0.21245  1.000 16.39702 ? 83  TYR A N   1 
ATOM   197  C  CA  . TYR A 1 37  ? 1.37914   -8.28454  -0.53985  1.000 16.93814 ? 83  TYR A CA  1 
ATOM   198  C  C   . TYR A 1 37  ? 1.25870   -6.76759  -0.62693  1.000 16.77793 ? 83  TYR A C   1 
ATOM   199  O  O   . TYR A 1 37  ? 1.83931   -6.03448  0.17814   1.000 17.26608 ? 83  TYR A O   1 
ATOM   200  C  CB  . TYR A 1 37  ? 0.43180   -8.84764  0.52104   1.000 17.78378 ? 83  TYR A CB  1 
ATOM   201  C  CG  . TYR A 1 37  ? -0.96907  -8.28537  0.51455   1.000 23.82685 ? 83  TYR A CG  1 
ATOM   202  C  CD1 . TYR A 1 37  ? -1.29621  -7.18574  1.29443   1.000 19.99067 ? 83  TYR A CD1 1 
ATOM   203  C  CD2 . TYR A 1 37  ? -1.97229  -8.87208  -0.24423  1.000 21.32378 ? 83  TYR A CD2 1 
ATOM   204  C  CE1 . TYR A 1 37  ? -2.56972  -6.67554  1.30653   1.000 21.60133 ? 83  TYR A CE1 1 
ATOM   205  C  CE2 . TYR A 1 37  ? -3.25894  -8.36501  -0.23740  1.000 24.99753 ? 83  TYR A CE2 1 
ATOM   206  C  CZ  . TYR A 1 37  ? -3.54834  -7.26300  0.53996   1.000 31.71974 ? 83  TYR A CZ  1 
ATOM   207  O  OH  . TYR A 1 37  ? -4.82100  -6.74324  0.56644   1.000 39.81776 ? 83  TYR A OH  1 
ATOM   208  N  N   . ILE A 1 38  ? 0.49019   -6.29708  -1.60897  1.000 16.59437 ? 84  ILE A N   1 
ATOM   209  C  CA  . ILE A 1 38  ? 0.32256   -4.87198  -1.86693  1.000 19.69109 ? 84  ILE A CA  1 
ATOM   210  C  C   . ILE A 1 38  ? -1.14860  -4.48633  -1.75906  1.000 26.89499 ? 84  ILE A C   1 
ATOM   211  O  O   . ILE A 1 38  ? -2.03560  -5.25596  -2.14497  1.000 14.72914 ? 84  ILE A O   1 
ATOM   212  C  CB  . ILE A 1 38  ? 0.89073   -4.50439  -3.25655  1.000 24.66488 ? 84  ILE A CB  1 
ATOM   213  C  CG1 . ILE A 1 38  ? 2.41387   -4.66400  -3.26844  1.000 18.44940 ? 84  ILE A CG1 1 
ATOM   214  C  CG2 . ILE A 1 38  ? 0.50081   -3.09064  -3.66912  1.000 26.21399 ? 84  ILE A CG2 1 
ATOM   215  C  CD1 . ILE A 1 38  ? 3.04932   -4.34921  -4.60632  1.000 24.57599 ? 84  ILE A CD1 1 
ATOM   216  N  N   . GLU A 1 39  ? -1.39673  -3.28312  -1.23484  1.000 17.78159 ? 85  GLU A N   1 
ATOM   217  C  CA  . GLU A 1 39  ? -2.65528  -2.56331  -1.38339  1.000 18.13534 ? 85  GLU A CA  1 
ATOM   218  C  C   . GLU A 1 39  ? -2.33979  -1.19446  -1.96050  1.000 18.81425 ? 85  GLU A C   1 
ATOM   219  O  O   . GLU A 1 39  ? -1.33969  -0.57682  -1.58267  1.000 20.13445 ? 85  GLU A O   1 
ATOM   220  C  CB  . GLU A 1 39  ? -3.39036  -2.38038  -0.04883  1.000 20.82671 ? 85  GLU A CB  1 
ATOM   221  C  CG  . GLU A 1 39  ? -3.84364  -3.64977  0.62266   1.000 29.47429 ? 85  GLU A CG  1 
ATOM   222  C  CD  . GLU A 1 39  ? -4.90200  -3.39344  1.67776   1.000 24.94616 ? 85  GLU A CD  1 
ATOM   223  O  OE1 . GLU A 1 39  ? -5.34219  -2.23140  1.80985   1.000 26.83526 ? 85  GLU A OE1 1 
ATOM   224  O  OE2 . GLU A 1 39  ? -5.29248  -4.35165  2.37526   1.000 22.19226 ? 85  GLU A OE2 1 
ATOM   225  N  N   . ALA A 1 40  ? -3.18392  -0.71380  -2.87111  1.000 16.35987 ? 86  ALA A N   1 
ATOM   226  C  CA  . ALA A 1 40  ? -2.92670  0.59154   -3.45823  1.000 15.85210 ? 86  ALA A CA  1 
ATOM   227  C  C   . ALA A 1 40  ? -4.22976  1.32313   -3.74404  1.000 28.07417 ? 86  ALA A C   1 
ATOM   228  O  O   . ALA A 1 40  ? -5.30489  0.72432   -3.82843  1.000 19.99100 ? 86  ALA A O   1 
ATOM   229  C  CB  . ALA A 1 40  ? -2.10012  0.46973   -4.74439  1.000 19.57445 ? 86  ALA A CB  1 
ATOM   230  N  N   . GLU A 1 41  ? -4.10282  2.63962   -3.90447  1.000 17.96491 ? 87  GLU A N   1 
ATOM   231  C  CA  . GLU A 1 41  ? -5.21277  3.55055   -4.14314  1.000 18.12774 ? 87  GLU A CA  1 
ATOM   232  C  C   . GLU A 1 41  ? -4.66171  4.69903   -4.97268  1.000 23.91050 ? 87  GLU A C   1 
ATOM   233  O  O   . GLU A 1 41  ? -3.53817  5.15114   -4.73430  1.000 16.95969 ? 87  GLU A O   1 
ATOM   234  C  CB  . GLU A 1 41  ? -5.82502  4.08161   -2.83827  1.000 20.27672 ? 87  GLU A CB  1 
ATOM   235  C  CG  . GLU A 1 41  ? -6.51040  3.03562   -1.96700  1.000 29.12720 ? 87  GLU A CG  1 
ATOM   236  C  CD  . GLU A 1 41  ? -7.96195  2.80506   -2.34202  1.000 31.63715 ? 87  GLU A CD  1 
ATOM   237  O  OE1 . GLU A 1 41  ? -8.67942  2.15668   -1.55108  1.000 42.94360 ? 87  GLU A OE1 1 
ATOM   238  O  OE2 . GLU A 1 41  ? -8.38779  3.27405   -3.41957  1.000 40.51924 ? 87  GLU A OE2 1 
ATOM   239  N  N   . VAL A 1 42  ? -5.44082  5.16965   -5.93884  1.000 21.49019 ? 88  VAL A N   1 
ATOM   240  C  CA  . VAL A 1 42  ? -5.12926  6.41855   -6.62301  1.000 21.75335 ? 88  VAL A CA  1 
ATOM   241  C  C   . VAL A 1 42  ? -5.77898  7.57204   -5.87442  1.000 26.45560 ? 88  VAL A C   1 
ATOM   242  O  O   . VAL A 1 42  ? -6.99175  7.56408   -5.63272  1.000 20.49245 ? 88  VAL A O   1 
ATOM   243  C  CB  . VAL A 1 42  ? -5.59848  6.37668   -8.08607  1.000 24.53763 ? 88  VAL A CB  1 
ATOM   244  C  CG1 . VAL A 1 42  ? -5.51089  7.76298   -8.71375  1.000 27.02699 ? 88  VAL A CG1 1 
ATOM   245  C  CG2 . VAL A 1 42  ? -4.77303  5.37540   -8.87191  1.000 23.07433 ? 88  VAL A CG2 1 
ATOM   246  N  N   . ILE A 1 43  ? -4.97247  8.56244   -5.50613  1.000 27.03647 ? 89  ILE A N   1 
ATOM   247  C  CA  . ILE A 1 43  ? -5.44969  9.72760   -4.76597  1.000 30.70644 ? 89  ILE A CA  1 
ATOM   248  C  C   . ILE A 1 43  ? -5.18842  10.96496  -5.61836  1.000 35.94859 ? 89  ILE A C   1 
ATOM   249  O  O   . ILE A 1 43  ? -4.27715  10.94843  -6.45921  1.000 37.81198 ? 89  ILE A O   1 
ATOM   250  C  CB  . ILE A 1 43  ? -4.77818  9.83391   -3.38634  1.000 31.17161 ? 89  ILE A CB  1 
ATOM   251  C  CG1 . ILE A 1 43  ? -3.25847  9.91199   -3.52885  1.000 27.53164 ? 89  ILE A CG1 1 
ATOM   252  C  CG2 . ILE A 1 43  ? -5.17543  8.65544   -2.50560  1.000 28.96597 ? 89  ILE A CG2 1 
ATOM   253  C  CD1 . ILE A 1 43  ? -2.53082  10.07449  -2.20942  1.000 27.51765 ? 89  ILE A CD1 1 
ATOM   254  N  N   . PRO A 1 44  ? -5.95410  12.04922  -5.45596  1.000 50.86359 ? 90  PRO A N   1 
ATOM   255  C  CA  . PRO A 1 44  ? -5.75962  13.19865  -6.35550  1.000 57.13229 ? 90  PRO A CA  1 
ATOM   256  C  C   . PRO A 1 44  ? -4.42331  13.89072  -6.15092  1.000 55.57134 ? 90  PRO A C   1 
ATOM   257  O  O   . PRO A 1 44  ? -3.77067  14.26955  -7.13202  1.000 48.48254 ? 90  PRO A O   1 
ATOM   258  C  CB  . PRO A 1 44  ? -6.94552  14.11366  -6.02068  1.000 52.11961 ? 90  PRO A CB  1 
ATOM   259  C  CG  . PRO A 1 44  ? -7.32301  13.75742  -4.62901  1.000 48.71265 ? 90  PRO A CG  1 
ATOM   260  C  CD  . PRO A 1 44  ? -6.99683  12.30130  -4.44474  1.000 43.15336 ? 90  PRO A CD  1 
ATOM   261  N  N   . ALA A 1 45  ? -3.99237  14.06108  -4.90231  1.000 52.96241 ? 91  ALA A N   1 
ATOM   262  C  CA  . ALA A 1 45  ? -2.70315  14.67044  -4.61371  1.000 46.41165 ? 91  ALA A CA  1 
ATOM   263  C  C   . ALA A 1 45  ? -2.12955  14.06552  -3.34021  1.000 42.22278 ? 91  ALA A C   1 
ATOM   264  O  O   . ALA A 1 45  ? -2.84510  13.46409  -2.53408  1.000 38.90080 ? 91  ALA A O   1 
ATOM   265  C  CB  . ALA A 1 45  ? -2.81788  16.19371  -4.47995  1.000 43.34954 ? 91  ALA A CB  1 
ATOM   266  N  N   . GLU A 1 46  ? -0.81825  14.23358  -3.17409  1.000 33.03315 ? 92  GLU A N   1 
ATOM   267  C  CA  . GLU A 1 46  ? -0.12749  13.82668  -1.95475  1.000 33.39432 ? 92  GLU A CA  1 
ATOM   268  C  C   . GLU A 1 46  ? -0.46803  14.79718  -0.83340  1.000 33.27489 ? 92  GLU A C   1 
ATOM   269  O  O   . GLU A 1 46  ? 0.01604   15.93369  -0.82318  1.000 59.56887 ? 92  GLU A O   1 
ATOM   270  C  CB  . GLU A 1 46  ? 1.38011   13.80460  -2.18826  1.000 26.82706 ? 92  GLU A CB  1 
ATOM   271  C  CG  . GLU A 1 46  ? 1.92405   12.56539  -2.86170  1.000 30.42021 ? 92  GLU A CG  1 
ATOM   272  C  CD  . GLU A 1 46  ? 3.43539   12.48542  -2.76148  1.000 35.02478 ? 92  GLU A CD  1 
ATOM   273  O  OE1 . GLU A 1 46  ? 4.08607   12.08596  -3.74965  1.000 32.85485 ? 92  GLU A OE1 1 
ATOM   274  O  OE2 . GLU A 1 46  ? 3.97438   12.83778  -1.69156  1.000 50.38664 ? 92  GLU A OE2 1 
ATOM   275  N  N   . THR A 1 47  ? -1.29321  14.35760  0.11652   1.000 25.78413 ? 93  THR A N   1 
ATOM   276  C  CA  . THR A 1 47  ? -1.57446  15.14697  1.30729   1.000 25.36949 ? 93  THR A CA  1 
ATOM   277  C  C   . THR A 1 47  ? -1.60955  14.23639  2.52530   1.000 30.64459 ? 93  THR A C   1 
ATOM   278  O  O   . THR A 1 47  ? -1.84540  13.02920  2.42169   1.000 20.89265 ? 93  THR A O   1 
ATOM   279  C  CB  . THR A 1 47  ? -2.91569  15.89631  1.20829   1.000 31.74979 ? 93  THR A CB  1 
ATOM   280  O  OG1 . THR A 1 47  ? -3.98557  14.95028  1.08400   1.000 26.16479 ? 93  THR A OG1 1 
ATOM   281  C  CG2 . THR A 1 47  ? -2.93865  16.84394  0.01202   1.000 39.79772 ? 93  THR A CG2 1 
ATOM   282  N  N   . GLY A 1 48  ? -1.36374  14.84126  3.69010   1.000 25.29390 ? 94  GLY A N   1 
ATOM   283  C  CA  . GLY A 1 48  ? -1.45796  14.10110  4.93801   1.000 28.51766 ? 94  GLY A CA  1 
ATOM   284  C  C   . GLY A 1 48  ? -2.84065  13.52843  5.18492   1.000 22.21025 ? 94  GLY A C   1 
ATOM   285  O  O   . GLY A 1 48  ? -2.98049  12.42947  5.72707   1.000 19.60288 ? 94  GLY A O   1 
ATOM   286  N  N   . GLN A 1 49  ? -3.88138  14.26496  4.78409   1.000 19.18910 ? 95  GLN A N   1 
ATOM   287  C  CA  . GLN A 1 49  ? -5.24886  13.77778  4.94192   1.000 22.97758 ? 95  GLN A CA  1 
ATOM   288  C  C   . GLN A 1 49  ? -5.46989  12.47992  4.17676   1.000 23.05382 ? 95  GLN A C   1 
ATOM   289  O  O   . GLN A 1 49  ? -6.07895  11.53978  4.70136   1.000 18.84675 ? 95  GLN A O   1 
ATOM   290  C  CB  . GLN A 1 49  ? -6.24253  14.85196  4.50103   1.000 23.62936 ? 95  GLN A CB  1 
ATOM   291  C  CG  . GLN A 1 49  ? -6.28851  16.04653  5.44371   1.000 39.74530 ? 95  GLN A CG  1 
ATOM   292  C  CD  . GLN A 1 49  ? -7.59750  16.80548  5.37230   1.000 42.31026 ? 95  GLN A CD  1 
ATOM   293  O  OE1 . GLN A 1 49  ? -8.51670  16.41656  4.65216   1.000 40.20403 ? 95  GLN A OE1 1 
ATOM   294  N  NE2 . GLN A 1 49  ? -7.68910  17.89667  6.12434   1.000 47.65658 ? 95  GLN A NE2 1 
ATOM   295  N  N   . GLU A 1 50  ? -4.98841  12.40765  2.93421   1.000 19.02630 ? 96  GLU A N   1 
ATOM   296  C  CA  . GLU A 1 50  ? -5.15532  11.18022  2.16396   1.000 21.11808 ? 96  GLU A CA  1 
ATOM   297  C  C   . GLU A 1 50  ? -4.35348  10.04700  2.78865   1.000 18.63009 ? 96  GLU A C   1 
ATOM   298  O  O   . GLU A 1 50  ? -4.83186  8.90931   2.86610   1.000 18.26458 ? 96  GLU A O   1 
ATOM   299  C  CB  . GLU A 1 50  ? -4.74751  11.40461  0.70754   1.000 20.71953 ? 96  GLU A CB  1 
ATOM   300  C  CG  . GLU A 1 50  ? -5.65104  12.37586  -0.04534  1.000 22.98533 ? 96  GLU A CG  1 
ATOM   301  C  CD  . GLU A 1 50  ? -7.04562  11.82302  -0.29702  1.000 33.43296 ? 96  GLU A CD  1 
ATOM   302  O  OE1 . GLU A 1 50  ? -7.26029  10.60727  -0.10228  1.000 34.74145 ? 96  GLU A OE1 1 
ATOM   303  O  OE2 . GLU A 1 50  ? -7.93239  12.61082  -0.68755  1.000 44.05189 ? 96  GLU A OE2 1 
ATOM   304  N  N   . THR A 1 51  ? -3.12383  10.33653  3.22328   1.000 16.34232 ? 97  THR A N   1 
ATOM   305  C  CA  . THR A 1 51  ? -2.30707  9.31459   3.86914   1.000 21.63552 ? 97  THR A CA  1 
ATOM   306  C  C   . THR A 1 51  ? -2.97526  8.81961   5.14623   1.000 18.87833 ? 97  THR A C   1 
ATOM   307  O  O   . THR A 1 51  ? -3.01195  7.61113   5.41043   1.000 14.16194 ? 97  THR A O   1 
ATOM   308  C  CB  . THR A 1 51  ? -0.91320  9.86504   4.17050   1.000 18.88704 ? 97  THR A CB  1 
ATOM   309  O  OG1 . THR A 1 51  ? -0.28845  10.28061  2.95002   1.000 19.29236 ? 97  THR A OG1 1 
ATOM   310  C  CG2 . THR A 1 51  ? -0.04868  8.80277   4.84276   1.000 16.16031 ? 97  THR A CG2 1 
ATOM   311  N  N   . ALA A 1 52  ? -3.49828  9.74548   5.95762   1.000 16.51893 ? 98  ALA A N   1 
ATOM   312  C  CA  . ALA A 1 52  ? -4.15664  9.36308   7.20333   1.000 19.99336 ? 98  ALA A CA  1 
ATOM   313  C  C   . ALA A 1 52  ? -5.36261  8.47532   6.93240   1.000 16.49763 ? 98  ALA A C   1 
ATOM   314  O  O   . ALA A 1 52  ? -5.56652  7.46296   7.61374   1.000 14.00189 ? 98  ALA A O   1 
ATOM   315  C  CB  . ALA A 1 52  ? -4.57427  10.61121  7.98168   1.000 13.75438 ? 98  ALA A CB  1 
ATOM   316  N  N   . TYR A 1 53  ? -6.17218  8.84007   5.93582   1.000 15.07117 ? 99  TYR A N   1 
ATOM   317  C  CA  . TYR A 1 53  ? -7.36684  8.06309   5.62847   1.000 20.14436 ? 99  TYR A CA  1 
ATOM   318  C  C   . TYR A 1 53  ? -6.98980  6.66212   5.16431   1.000 13.87178 ? 99  TYR A C   1 
ATOM   319  O  O   . TYR A 1 53  ? -7.61764  5.67457   5.56519   1.000 13.37325 ? 99  TYR A O   1 
ATOM   320  C  CB  . TYR A 1 53  ? -8.21059  8.78070   4.57461   1.000 15.55166 ? 99  TYR A CB  1 
ATOM   321  C  CG  . TYR A 1 53  ? -9.52165  8.08596   4.28725   1.000 19.51737 ? 99  TYR A CG  1 
ATOM   322  C  CD1 . TYR A 1 53  ? -10.49271 7.96944   5.27132   1.000 15.07068 ? 99  TYR A CD1 1 
ATOM   323  C  CD2 . TYR A 1 53  ? -9.78846  7.54582   3.03548   1.000 18.09110 ? 99  TYR A CD2 1 
ATOM   324  C  CE1 . TYR A 1 53  ? -11.68967 7.33413   5.02153   1.000 15.79477 ? 99  TYR A CE1 1 
ATOM   325  C  CE2 . TYR A 1 53  ? -10.98892 6.90803   2.77400   1.000 22.31968 ? 99  TYR A CE2 1 
ATOM   326  C  CZ  . TYR A 1 53  ? -11.93488 6.80614   3.77143   1.000 23.30860 ? 99  TYR A CZ  1 
ATOM   327  O  OH  . TYR A 1 53  ? -13.13018 6.17156   3.52151   1.000 19.77543 ? 99  TYR A OH  1 
ATOM   328  N  N   . PHE A 1 54  ? -5.97400  6.56211   4.30237   1.000 15.57303 ? 100 PHE A N   1 
ATOM   329  C  CA  . PHE A 1 54  ? -5.48699  5.25857   3.86126   1.000 13.28494 ? 100 PHE A CA  1 
ATOM   330  C  C   . PHE A 1 54  ? -5.02233  4.40855   5.03780   1.000 13.30161 ? 100 PHE A C   1 
ATOM   331  O  O   . PHE A 1 54  ? -5.32154  3.20994   5.10091   1.000 10.65379 ? 100 PHE A O   1 
ATOM   332  C  CB  . PHE A 1 54  ? -4.34946  5.44533   2.85563   1.000 14.22665 ? 100 PHE A CB  1 
ATOM   333  C  CG  . PHE A 1 54  ? -3.90029  4.17020   2.19541   1.000 21.73785 ? 100 PHE A CG  1 
ATOM   334  C  CD1 . PHE A 1 54  ? -2.99944  3.32702   2.82903   1.000 16.55735 ? 100 PHE A CD1 1 
ATOM   335  C  CD2 . PHE A 1 54  ? -4.36564  3.81981   0.93960   1.000 20.94980 ? 100 PHE A CD2 1 
ATOM   336  C  CE1 . PHE A 1 54  ? -2.58010  2.15591   2.22947   1.000 19.85096 ? 100 PHE A CE1 1 
ATOM   337  C  CE2 . PHE A 1 54  ? -3.94627  2.64952   0.33302   1.000 17.13510 ? 100 PHE A CE2 1 
ATOM   338  C  CZ  . PHE A 1 54  ? -3.05357  1.81708   0.97920   1.000 14.72983 ? 100 PHE A CZ  1 
ATOM   339  N  N   . LEU A 1 55  ? -4.28216  5.00806   5.97492   1.000 12.52106 ? 101 LEU A N   1 
ATOM   340  C  CA  . LEU A 1 55  ? -3.80366  4.25815   7.13299   1.000 11.78636 ? 101 LEU A CA  1 
ATOM   341  C  C   . LEU A 1 55  ? -4.95808  3.73339   7.97564   1.000 12.05285 ? 101 LEU A C   1 
ATOM   342  O  O   . LEU A 1 55  ? -4.89404  2.61264   8.49401   1.000 13.73286 ? 101 LEU A O   1 
ATOM   343  C  CB  . LEU A 1 55  ? -2.87557  5.12963   7.98076   1.000 13.61980 ? 101 LEU A CB  1 
ATOM   344  C  CG  . LEU A 1 55  ? -1.46084  5.33274   7.44217   1.000 16.21340 ? 101 LEU A CG  1 
ATOM   345  C  CD1 . LEU A 1 55  ? -0.79747  6.52832   8.10673   1.000 21.47840 ? 101 LEU A CD1 1 
ATOM   346  C  CD2 . LEU A 1 55  ? -0.65428  4.06896   7.69656   1.000 17.36232 ? 101 LEU A CD2 1 
ATOM   347  N  N   . LEU A 1 56  ? -6.01947  4.52940   8.13146   1.000 16.09236 ? 102 LEU A N   1 
ATOM   348  C  CA  . LEU A 1 56  ? -7.17974  4.06165   8.88407   1.000 15.37032 ? 102 LEU A CA  1 
ATOM   349  C  C   . LEU A 1 56  ? -7.81096  2.84672   8.21872   1.000 12.27592 ? 102 LEU A C   1 
ATOM   350  O  O   . LEU A 1 56  ? -8.20832  1.89321   8.89941   1.000 16.02266 ? 102 LEU A O   1 
ATOM   351  C  CB  . LEU A 1 56  ? -8.20912  5.18296   9.03085   1.000 13.00726 ? 102 LEU A CB  1 
ATOM   352  C  CG  . LEU A 1 56  ? -7.84031  6.34095   9.95960   1.000 26.30966 ? 102 LEU A CG  1 
ATOM   353  C  CD1 . LEU A 1 56  ? -8.98707  7.33793   10.06187  1.000 23.22164 ? 102 LEU A CD1 1 
ATOM   354  C  CD2 . LEU A 1 56  ? -7.45241  5.82537   11.33586  1.000 22.07017 ? 102 LEU A CD2 1 
ATOM   355  N  N   . LYS A 1 57  ? -7.90976  2.86177   6.88712   1.000 14.14571 ? 103 LYS A N   1 
ATOM   356  C  CA  . LYS A 1 57  ? -8.47960  1.72338   6.17413   1.000 17.19336 ? 103 LYS A CA  1 
ATOM   357  C  C   . LYS A 1 57  ? -7.57860  0.50165   6.28403   1.000 16.97106 ? 103 LYS A C   1 
ATOM   358  O  O   . LYS A 1 57  ? -8.05317  -0.60878  6.55044   1.000 17.46614 ? 103 LYS A O   1 
ATOM   359  C  CB  . LYS A 1 57  ? -8.70593  2.07847   4.70390   1.000 14.08566 ? 103 LYS A CB  1 
ATOM   360  C  CG  . LYS A 1 57  ? -9.80023  3.09808   4.45729   1.000 18.43147 ? 103 LYS A CG  1 
ATOM   361  C  CD  . LYS A 1 57  ? -10.20772 3.11742   2.99312   1.000 22.13459 ? 103 LYS A CD  1 
ATOM   362  C  CE  . LYS A 1 57  ? -9.10053  3.67890   2.12021   1.000 36.21464 ? 103 LYS A CE  1 
ATOM   363  N  NZ  . LYS A 1 57  ? -9.51456  3.76370   0.69289   1.000 38.19878 ? 103 LYS A NZ  1 
ATOM   364  N  N   . LEU A 1 58  ? -6.27308  0.68981   6.06889   1.000 14.58381 ? 104 LEU A N   1 
ATOM   365  C  CA  . LEU A 1 58  ? -5.32315  -0.41145  6.19239   1.000 13.69234 ? 104 LEU A CA  1 
ATOM   366  C  C   . LEU A 1 58  ? -5.38453  -1.04151  7.57876   1.000 16.35416 ? 104 LEU A C   1 
ATOM   367  O  O   . LEU A 1 58  ? -5.41789  -2.27036  7.71494   1.000 17.84167 ? 104 LEU A O   1 
ATOM   368  C  CB  . LEU A 1 58  ? -3.90938  0.08515   5.88547   1.000 14.74240 ? 104 LEU A CB  1 
ATOM   369  C  CG  . LEU A 1 58  ? -2.82260  -0.98091  5.72745   1.000 17.57537 ? 104 LEU A CG  1 
ATOM   370  C  CD1 . LEU A 1 58  ? -3.01129  -1.74313  4.42097   1.000 15.85150 ? 104 LEU A CD1 1 
ATOM   371  C  CD2 . LEU A 1 58  ? -1.43921  -0.35117  5.78776   1.000 17.97448 ? 104 LEU A CD2 1 
ATOM   372  N  N   . ALA A 1 59  ? -5.40209  -0.20827  8.62341   1.000 12.77856 ? 105 ALA A N   1 
ATOM   373  C  CA  . ALA A 1 59  ? -5.34485  -0.71988  9.98951   1.000 16.50003 ? 105 ALA A CA  1 
ATOM   374  C  C   . ALA A 1 59  ? -6.60239  -1.49325  10.36427  1.000 17.16653 ? 105 ALA A C   1 
ATOM   375  O  O   . ALA A 1 59  ? -6.54599  -2.38082  11.22133  1.000 16.91188 ? 105 ALA A O   1 
ATOM   376  C  CB  . ALA A 1 59  ? -5.11708  0.42762   10.97277  1.000 12.47286 ? 105 ALA A CB  1 
ATOM   377  N  N   . GLY A 1 60  ? -7.73521  -1.19232  9.72989   1.000 15.30081 ? 106 GLY A N   1 
ATOM   378  C  CA  . GLY A 1 60  ? -8.94722  -1.93871  10.01134  1.000 15.70403 ? 106 GLY A CA  1 
ATOM   379  C  C   . GLY A 1 60  ? -8.99471  -3.31271  9.38997   1.000 20.84808 ? 106 GLY A C   1 
ATOM   380  O  O   . GLY A 1 60  ? -9.83517  -4.13154  9.77465   1.000 17.94678 ? 106 GLY A O   1 
ATOM   381  N  N   . ARG A 1 61  ? -8.10387  -3.57947  8.43879   1.000 18.31632 ? 107 ARG A N   1 
ATOM   382  C  CA  . ARG A 1 61  ? -8.08353  -4.80918  7.65778   1.000 20.69451 ? 107 ARG A CA  1 
ATOM   383  C  C   . ARG A 1 61  ? -7.01003  -5.77854  8.12868   1.000 24.79867 ? 107 ARG A C   1 
ATOM   384  O  O   . ARG A 1 61  ? -7.24711  -6.98960  8.17177   1.000 20.60984 ? 107 ARG A O   1 
ATOM   385  C  CB  . ARG A 1 61  ? -7.87370  -4.49665  6.17259   1.000 26.99674 ? 107 ARG A CB  1 
ATOM   386  C  CG  . ARG A 1 61  ? -8.93441  -3.58901  5.57621   1.000 34.34540 ? 107 ARG A CG  1 
ATOM   387  C  CD  . ARG A 1 61  ? -8.70086  -3.36714  4.09183   1.000 44.33533 ? 107 ARG A CD  1 
ATOM   388  N  NE  . ARG A 1 61  ? -9.78612  -2.60594  3.48051   1.000 35.70454 ? 107 ARG A NE  1 
ATOM   389  C  CZ  . ARG A 1 61  ? -9.61346  -1.48626  2.78574   1.000 60.24033 ? 107 ARG A CZ  1 
ATOM   390  N  NH1 . ARG A 1 61  ? -8.38983  -1.02725  2.55945   1.000 58.54338 ? 107 ARG A NH1 1 
ATOM   391  N  NH2 . ARG A 1 61  ? -10.65955 -0.85481  2.26999   1.000 48.96093 ? 107 ARG A NH2 1 
ATOM   392  N  N   . TRP A 1 62  ? -5.84282  -5.26885  8.49267   1.000 18.52267 ? 108 TRP A N   1 
ATOM   393  C  CA  . TRP A 1 62  ? -4.68940  -6.06235  8.87999   1.000 19.51113 ? 108 TRP A CA  1 
ATOM   394  C  C   . TRP A 1 62  ? -4.18475  -5.58843  10.23217  1.000 24.58570 ? 108 TRP A C   1 
ATOM   395  O  O   . TRP A 1 62  ? -4.47714  -4.46378  10.65413  1.000 19.68538 ? 108 TRP A O   1 
ATOM   396  C  CB  . TRP A 1 62  ? -3.56954  -5.92308  7.83712   1.000 18.69484 ? 108 TRP A CB  1 
ATOM   397  C  CG  . TRP A 1 62  ? -3.99530  -6.24495  6.43849   1.000 19.14854 ? 108 TRP A CG  1 
ATOM   398  C  CD1 . TRP A 1 62  ? -4.22038  -5.35591  5.42814   1.000 19.02685 ? 108 TRP A CD1 1 
ATOM   399  C  CD2 . TRP A 1 62  ? -4.22331  -7.54708  5.88553   1.000 15.20123 ? 108 TRP A CD2 1 
ATOM   400  N  NE1 . TRP A 1 62  ? -4.58949  -6.02151  4.28476   1.000 18.87235 ? 108 TRP A NE1 1 
ATOM   401  C  CE2 . TRP A 1 62  ? -4.59809  -7.36804  4.53820   1.000 28.05060 ? 108 TRP A CE2 1 
ATOM   402  C  CE3 . TRP A 1 62  ? -4.15536  -8.84591  6.40012   1.000 21.75189 ? 108 TRP A CE3 1 
ATOM   403  C  CZ2 . TRP A 1 62  ? -4.90212  -8.43873  3.69798   1.000 18.21969 ? 108 TRP A CZ2 1 
ATOM   404  C  CZ3 . TRP A 1 62  ? -4.45848  -9.90881  5.56277   1.000 21.59113 ? 108 TRP A CZ3 1 
ATOM   405  C  CH2 . TRP A 1 62  ? -4.82608  -9.69723  4.22758   1.000 16.05947 ? 108 TRP A CH2 1 
ATOM   406  N  N   . PRO A 1 63  ? -3.40887  -6.42215  10.93909  1.000 20.55532 ? 109 PRO A N   1 
ATOM   407  C  CA  . PRO A 1 63  ? -2.83623  -5.97451  12.21484  1.000 22.15400 ? 109 PRO A CA  1 
ATOM   408  C  C   . PRO A 1 63  ? -1.57543  -5.15579  11.99597  1.000 25.37376 ? 109 PRO A C   1 
ATOM   409  O  O   . PRO A 1 63  ? -0.45511  -5.67534  12.02113  1.000 27.77441 ? 109 PRO A O   1 
ATOM   410  C  CB  . PRO A 1 63  ? -2.55157  -7.28698  12.95548  1.000 26.63165 ? 109 PRO A CB  1 
ATOM   411  C  CG  . PRO A 1 63  ? -2.35924  -8.29535  11.88281  1.000 26.99997 ? 109 PRO A CG  1 
ATOM   412  C  CD  . PRO A 1 63  ? -3.17621  -7.85770  10.69393  1.000 24.21977 ? 109 PRO A CD  1 
ATOM   413  N  N   . VAL A 1 64  ? -1.77155  -3.86040  11.77337  1.000 22.09270 ? 110 VAL A N   1 
ATOM   414  C  CA  . VAL A 1 64  ? -0.69738  -2.93617  11.43149  1.000 24.04191 ? 110 VAL A CA  1 
ATOM   415  C  C   . VAL A 1 64  ? -0.05833  -2.44291  12.72544  1.000 28.65972 ? 110 VAL A C   1 
ATOM   416  O  O   . VAL A 1 64  ? -0.68994  -1.72839  13.50835  1.000 17.37709 ? 110 VAL A O   1 
ATOM   417  C  CB  . VAL A 1 64  ? -1.21446  -1.76549  10.58630  1.000 22.84461 ? 110 VAL A CB  1 
ATOM   418  C  CG1 . VAL A 1 64  ? -0.07415  -0.82009  10.23145  1.000 18.23620 ? 110 VAL A CG1 1 
ATOM   419  C  CG2 . VAL A 1 64  ? -1.91128  -2.27755  9.32580   1.000 17.75754 ? 110 VAL A CG2 1 
ATOM   420  N  N   . LYS A 1 65  ? 1.19522   -2.82807  12.95627  1.000 20.38499 ? 111 LYS A N   1 
ATOM   421  C  CA  . LYS A 1 65  ? 1.91104   -2.42257  14.15918  1.000 24.61297 ? 111 LYS A CA  1 
ATOM   422  C  C   . LYS A 1 65  ? 2.90525   -1.30243  13.89620  1.000 21.22425 ? 111 LYS A C   1 
ATOM   423  O  O   . LYS A 1 65  ? 2.97531   -0.34740  14.67637  1.000 23.30085 ? 111 LYS A O   1 
ATOM   424  C  CB  . LYS A 1 65  ? 2.65961   -3.61336  14.76914  1.000 28.57219 ? 111 LYS A CB  1 
ATOM   425  C  CG  . LYS A 1 65  ? 1.77618   -4.70566  15.34235  1.000 38.07787 ? 111 LYS A CG  1 
ATOM   426  C  CD  . LYS A 1 65  ? 2.61446   -5.92209  15.70953  1.000 50.15270 ? 111 LYS A CD  1 
ATOM   427  C  CE  . LYS A 1 65  ? 3.79286   -5.52962  16.59180  1.000 59.98989 ? 111 LYS A CE  1 
ATOM   428  N  NZ  . LYS A 1 65  ? 4.66246   -6.69214  16.92564  1.000 69.92980 ? 111 LYS A NZ  1 
ATOM   429  N  N   . THR A 1 66  ? 3.66469   -1.38549  12.80705  1.000 19.51590 ? 112 THR A N   1 
ATOM   430  C  CA  . THR A 1 66  ? 4.60998   -0.34144  12.44826  1.000 20.39243 ? 112 THR A CA  1 
ATOM   431  C  C   . THR A 1 66  ? 4.53554   -0.08679  10.95171  1.000 24.19613 ? 112 THR A C   1 
ATOM   432  O  O   . THR A 1 66  ? 4.20938   -0.98196  10.16758  1.000 22.98389 ? 112 THR A O   1 
ATOM   433  C  CB  . THR A 1 66  ? 6.05388   -0.70653  12.83477  1.000 25.16197 ? 112 THR A CB  1 
ATOM   434  O  OG1 . THR A 1 66  ? 6.41628   -1.94969  12.22209  1.000 35.35897 ? 112 THR A OG1 1 
ATOM   435  C  CG2 . THR A 1 66  ? 6.20115   -0.82587  14.34724  1.000 23.64556 ? 112 THR A CG2 1 
ATOM   436  N  N   . VAL A 1 67  ? 4.85171   1.14523   10.56209  1.000 18.93093 ? 113 VAL A N   1 
ATOM   437  C  CA  . VAL A 1 67  ? 4.84054   1.55385   9.16410   1.000 21.29474 ? 113 VAL A CA  1 
ATOM   438  C  C   . VAL A 1 67  ? 6.16253   2.24110   8.86170   1.000 26.84871 ? 113 VAL A C   1 
ATOM   439  O  O   . VAL A 1 67  ? 6.61998   3.08735   9.63788   1.000 23.11482 ? 113 VAL A O   1 
ATOM   440  C  CB  . VAL A 1 67  ? 3.65695   2.48829   8.84652   1.000 24.09941 ? 113 VAL A CB  1 
ATOM   441  C  CG1 . VAL A 1 67  ? 3.76887   3.02895   7.43052   1.000 28.70319 ? 113 VAL A CG1 1 
ATOM   442  C  CG2 . VAL A 1 67  ? 2.33911   1.75556   9.02629   1.000 17.18916 ? 113 VAL A CG2 1 
ATOM   443  N  N   . HIS A 1 68  ? 6.76546   1.88326   7.73433   1.000 18.23527 ? 114 HIS A N   1 
ATOM   444  C  CA  . HIS A 1 68  ? 7.97328   2.51360   7.22771   1.000 20.44552 ? 114 HIS A CA  1 
ATOM   445  C  C   . HIS A 1 68  ? 7.65334   3.26924   5.94363   1.000 31.35805 ? 114 HIS A C   1 
ATOM   446  O  O   . HIS A 1 68  ? 6.58045   3.11779   5.35311   1.000 26.16259 ? 114 HIS A O   1 
ATOM   447  C  CB  . HIS A 1 68  ? 9.07136   1.46695   6.99182   1.000 26.43530 ? 114 HIS A CB  1 
ATOM   448  C  CG  . HIS A 1 68  ? 10.41294  2.05386   6.67865   1.000 37.94017 ? 114 HIS A CG  1 
ATOM   449  N  ND1 . HIS A 1 68  ? 11.13108  1.71306   5.55250   1.000 37.72628 ? 114 HIS A ND1 1 
ATOM   450  C  CD2 . HIS A 1 68  ? 11.16248  2.96766   7.34007   1.000 31.92177 ? 114 HIS A CD2 1 
ATOM   451  C  CE1 . HIS A 1 68  ? 12.26758  2.38694   5.53666   1.000 38.34428 ? 114 HIS A CE1 1 
ATOM   452  N  NE2 . HIS A 1 68  ? 12.31123  3.15546   6.61010   1.000 42.71414 ? 114 HIS A NE2 1 
ATOM   453  N  N   . THR A 1 69  ? 8.60404   4.09312   5.51336   1.000 20.63828 ? 115 THR A N   1 
ATOM   454  C  CA  . THR A 1 69  ? 8.46480   4.83457   4.26939   1.000 20.52929 ? 115 THR A CA  1 
ATOM   455  C  C   . THR A 1 69  ? 9.85165   5.23314   3.79122   1.000 22.72646 ? 115 THR A C   1 
ATOM   456  O  O   . THR A 1 69  ? 10.80117  5.30683   4.57542   1.000 21.80026 ? 115 THR A O   1 
ATOM   457  C  CB  . THR A 1 69  ? 7.57735   6.07281   4.44499   1.000 19.26216 ? 115 THR A CB  1 
ATOM   458  O  OG1 . THR A 1 69  ? 7.39446   6.71577   3.17859   1.000 13.77140 ? 115 THR A OG1 1 
ATOM   459  C  CG2 . THR A 1 69  ? 8.21559   7.05570   5.42131   1.000 22.84699 ? 115 THR A CG2 1 
ATOM   460  N  N   . ASP A 1 70  ? 9.95910   5.47328   2.48724   1.000 22.57054 ? 116 ASP A N   1 
ATOM   461  C  CA  . ASP A 1 70  ? 11.18349  6.00070   1.90372   1.000 27.73634 ? 116 ASP A CA  1 
ATOM   462  C  C   . ASP A 1 70  ? 11.23579  7.52286   1.89957   1.000 31.65806 ? 116 ASP A C   1 
ATOM   463  O  O   . ASP A 1 70  ? 12.26097  8.08981   1.50872   1.000 25.44742 ? 116 ASP A O   1 
ATOM   464  C  CB  . ASP A 1 70  ? 11.34544  5.48024   0.47205   1.000 29.03861 ? 116 ASP A CB  1 
ATOM   465  C  CG  . ASP A 1 70  ? 11.97990  4.10494   0.42208   1.000 36.20351 ? 116 ASP A CG  1 
ATOM   466  O  OD1 . ASP A 1 70  ? 12.64172  3.71831   1.40870   1.000 43.02926 ? 116 ASP A OD1 1 
ATOM   467  O  OD2 . ASP A 1 70  ? 11.81290  3.40972   -0.60178  1.000 34.20937 ? 116 ASP A OD2 1 
ATOM   468  N  N   . ASN A 1 71  ? 10.16376  8.19724   2.31676   1.000 20.62682 ? 117 ASN A N   1 
ATOM   469  C  CA  . ASN A 1 71  ? 10.13544  9.65591   2.43081   1.000 18.76240 ? 117 ASN A CA  1 
ATOM   470  C  C   . ASN A 1 71  ? 9.56342   9.98538   3.80891   1.000 20.78815 ? 117 ASN A C   1 
ATOM   471  O  O   . ASN A 1 71  ? 8.34289   10.04246  3.97652   1.000 18.46936 ? 117 ASN A O   1 
ATOM   472  C  CB  . ASN A 1 71  ? 9.31920   10.28263  1.29397   1.000 20.10125 ? 117 ASN A CB  1 
ATOM   473  C  CG  . ASN A 1 71  ? 9.30236   11.80556  1.34505   1.000 28.31248 ? 117 ASN A CG  1 
ATOM   474  O  OD1 . ASN A 1 71  ? 9.70591   12.41541  2.33470   1.000 23.43280 ? 117 ASN A OD1 1 
ATOM   475  N  ND2 . ASN A 1 71  ? 8.83885   12.42564  0.26470   1.000 21.16559 ? 117 ASN A ND2 1 
ATOM   476  N  N   . GLY A 1 72  ? 10.44726  10.18516  4.79213   1.000 19.83114 ? 118 GLY A N   1 
ATOM   477  C  CA  . GLY A 1 72  ? 9.99965   10.35606  6.16657   1.000 18.18665 ? 118 GLY A CA  1 
ATOM   478  C  C   . GLY A 1 72  ? 9.04895   11.52243  6.35904   1.000 17.85345 ? 118 GLY A C   1 
ATOM   479  O  O   . GLY A 1 72  ? 8.16420   11.47092  7.21798   1.000 18.15846 ? 118 GLY A O   1 
ATOM   480  N  N   . SER A 1 73  ? 9.21776   12.59007  5.57289   1.000 15.65206 ? 119 SER A N   1 
ATOM   481  C  CA  . SER A 1 73  ? 8.34672   13.75708  5.68741   1.000 20.85047 ? 119 SER A CA  1 
ATOM   482  C  C   . SER A 1 73  ? 6.88553   13.42811  5.39775   1.000 20.05245 ? 119 SER A C   1 
ATOM   483  O  O   . SER A 1 73  ? 6.00504   14.22011  5.74899   1.000 17.35767 ? 119 SER A O   1 
ATOM   484  C  CB  . SER A 1 73  ? 8.83097   14.86806  4.75367   1.000 15.27531 ? 119 SER A CB  1 
ATOM   485  O  OG  . SER A 1 73  ? 8.58679   14.54546  3.39643   1.000 24.26556 ? 119 SER A OG  1 
ATOM   486  N  N   . ASN A 1 74  ? 6.61794   12.29573  4.73797   1.000 25.31477 ? 120 ASN A N   1 
ATOM   487  C  CA  . ASN A 1 74  ? 5.25153   11.82847  4.50681   1.000 24.25577 ? 120 ASN A CA  1 
ATOM   488  C  C   . ASN A 1 74  ? 4.41573   11.79854  5.77874   1.000 16.30543 ? 120 ASN A C   1 
ATOM   489  O  O   . ASN A 1 74  ? 3.19245   11.97109  5.72603   1.000 24.09014 ? 120 ASN A O   1 
ATOM   490  C  CB  . ASN A 1 74  ? 5.27386   10.42009  3.91130   1.000 17.21858 ? 120 ASN A CB  1 
ATOM   491  C  CG  . ASN A 1 74  ? 5.60020   10.41357  2.44220   1.000 33.62418 ? 120 ASN A CG  1 
ATOM   492  O  OD1 . ASN A 1 74  ? 5.38829   11.40296  1.74325   1.000 25.88320 ? 120 ASN A OD1 1 
ATOM   493  N  ND2 . ASN A 1 74  ? 6.12912   9.29293   1.96183   1.000 18.64415 ? 120 ASN A ND2 1 
ATOM   494  N  N   . PHE A 1 75  ? 5.05370   11.58089  6.92679   1.000 15.73240 ? 121 PHE A N   1 
ATOM   495  C  CA  . PHE A 1 75  ? 4.36713   11.22445  8.15989   1.000 25.05023 ? 121 PHE A CA  1 
ATOM   496  C  C   . PHE A 1 75  ? 4.36320   12.35074  9.18835   1.000 27.06645 ? 121 PHE A C   1 
ATOM   497  O  O   . PHE A 1 75  ? 4.11841   12.09779  10.37211  1.000 28.24577 ? 121 PHE A O   1 
ATOM   498  C  CB  . PHE A 1 75  ? 5.00565   9.96923   8.75498   1.000 27.21047 ? 121 PHE A CB  1 
ATOM   499  C  CG  . PHE A 1 75  ? 4.72223   8.71619   7.97392   1.000 28.99962 ? 121 PHE A CG  1 
ATOM   500  C  CD1 . PHE A 1 75  ? 3.64323   8.65201   7.10614   1.000 21.31068 ? 121 PHE A CD1 1 
ATOM   501  C  CD2 . PHE A 1 75  ? 5.54393   7.60580   8.09796   1.000 28.80531 ? 121 PHE A CD2 1 
ATOM   502  C  CE1 . PHE A 1 75  ? 3.38457   7.50355   6.38401   1.000 25.62097 ? 121 PHE A CE1 1 
ATOM   503  C  CE2 . PHE A 1 75  ? 5.28889   6.45267   7.37679   1.000 31.12620 ? 121 PHE A CE2 1 
ATOM   504  C  CZ  . PHE A 1 75  ? 4.20850   6.40361   6.51885   1.000 32.40120 ? 121 PHE A CZ  1 
ATOM   505  N  N   . THR A 1 76  ? 4.62947   13.58812  8.77289   1.000 24.36759 ? 122 THR A N   1 
ATOM   506  C  CA  . THR A 1 76  ? 4.78494   14.66101  9.74541   1.000 26.83427 ? 122 THR A CA  1 
ATOM   507  C  C   . THR A 1 76  ? 3.48207   15.38593  10.05800  1.000 25.41862 ? 122 THR A C   1 
ATOM   508  O  O   . THR A 1 76  ? 3.42753   16.11838  11.05283  1.000 44.43136 ? 122 THR A O   1 
ATOM   509  C  CB  . THR A 1 76  ? 5.81271   15.68303  9.24905   1.000 31.91711 ? 122 THR A CB  1 
ATOM   510  O  OG1 . THR A 1 76  ? 5.38794   16.21003  7.98483   1.000 28.52900 ? 122 THR A OG1 1 
ATOM   511  C  CG2 . THR A 1 76  ? 7.18801   15.03353  9.10011   1.000 23.42712 ? 122 THR A CG2 1 
ATOM   512  N  N   . SER A 1 77  ? 2.44314   15.21708  9.24144   1.000 24.92945 ? 123 SER A N   1 
ATOM   513  C  CA  . SER A 1 77  ? 1.26089   16.05136  9.38979   1.000 27.25724 ? 123 SER A CA  1 
ATOM   514  C  C   . SER A 1 77  ? 0.49778   15.65484  10.65335  1.000 34.36804 ? 123 SER A C   1 
ATOM   515  O  O   . SER A 1 77  ? 0.60873   14.53062  11.15137  1.000 26.73568 ? 123 SER A O   1 
ATOM   516  C  CB  . SER A 1 77  ? 0.35555   15.93566  8.16252   1.000 36.38884 ? 123 SER A CB  1 
ATOM   517  O  OG  . SER A 1 77  ? -0.22263  14.64543  8.07865   1.000 29.77091 ? 123 SER A OG  1 
ATOM   518  N  N   . THR A 1 78  ? -0.27754  16.60578  11.18245  1.000 26.71274 ? 124 THR A N   1 
ATOM   519  C  CA  . THR A 1 78  ? -1.13144  16.30794  12.32936  1.000 37.48926 ? 124 THR A CA  1 
ATOM   520  C  C   . THR A 1 78  ? -2.13310  15.20022  12.01840  1.000 22.61905 ? 124 THR A C   1 
ATOM   521  O  O   . THR A 1 78  ? -2.44894  14.38033  12.88987  1.000 21.70533 ? 124 THR A O   1 
ATOM   522  C  CB  . THR A 1 78  ? -1.85906  17.57823  12.77545  1.000 24.83234 ? 124 THR A CB  1 
ATOM   523  O  OG1 . THR A 1 78  ? -0.89830  18.60256  13.05820  1.000 32.68085 ? 124 THR A OG1 1 
ATOM   524  C  CG2 . THR A 1 78  ? -2.68701  17.31471  14.02879  1.000 34.89693 ? 124 THR A CG2 1 
ATOM   525  N  N   . THR A 1 79  ? -2.62379  15.14730  10.77881  1.000 22.17209 ? 125 THR A N   1 
ATOM   526  C  CA  . THR A 1 79  ? -3.65434  14.17635  10.42154  1.000 24.27644 ? 125 THR A CA  1 
ATOM   527  C  C   . THR A 1 79  ? -3.11097  12.75285  10.42397  1.000 21.91021 ? 125 THR A C   1 
ATOM   528  O  O   . THR A 1 79  ? -3.76852  11.83255  10.92407  1.000 21.43966 ? 125 THR A O   1 
ATOM   529  C  CB  . THR A 1 79  ? -4.25698  14.51912  9.05889   1.000 25.24781 ? 125 THR A CB  1 
ATOM   530  O  OG1 . THR A 1 79  ? -3.21087  14.66725  8.09103   1.000 22.25541 ? 125 THR A OG1 1 
ATOM   531  C  CG2 . THR A 1 79  ? -5.05996  15.80984  9.14190   1.000 28.71283 ? 125 THR A CG2 1 
ATOM   532  N  N   . VAL A 1 80  ? -1.91420  12.55354  9.86819   1.000 14.76755 ? 126 VAL A N   1 
ATOM   533  C  CA  . VAL A 1 80  ? -1.28823  11.23276  9.88394   1.000 16.43968 ? 126 VAL A CA  1 
ATOM   534  C  C   . VAL A 1 80  ? -1.01289  10.79169  11.31632  1.000 22.41453 ? 126 VAL A C   1 
ATOM   535  O  O   . VAL A 1 80  ? -1.29152  9.64757   11.69762  1.000 17.00755 ? 126 VAL A O   1 
ATOM   536  C  CB  . VAL A 1 80  ? -0.00282  11.23938  9.03514   1.000 20.71788 ? 126 VAL A CB  1 
ATOM   537  C  CG1 . VAL A 1 80  ? 0.78862   9.95424   9.24398   1.000 21.56908 ? 126 VAL A CG1 1 
ATOM   538  C  CG2 . VAL A 1 80  ? -0.34060  11.42626  7.56502   1.000 16.16352 ? 126 VAL A CG2 1 
ATOM   539  N  N   . LYS A 1 81  ? -0.43628  11.68602  12.12273  1.000 18.67286 ? 127 LYS A N   1 
ATOM   540  C  CA  . LYS A 1 81  ? -0.14208  11.35436  13.51352  1.000 23.45196 ? 127 LYS A CA  1 
ATOM   541  C  C   . LYS A 1 81  ? -1.39934  10.93785  14.26991  1.000 14.56209 ? 127 LYS A C   1 
ATOM   542  O  O   . LYS A 1 81  ? -1.35963  10.01822  15.09520  1.000 14.52203 ? 127 LYS A O   1 
ATOM   543  C  CB  . LYS A 1 81  ? 0.50935   12.55229  14.20514  1.000 22.56415 ? 127 LYS A CB  1 
ATOM   544  C  CG  . LYS A 1 81  ? 1.93812   12.84168  13.77825  1.000 31.22228 ? 127 LYS A CG  1 
ATOM   545  C  CD  . LYS A 1 81  ? 2.50076   14.01986  14.56097  1.000 30.18416 ? 127 LYS A CD  1 
ATOM   546  C  CE  . LYS A 1 81  ? 3.85315   14.45558  14.02396  1.000 47.39863 ? 127 LYS A CE  1 
ATOM   547  N  NZ  . LYS A 1 81  ? 4.02785   15.93250  14.12104  1.000 51.93191 ? 127 LYS A NZ  1 
ATOM   548  N  N   . ALA A 1 82  ? -2.52578  11.60172  14.00057  1.000 16.30311 ? 128 ALA A N   1 
ATOM   549  C  CA  . ALA A 1 82  ? -3.77494  11.24902  14.67051  1.000 16.77591 ? 128 ALA A CA  1 
ATOM   550  C  C   . ALA A 1 82  ? -4.27274  9.86643   14.26103  1.000 18.76203 ? 128 ALA A C   1 
ATOM   551  O  O   . ALA A 1 82  ? -4.77769  9.11028   15.09981  1.000 17.24238 ? 128 ALA A O   1 
ATOM   552  C  CB  . ALA A 1 82  ? -4.83926  12.30542  14.37643  1.000 14.76540 ? 128 ALA A CB  1 
ATOM   553  N  N   . ALA A 1 83  ? -4.13470  9.51275   12.98681  1.000 13.77167 ? 129 ALA A N   1 
ATOM   554  C  CA  . ALA A 1 83  ? -4.52896  8.18576   12.51935  1.000 15.51467 ? 129 ALA A CA  1 
ATOM   555  C  C   . ALA A 1 83  ? -3.67111  7.07912   13.11799  1.000 15.59794 ? 129 ALA A C   1 
ATOM   556  O  O   . ALA A 1 83  ? -4.18323  6.06392   13.58654  1.000 11.43153 ? 129 ALA A O   1 
ATOM   557  C  CB  . ALA A 1 83  ? -4.46841  8.12681   10.99772  1.000 15.86074 ? 129 ALA A CB  1 
HETATM 558  N  N   . CAF A 1 84  ? -2.36200  7.28907   13.09951  1.000 12.05477 ? 130 CAF A N   1 
HETATM 559  C  CA  . CAF A 1 84  ? -1.42667  6.43528   13.80946  1.000 18.88006 ? 130 CAF A CA  1 
HETATM 560  C  CB  . CAF A 1 84  ? -0.04003  7.02067   13.59179  1.000 22.61383 ? 130 CAF A CB  1 
HETATM 561  C  C   . CAF A 1 84  ? -1.73360  6.29591   15.29740  1.000 19.37978 ? 130 CAF A C   1 
HETATM 562  O  O   . CAF A 1 84  ? -1.68063  5.15999   15.84187  1.000 17.48215 ? 130 CAF A O   1 
HETATM 563  S  SG  . CAF A 1 84  ? 0.53500   6.33913   12.01557  1.000 24.15031 ? 130 CAF A SG  1 
HETATM 564  AS AS  . CAF A 1 84  ? 2.73324   6.73240   11.93595  1.000 36.13320 ? 130 CAF A AS  1 
HETATM 565  C  CE1 . CAF A 1 84  ? 3.54350   6.06836   13.58616  1.000 34.39977 ? 130 CAF A CE1 1 
HETATM 566  C  CE2 . CAF A 1 84  ? 3.49500   5.80084   10.38469  1.000 48.09459 ? 130 CAF A CE2 1 
HETATM 567  O  O1  . CAF A 1 84  ? 2.97902   8.30942   11.80911  1.000 38.87150 ? 130 CAF A O1  1 
ATOM   568  N  N   . TRP A 1 85  ? -2.02902  7.40768   15.96078  1.000 16.80064 ? 131 TRP A N   1 
ATOM   569  C  CA  . TRP A 1 85  ? -2.32317  7.37219   17.38761  1.000 25.15885 ? 131 TRP A CA  1 
ATOM   570  C  C   . TRP A 1 85  ? -3.55049  6.50936   17.65731  1.000 17.99711 ? 131 TRP A C   1 
ATOM   571  O  O   . TRP A 1 85  ? -3.52990  5.63795   18.52629  1.000 18.64363 ? 131 TRP A O   1 
ATOM   572  C  CB  . TRP A 1 85  ? -2.54474  8.78621   17.92538  1.000 18.20303 ? 131 TRP A CB  1 
ATOM   573  C  CG  . TRP A 1 85  ? -3.12391  8.80558   19.30306  1.000 27.62659 ? 131 TRP A CG  1 
ATOM   574  C  CD1 . TRP A 1 85  ? -2.46599  8.58958   20.47822  1.000 26.39638 ? 131 TRP A CD1 1 
ATOM   575  C  CD2 . TRP A 1 85  ? -4.49434  9.04037   19.64654  1.000 25.61865 ? 131 TRP A CD2 1 
ATOM   576  N  NE1 . TRP A 1 85  ? -3.34250  8.68323   21.53436  1.000 24.05644 ? 131 TRP A NE1 1 
ATOM   577  C  CE2 . TRP A 1 85  ? -4.59393  8.95885   21.04911  1.000 22.63849 ? 131 TRP A CE2 1 
ATOM   578  C  CE3 . TRP A 1 85  ? -5.64654  9.31386   18.90286  1.000 17.45377 ? 131 TRP A CE3 1 
ATOM   579  C  CZ2 . TRP A 1 85  ? -5.79933  9.14132   21.72281  1.000 24.74745 ? 131 TRP A CZ2 1 
ATOM   580  C  CZ3 . TRP A 1 85  ? -6.84062  9.49522   19.57315  1.000 20.80388 ? 131 TRP A CZ3 1 
ATOM   581  C  CH2 . TRP A 1 85  ? -6.90829  9.40744   20.96904  1.000 20.51768 ? 131 TRP A CH2 1 
ATOM   582  N  N   . TRP A 1 86  ? -4.62133  6.76773   16.90296  1.000 20.90049 ? 132 TRP A N   1 
ATOM   583  C  CA  . TRP A 1 86  ? -5.88830  6.08652   17.15132  1.000 14.08730 ? 132 TRP A CA  1 
ATOM   584  C  C   . TRP A 1 86  ? -5.78351  4.59048   16.87497  1.000 16.20857 ? 132 TRP A C   1 
ATOM   585  O  O   . TRP A 1 86  ? -6.34112  3.77529   17.61887  1.000 15.66948 ? 132 TRP A O   1 
ATOM   586  C  CB  . TRP A 1 86  ? -6.99954  6.71954   16.31711  1.000 17.62192 ? 132 TRP A CB  1 
ATOM   587  C  CG  . TRP A 1 86  ? -8.35781  6.21511   16.68402  1.000 16.34525 ? 132 TRP A CG  1 
ATOM   588  C  CD1 . TRP A 1 86  ? -9.18041  6.70710   17.65580  1.000 19.41872 ? 132 TRP A CD1 1 
ATOM   589  C  CD2 . TRP A 1 86  ? -9.05775  5.12050   16.08123  1.000 17.15178 ? 132 TRP A CD2 1 
ATOM   590  N  NE1 . TRP A 1 86  ? -10.34702 5.98212   17.69977  1.000 20.92632 ? 132 TRP A NE1 1 
ATOM   591  C  CE2 . TRP A 1 86  ? -10.29769 5.00368   16.74155  1.000 21.56908 ? 132 TRP A CE2 1 
ATOM   592  C  CE3 . TRP A 1 86  ? -8.75687  4.22829   15.04676  1.000 18.42595 ? 132 TRP A CE3 1 
ATOM   593  C  CZ2 . TRP A 1 86  ? -11.23606 4.03085   16.40143  1.000 16.70299 ? 132 TRP A CZ2 1 
ATOM   594  C  CZ3 . TRP A 1 86  ? -9.68992  3.26240   14.71074  1.000 13.57994 ? 132 TRP A CZ3 1 
ATOM   595  C  CH2 . TRP A 1 86  ? -10.91400 3.17155   15.38653  1.000 15.18814 ? 132 TRP A CH2 1 
ATOM   596  N  N   . ALA A 1 87  ? -5.08133  4.21101   15.81033  1.000 17.06776 ? 133 ALA A N   1 
ATOM   597  C  CA  . ALA A 1 87  ? -4.97603  2.81777   15.39758  1.000 13.33879 ? 133 ALA A CA  1 
ATOM   598  C  C   . ALA A 1 87  ? -3.85008  2.06983   16.10103  1.000 26.17757 ? 133 ALA A C   1 
ATOM   599  O  O   . ALA A 1 87  ? -3.68261  0.86884   15.86443  1.000 20.11176 ? 133 ALA A O   1 
ATOM   600  C  CB  . ALA A 1 87  ? -4.78370  2.73158   13.88009  1.000 13.82765 ? 133 ALA A CB  1 
ATOM   601  N  N   . GLY A 1 88  ? -3.08613  2.74281   16.95812  1.000 23.12944 ? 134 GLY A N   1 
ATOM   602  C  CA  . GLY A 1 88  ? -1.98301  2.11042   17.65899  1.000 17.98100 ? 134 GLY A CA  1 
ATOM   603  C  C   . GLY A 1 88  ? -0.79306  1.76897   16.79132  1.000 20.54964 ? 134 GLY A C   1 
ATOM   604  O  O   . GLY A 1 88  ? -0.10832  0.77462   17.05016  1.000 22.84886 ? 134 GLY A O   1 
ATOM   605  N  N   . ILE A 1 89  ? -0.53229  2.56560   15.76278  1.000 25.36204 ? 135 ILE A N   1 
ATOM   606  C  CA  . ILE A 1 89  ? 0.57604   2.33302   14.84407  1.000 25.93974 ? 135 ILE A CA  1 
ATOM   607  C  C   . ILE A 1 89  ? 1.78669   3.12944   15.31299  1.000 34.41715 ? 135 ILE A C   1 
ATOM   608  O  O   . ILE A 1 89  ? 1.66985   4.31677   15.63844  1.000 21.95785 ? 135 ILE A O   1 
ATOM   609  C  CB  . ILE A 1 89  ? 0.19073   2.71293   13.40492  1.000 18.26210 ? 135 ILE A CB  1 
ATOM   610  C  CG1 . ILE A 1 89  ? -1.08423  1.98281   12.97669  1.000 20.59921 ? 135 ILE A CG1 1 
ATOM   611  C  CG2 . ILE A 1 89  ? 1.33614   2.40789   12.45229  1.000 24.73259 ? 135 ILE A CG2 1 
ATOM   612  C  CD1 . ILE A 1 89  ? -1.61815  2.43538   11.63033  1.000 18.05694 ? 135 ILE A CD1 1 
ATOM   613  N  N   . LYS A 1 90  ? 2.94787   2.48223   15.35379  1.000 28.43404 ? 136 LYS A N   1 
ATOM   614  C  CA  . LYS A 1 90  ? 4.19852   3.15870   15.66146  1.000 45.19168 ? 136 LYS A CA  1 
ATOM   615  C  C   . LYS A 1 90  ? 5.04703   3.24580   14.39883  1.000 37.97135 ? 136 LYS A C   1 
ATOM   616  O  O   . LYS A 1 90  ? 4.82074   2.52735   13.42397  1.000 35.06978 ? 136 LYS A O   1 
ATOM   617  C  CB  . LYS A 1 90  ? 4.96508   2.42222   16.76552  1.000 37.26532 ? 136 LYS A CB  1 
ATOM   618  C  CG  . LYS A 1 90  ? 4.24428   2.39320   18.10305  1.000 48.43929 ? 136 LYS A CG  1 
ATOM   619  C  CD  . LYS A 1 90  ? 5.06210   1.67008   19.16050  1.000 58.49780 ? 136 LYS A CD  1 
ATOM   620  C  CE  . LYS A 1 90  ? 4.29541   1.56288   20.46975  1.000 76.73903 ? 136 LYS A CE  1 
ATOM   621  N  NZ  . LYS A 1 90  ? 5.04578   0.78468   21.49447  1.000 62.88706 ? 136 LYS A NZ  1 
ATOM   622  N  N   . GLN A 1 91  ? 6.01002   4.16097   14.40530  1.000 44.71137 ? 137 GLN A N   1 
ATOM   623  C  CA  . GLN A 1 91  ? 6.90985   4.29114   13.26186  1.000 50.04891 ? 137 GLN A CA  1 
ATOM   624  C  C   . GLN A 1 91  ? 8.01418   3.23649   13.29687  1.000 46.15306 ? 137 GLN A C   1 
ATOM   625  O  O   . GLN A 1 91  ? 8.57701   2.87606   12.26166  1.000 55.27142 ? 137 GLN A O   1 
ATOM   626  C  CB  . GLN A 1 91  ? 7.50830   5.69844   13.19732  1.000 46.51724 ? 137 GLN A CB  1 
ATOM   627  C  CG  . GLN A 1 91  ? 8.04781   6.06294   11.82196  1.000 51.11723 ? 137 GLN A CG  1 
ATOM   628  C  CD  . GLN A 1 91  ? 7.92358   7.54296   11.51093  1.000 51.88591 ? 137 GLN A CD  1 
ATOM   629  O  OE1 . GLN A 1 91  ? 7.48276   8.33187   12.34636  1.000 51.03574 ? 137 GLN A OE1 1 
ATOM   630  N  NE2 . GLN A 1 91  ? 8.31110   7.92594   10.29996  1.000 43.67632 ? 137 GLN A NE2 1 
ATOM   631  N  N   . SER A 1 107 ? 11.66682  -1.44773  -6.17285  1.000 58.51881 ? 153 SER A N   1 
ATOM   632  C  CA  . SER A 1 107 ? 11.63681  -2.90509  -6.22410  1.000 53.26686 ? 153 SER A CA  1 
ATOM   633  C  C   . SER A 1 107 ? 10.24288  -3.40117  -6.59504  1.000 69.40731 ? 153 SER A C   1 
ATOM   634  O  O   . SER A 1 107 ? 9.86898   -3.41018  -7.76784  1.000 72.17936 ? 153 SER A O   1 
ATOM   635  C  CB  . SER A 1 107 ? 12.07166  -3.49717  -4.88229  1.000 46.69755 ? 153 SER A CB  1 
ATOM   636  O  OG  . SER A 1 107 ? 12.08431  -4.91322  -4.92887  1.000 51.25774 ? 153 SER A OG  1 
ATOM   637  N  N   . MET A 1 108 ? 9.48471   -3.82620  -5.58097  1.000 74.42175 ? 154 MET A N   1 
ATOM   638  C  CA  . MET A 1 108 ? 8.08300   -4.17895  -5.79091  1.000 62.53080 ? 154 MET A CA  1 
ATOM   639  C  C   . MET A 1 108 ? 7.30156   -3.00688  -6.37153  1.000 59.65684 ? 154 MET A C   1 
ATOM   640  O  O   . MET A 1 108 ? 6.41533   -3.19839  -7.21285  1.000 70.42491 ? 154 MET A O   1 
ATOM   641  C  CB  . MET A 1 108 ? 7.45554   -4.67114  -4.48782  1.000 55.33239 ? 154 MET A CB  1 
ATOM   642  C  CG  . MET A 1 108 ? 8.35819   -5.60066  -3.69650  1.000 65.82066 ? 154 MET A CG  1 
ATOM   643  S  SD  . MET A 1 108 ? 7.44110   -6.66822  -2.57277  1.000 73.89549 ? 154 MET A SD  1 
ATOM   644  C  CE  . MET A 1 108 ? 7.06220   -8.04138  -3.66120  1.000 41.73930 ? 154 MET A CE  1 
ATOM   645  N  N   . ASN A 1 109 ? 7.60320   -1.78635  -5.92019  1.000 46.43795 ? 155 ASN A N   1 
ATOM   646  C  CA  . ASN A 1 109 ? 7.00450   -0.60538  -6.53416  1.000 57.27908 ? 155 ASN A CA  1 
ATOM   647  C  C   . ASN A 1 109 ? 7.34582   -0.53271  -8.01746  1.000 66.35646 ? 155 ASN A C   1 
ATOM   648  O  O   . ASN A 1 109 ? 6.49820   -0.16443  -8.83926  1.000 62.27493 ? 155 ASN A O   1 
ATOM   649  C  CB  . ASN A 1 109 ? 7.46903   0.65674   -5.80802  1.000 56.64574 ? 155 ASN A CB  1 
ATOM   650  C  CG  . ASN A 1 109 ? 6.65124   0.94789   -4.56477  1.000 68.06400 ? 155 ASN A CG  1 
ATOM   651  O  OD1 . ASN A 1 109 ? 5.79923   1.83659   -4.56459  1.000 56.49408 ? 155 ASN A OD1 1 
ATOM   652  N  ND2 . ASN A 1 109 ? 6.90072   0.19344   -3.49900  1.000 37.45874 ? 155 ASN A ND2 1 
ATOM   653  N  N   . LYS A 1 110 ? 8.58370   -0.87702  -8.38071  1.000 69.51252 ? 156 LYS A N   1 
ATOM   654  C  CA  . LYS A 1 110 ? 8.95392   -0.89026  -9.79211  1.000 67.40126 ? 156 LYS A CA  1 
ATOM   655  C  C   . LYS A 1 110 ? 8.26258   -2.03910  -10.51559 1.000 46.78719 ? 156 LYS A C   1 
ATOM   656  O  O   . LYS A 1 110 ? 7.81255   -1.88274  -11.65704 1.000 54.91144 ? 156 LYS A O   1 
ATOM   657  C  CB  . LYS A 1 110 ? 10.47156  -0.99872  -9.94189  1.000 72.35133 ? 156 LYS A CB  1 
ATOM   658  C  CG  . LYS A 1 110 ? 11.23505  0.26223   -9.57267  1.000 82.55657 ? 156 LYS A CG  1 
ATOM   659  C  CD  . LYS A 1 110 ? 10.79475  1.44010   -10.42552 1.000 80.90756 ? 156 LYS A CD  1 
ATOM   660  C  CE  . LYS A 1 110 ? 11.57635  2.69499   -10.07532 1.000 79.32211 ? 156 LYS A CE  1 
ATOM   661  N  NZ  . LYS A 1 110 ? 10.91688  3.92336   -10.59577 1.000 89.06807 ? 156 LYS A NZ  1 
ATOM   662  N  N   . GLU A 1 111 ? 8.18842   -3.20545  -9.86786  1.000 42.45442 ? 157 GLU A N   1 
ATOM   663  C  CA  . GLU A 1 111 ? 7.37241   -4.30713  -10.36908 1.000 47.12117 ? 157 GLU A CA  1 
ATOM   664  C  C   . GLU A 1 111 ? 5.93900   -3.86369  -10.63730 1.000 51.24088 ? 157 GLU A C   1 
ATOM   665  O  O   . GLU A 1 111 ? 5.37159   -4.15976  -11.69520 1.000 42.36424 ? 157 GLU A O   1 
ATOM   666  C  CB  . GLU A 1 111 ? 7.39147   -5.46509  -9.36743  1.000 49.49515 ? 157 GLU A CB  1 
ATOM   667  C  CG  . GLU A 1 111 ? 6.41108   -6.59537  -9.67757  1.000 45.35313 ? 157 GLU A CG  1 
ATOM   668  C  CD  . GLU A 1 111 ? 6.88362   -7.52672  -10.77972 1.000 68.53437 ? 157 GLU A CD  1 
ATOM   669  O  OE1 . GLU A 1 111 ? 6.81953   -8.75762  -10.57804 1.000 83.31055 ? 157 GLU A OE1 1 
ATOM   670  O  OE2 . GLU A 1 111 ? 7.31907   -7.03950  -11.84308 1.000 68.91538 ? 157 GLU A OE2 1 
ATOM   671  N  N   . LEU A 1 112 ? 5.33077   -3.16196  -9.67640  1.000 49.70827 ? 158 LEU A N   1 
ATOM   672  C  CA  . LEU A 1 112 ? 3.95188   -2.71644  -9.85136  1.000 43.46489 ? 158 LEU A CA  1 
ATOM   673  C  C   . LEU A 1 112 ? 3.80975   -1.77307  -11.04025 1.000 41.54782 ? 158 LEU A C   1 
ATOM   674  O  O   . LEU A 1 112 ? 2.86596   -1.90187  -11.82818 1.000 32.57050 ? 158 LEU A O   1 
ATOM   675  C  CB  . LEU A 1 112 ? 3.45057   -2.04444  -8.57284  1.000 36.79353 ? 158 LEU A CB  1 
ATOM   676  C  CG  . LEU A 1 112 ? 1.95424   -1.72590  -8.53498  1.000 38.20795 ? 158 LEU A CG  1 
ATOM   677  C  CD1 . LEU A 1 112 ? 1.14037   -3.00428  -8.41131  1.000 29.69820 ? 158 LEU A CD1 1 
ATOM   678  C  CD2 . LEU A 1 112 ? 1.63465   -0.77207  -7.39412  1.000 41.56019 ? 158 LEU A CD2 1 
ATOM   679  N  N   . LYS A 1 113 ? 4.73492   -0.81946  -11.19187 1.000 32.00367 ? 159 LYS A N   1 
ATOM   680  C  CA  . LYS A 1 113 ? 4.69773   0.05022   -12.36513 1.000 42.48864 ? 159 LYS A CA  1 
ATOM   681  C  C   . LYS A 1 113 ? 4.87162   -0.73945  -13.65495 1.000 34.75439 ? 159 LYS A C   1 
ATOM   682  O  O   . LYS A 1 113 ? 4.28124   -0.39344  -14.68483 1.000 35.16831 ? 159 LYS A O   1 
ATOM   683  C  CB  . LYS A 1 113 ? 5.76786   1.13668   -12.26847 1.000 45.54042 ? 159 LYS A CB  1 
ATOM   684  C  CG  . LYS A 1 113 ? 5.62754   2.06718   -11.07971 1.000 65.99641 ? 159 LYS A CG  1 
ATOM   685  C  CD  . LYS A 1 113 ? 6.68321   3.16043   -11.13927 1.000 78.36181 ? 159 LYS A CD  1 
ATOM   686  C  CE  . LYS A 1 113 ? 6.25361   4.39182   -10.36028 1.000 76.16874 ? 159 LYS A CE  1 
ATOM   687  N  NZ  . LYS A 1 113 ? 7.33513   5.41413   -10.29223 1.000 89.03894 ? 159 LYS A NZ  1 
ATOM   688  N  N   . LYS A 1 114 ? 5.68864   -1.79463  -13.62442 1.000 31.44996 ? 160 LYS A N   1 
ATOM   689  C  CA  . LYS A 1 114 ? 5.81944   -2.65785  -14.79350 1.000 32.50840 ? 160 LYS A CA  1 
ATOM   690  C  C   . LYS A 1 114 ? 4.48374   -3.29444  -15.16045 1.000 28.82239 ? 160 LYS A C   1 
ATOM   691  O  O   . LYS A 1 114 ? 4.07614   -3.27971  -16.32750 1.000 25.22533 ? 160 LYS A O   1 
ATOM   692  C  CB  . LYS A 1 114 ? 6.87934   -3.72987  -14.53524 1.000 28.82306 ? 160 LYS A CB  1 
ATOM   693  C  CG  . LYS A 1 114 ? 7.03889   -4.73010  -15.66927 1.000 43.24116 ? 160 LYS A CG  1 
ATOM   694  C  CD  . LYS A 1 114 ? 8.32773   -5.52477  -15.52598 1.000 43.62862 ? 160 LYS A CD  1 
ATOM   695  C  CE  . LYS A 1 114 ? 8.06629   -6.89286  -14.91930 1.000 48.00076 ? 160 LYS A CE  1 
ATOM   696  N  NZ  . LYS A 1 114 ? 9.26766   -7.77036  -14.98136 1.000 56.57525 ? 160 LYS A NZ  1 
ATOM   697  N  N   . ILE A 1 115 ? 3.78786   -3.86507  -14.17215 1.000 31.49337 ? 161 ILE A N   1 
ATOM   698  C  CA  . ILE A 1 115 ? 2.49589   -4.49358  -14.44171 1.000 25.28946 ? 161 ILE A CA  1 
ATOM   699  C  C   . ILE A 1 115 ? 1.48098   -3.45468  -14.90499 1.000 23.48108 ? 161 ILE A C   1 
ATOM   700  O  O   . ILE A 1 115 ? 0.70912   -3.69605  -15.84204 1.000 23.83084 ? 161 ILE A O   1 
ATOM   701  C  CB  . ILE A 1 115 ? 2.00136   -5.26865  -13.20701 1.000 24.57568 ? 161 ILE A CB  1 
ATOM   702  C  CG1 . ILE A 1 115 ? 3.03409   -6.31788  -12.79520 1.000 27.63680 ? 161 ILE A CG1 1 
ATOM   703  C  CG2 . ILE A 1 115 ? 0.69224   -5.97101  -13.52108 1.000 21.98920 ? 161 ILE A CG2 1 
ATOM   704  C  CD1 . ILE A 1 115 ? 2.74392   -6.97172  -11.46315 1.000 32.70025 ? 161 ILE A CD1 1 
ATOM   705  N  N   . ILE A 1 116 ? 1.45260   -2.29171  -14.24267 1.000 21.59739 ? 162 ILE A N   1 
ATOM   706  C  CA  . ILE A 1 116 ? 0.55670   -1.20734  -14.64951 1.000 21.36340 ? 162 ILE A CA  1 
ATOM   707  C  C   . ILE A 1 116 ? 0.76028   -0.88223  -16.12331 1.000 26.47274 ? 162 ILE A C   1 
ATOM   708  O  O   . ILE A 1 116 ? -0.19877  -0.78605  -16.89978 1.000 26.27737 ? 162 ILE A O   1 
ATOM   709  C  CB  . ILE A 1 116 ? 0.76805   0.03531   -13.76369 1.000 28.19066 ? 162 ILE A CB  1 
ATOM   710  C  CG1 . ILE A 1 116 ? 0.28263   -0.22511  -12.33586 1.000 27.88633 ? 162 ILE A CG1 1 
ATOM   711  C  CG2 . ILE A 1 116 ? 0.05034   1.24054   -14.35209 1.000 24.43082 ? 162 ILE A CG2 1 
ATOM   712  C  CD1 . ILE A 1 116 ? 0.70713   0.83211   -11.33646 1.000 22.26357 ? 162 ILE A CD1 1 
ATOM   713  N  N   . GLY A 1 117 ? 2.02020   -0.69462  -16.52238 1.000 30.39867 ? 163 GLY A N   1 
ATOM   714  C  CA  . GLY A 1 117 ? 2.31430   -0.38880  -17.91253 1.000 31.94779 ? 163 GLY A CA  1 
ATOM   715  C  C   . GLY A 1 117 ? 1.81374   -1.45389  -18.86949 1.000 28.32405 ? 163 GLY A C   1 
ATOM   716  O  O   . GLY A 1 117 ? 1.36439   -1.14570  -19.97631 1.000 30.64094 ? 163 GLY A O   1 
ATOM   717  N  N   . GLN A 1 118 ? 1.88484   -2.72290  -18.45937 1.000 26.17580 ? 164 GLN A N   1 
ATOM   718  C  CA  . GLN A 1 118 ? 1.48062   -3.79890  -19.35603 1.000 39.41971 ? 164 GLN A CA  1 
ATOM   719  C  C   . GLN A 1 118 ? -0.02898  -3.83732  -19.56479 1.000 35.83858 ? 164 GLN A C   1 
ATOM   720  O  O   . GLN A 1 118 ? -0.49061  -4.22385  -20.64469 1.000 37.43661 ? 164 GLN A O   1 
ATOM   721  C  CB  . GLN A 1 118 ? 1.93140   -5.14624  -18.78952 1.000 33.53045 ? 164 GLN A CB  1 
ATOM   722  C  CG  . GLN A 1 118 ? 3.33178   -5.58708  -19.16277 1.000 38.77460 ? 164 GLN A CG  1 
ATOM   723  C  CD  . GLN A 1 118 ? 4.00244   -6.35336  -18.03606 1.000 37.90109 ? 164 GLN A CD  1 
ATOM   724  O  OE1 . GLN A 1 118 ? 3.38204   -6.63643  -17.01035 1.000 41.22806 ? 164 GLN A OE1 1 
ATOM   725  N  NE2 . GLN A 1 118 ? 5.26968   -6.70148  -18.22488 1.000 49.22896 ? 164 GLN A NE2 1 
ATOM   726  N  N   . VAL A 1 119 ? -0.81377  -3.44848  -18.55512 1.000 28.74873 ? 165 VAL A N   1 
ATOM   727  C  CA  . VAL A 1 119 ? -2.26963  -3.47993  -18.65974 1.000 26.90241 ? 165 VAL A CA  1 
ATOM   728  C  C   . VAL A 1 119 ? -2.88895  -2.11145  -18.90453 1.000 28.52191 ? 165 VAL A C   1 
ATOM   729  O  O   . VAL A 1 119 ? -4.11984  -2.01964  -19.00582 1.000 30.77170 ? 165 VAL A O   1 
ATOM   730  C  CB  . VAL A 1 119 ? -2.89713  -4.11696  -17.40344 1.000 35.85928 ? 165 VAL A CB  1 
ATOM   731  C  CG1 . VAL A 1 119 ? -2.33735  -5.51159  -17.17930 1.000 18.85703 ? 165 VAL A CG1 1 
ATOM   732  C  CG2 . VAL A 1 119 ? -2.66106  -3.23793  -16.18300 1.000 24.64949 ? 165 VAL A CG2 1 
ATOM   733  N  N   . ARG A 1 120 ? -2.08688  -1.04508  -18.99258 1.000 24.66523 ? 166 ARG A N   1 
ATOM   734  C  CA  . ARG A 1 120 ? -2.65831  0.30123   -18.96892 1.000 29.68307 ? 166 ARG A CA  1 
ATOM   735  C  C   . ARG A 1 120 ? -3.60964  0.54418   -20.13543 1.000 34.52103 ? 166 ARG A C   1 
ATOM   736  O  O   . ARG A 1 120 ? -4.66468  1.16651   -19.96323 1.000 26.72035 ? 166 ARG A O   1 
ATOM   737  C  CB  . ARG A 1 120 ? -1.55203  1.35444   -18.96647 1.000 30.49891 ? 166 ARG A CB  1 
ATOM   738  C  CG  . ARG A 1 120 ? -2.10466  2.77037   -18.96996 1.000 28.70880 ? 166 ARG A CG  1 
ATOM   739  C  CD  . ARG A 1 120 ? -2.77905  3.09958   -17.64924 1.000 23.12393 ? 166 ARG A CD  1 
ATOM   740  N  NE  . ARG A 1 120 ? -3.37349  4.43343   -17.65364 1.000 26.59444 ? 166 ARG A NE  1 
ATOM   741  C  CZ  . ARG A 1 120 ? -4.60216  4.69658   -18.08891 1.000 26.24893 ? 166 ARG A CZ  1 
ATOM   742  N  NH1 . ARG A 1 120 ? -5.36431  3.71822   -18.56146 1.000 23.16646 ? 166 ARG A NH1 1 
ATOM   743  N  NH2 . ARG A 1 120 ? -5.06954  5.93610   -18.05782 1.000 26.17783 ? 166 ARG A NH2 1 
ATOM   744  N  N   . ASP A 1 121 ? -3.26528  0.05432   -21.32653 1.000 35.77913 ? 167 ASP A N   1 
ATOM   745  C  CA  . ASP A 1 121 ? -4.08102  0.33538   -22.50158 1.000 39.46459 ? 167 ASP A CA  1 
ATOM   746  C  C   . ASP A 1 121 ? -5.39802  -0.42613  -22.50375 1.000 34.90807 ? 167 ASP A C   1 
ATOM   747  O  O   . ASP A 1 121 ? -6.28204  -0.09246  -23.29925 1.000 35.51006 ? 167 ASP A O   1 
ATOM   748  C  CB  . ASP A 1 121 ? -3.28065  0.03597   -23.77509 1.000 43.75712 ? 167 ASP A CB  1 
ATOM   749  C  CG  . ASP A 1 121 ? -2.97822  -1.44490  -23.95626 1.000 53.99556 ? 167 ASP A CG  1 
ATOM   750  O  OD1 . ASP A 1 121 ? -2.48168  -1.81082  -25.04242 1.000 65.71940 ? 167 ASP A OD1 1 
ATOM   751  O  OD2 . ASP A 1 121 ? -3.22191  -2.24144  -23.02400 1.000 58.50266 ? 167 ASP A OD2 1 
ATOM   752  N  N   . GLN A 1 122 ? -5.54876  -1.42684  -21.63540 1.000 31.03639 ? 168 GLN A N   1 
ATOM   753  C  CA  . GLN A 1 122 ? -6.78620  -2.18674  -21.52353 1.000 36.51449 ? 168 GLN A CA  1 
ATOM   754  C  C   . GLN A 1 122 ? -7.85865  -1.49002  -20.69636 1.000 31.45149 ? 168 GLN A C   1 
ATOM   755  O  O   . GLN A 1 122 ? -9.01699  -1.91770  -20.73438 1.000 33.30146 ? 168 GLN A O   1 
ATOM   756  C  CB  . GLN A 1 122 ? -6.48817  -3.54497  -20.88459 1.000 35.69428 ? 168 GLN A CB  1 
ATOM   757  C  CG  . GLN A 1 122 ? -5.48305  -4.39163  -21.64163 1.000 46.15881 ? 168 GLN A CG  1 
ATOM   758  C  CD  . GLN A 1 122 ? -5.26771  -5.74511  -20.99490 1.000 37.42460 ? 168 GLN A CD  1 
ATOM   759  O  OE1 . GLN A 1 122 ? -6.16865  -6.29373  -20.35926 1.000 57.17286 ? 168 GLN A OE1 1 
ATOM   760  N  NE2 . GLN A 1 122 ? -4.06305  -6.28448  -21.14024 1.000 44.02458 ? 168 GLN A NE2 1 
ATOM   761  N  N   . ALA A 1 123 ? -7.51626  -0.43120  -19.96895 1.000 28.45407 ? 169 ALA A N   1 
ATOM   762  C  CA  . ALA A 1 123 ? -8.46873  0.29772   -19.14539 1.000 32.58544 ? 169 ALA A CA  1 
ATOM   763  C  C   . ALA A 1 123 ? -8.49205  1.77517   -19.50891 1.000 28.55409 ? 169 ALA A C   1 
ATOM   764  O  O   . ALA A 1 123 ? -7.47741  2.34945   -19.91551 1.000 29.44377 ? 169 ALA A O   1 
ATOM   765  C  CB  . ALA A 1 123 ? -8.14559  0.14152   -17.65333 1.000 32.99223 ? 169 ALA A CB  1 
ATOM   766  N  N   . GLU A 1 124 ? -9.67232  2.38236   -19.36197 1.000 20.75724 ? 170 GLU A N   1 
ATOM   767  C  CA  . GLU A 1 124 ? -9.80338  3.82090   -19.57275 1.000 27.71171 ? 170 GLU A CA  1 
ATOM   768  C  C   . GLU A 1 124 ? -9.07720  4.60563   -18.48570 1.000 33.34731 ? 170 GLU A C   1 
ATOM   769  O  O   . GLU A 1 124 ? -8.27829  5.50163   -18.78280 1.000 34.72794 ? 170 GLU A O   1 
ATOM   770  C  CB  . GLU A 1 124 ? -11.27710 4.22185   -19.61681 1.000 28.07164 ? 170 GLU A CB  1 
ATOM   771  C  CG  . GLU A 1 124 ? -11.48478 5.72155   -19.78338 1.000 32.61596 ? 170 GLU A CG  1 
ATOM   772  C  CD  . GLU A 1 124 ? -12.94601 6.10400   -19.89552 1.000 38.72882 ? 170 GLU A CD  1 
ATOM   773  O  OE1 . GLU A 1 124 ? -13.26273 7.29977   -19.71964 1.000 47.25413 ? 170 GLU A OE1 1 
ATOM   774  O  OE2 . GLU A 1 124 ? -13.77864 5.20986   -20.15373 1.000 39.18719 ? 170 GLU A OE2 1 
ATOM   775  N  N   . HIS A 1 125 ? -9.33400  4.28002   -17.22072 1.000 26.09943 ? 171 HIS A N   1 
ATOM   776  C  CA  . HIS A 1 125 ? -8.83505  5.06154   -16.09737 1.000 26.21430 ? 171 HIS A CA  1 
ATOM   777  C  C   . HIS A 1 125 ? -7.60463  4.39231   -15.50211 1.000 24.68080 ? 171 HIS A C   1 
ATOM   778  O  O   . HIS A 1 125 ? -7.54137  3.16312   -15.40095 1.000 18.93250 ? 171 HIS A O   1 
ATOM   779  C  CB  . HIS A 1 125 ? -9.90128  5.21028   -15.00871 1.000 23.44828 ? 171 HIS A CB  1 
ATOM   780  C  CG  . HIS A 1 125 ? -11.18980 5.79930   -15.49085 1.000 32.34245 ? 171 HIS A CG  1 
ATOM   781  N  ND1 . HIS A 1 125 ? -11.32679 7.13387   -15.80570 1.000 26.21186 ? 171 HIS A ND1 1 
ATOM   782  C  CD2 . HIS A 1 125 ? -12.40495 5.23781   -15.69549 1.000 28.28328 ? 171 HIS A CD2 1 
ATOM   783  C  CE1 . HIS A 1 125 ? -12.56839 7.36770   -16.19163 1.000 31.07423 ? 171 HIS A CE1 1 
ATOM   784  N  NE2 . HIS A 1 125 ? -13.24322 6.23375   -16.13385 1.000 28.52821 ? 171 HIS A NE2 1 
ATOM   785  N  N   . LEU A 1 126 ? -6.61965  5.21477   -15.12593 1.000 20.00834 ? 172 LEU A N   1 
ATOM   786  C  CA  . LEU A 1 126 ? -5.42982  4.70466   -14.45086 1.000 20.89140 ? 172 LEU A CA  1 
ATOM   787  C  C   . LEU A 1 126 ? -5.78869  3.88126   -13.21886 1.000 18.26688 ? 172 LEU A C   1 
ATOM   788  O  O   . LEU A 1 126 ? -5.16781  2.84471   -12.95527 1.000 16.25519 ? 172 LEU A O   1 
ATOM   789  C  CB  . LEU A 1 126 ? -4.50976  5.86699   -14.07107 1.000 23.42166 ? 172 LEU A CB  1 
ATOM   790  C  CG  . LEU A 1 126 ? -3.28656  5.51478   -13.22349 1.000 24.12967 ? 172 LEU A CG  1 
ATOM   791  C  CD1 . LEU A 1 126 ? -2.35808  4.58331   -13.98480 1.000 27.89560 ? 172 LEU A CD1 1 
ATOM   792  C  CD2 . LEU A 1 126 ? -2.55222  6.77885   -12.79137 1.000 26.59852 ? 172 LEU A CD2 1 
ATOM   793  N  N   . LYS A 1 127 ? -6.79121  4.32756   -12.45281 1.000 19.89479 ? 173 LYS A N   1 
ATOM   794  C  CA  . LYS A 1 127 ? -7.13415  3.64866   -11.20475 1.000 22.70348 ? 173 LYS A CA  1 
ATOM   795  C  C   . LYS A 1 127 ? -7.55132  2.20493   -11.45919 1.000 19.68090 ? 173 LYS A C   1 
ATOM   796  O  O   . LYS A 1 127 ? -7.25187  1.31372   -10.65614 1.000 17.58688 ? 173 LYS A O   1 
ATOM   797  C  CB  . LYS A 1 127 ? -8.22832  4.40880   -10.44670 1.000 15.14435 ? 173 LYS A CB  1 
ATOM   798  C  CG  . LYS A 1 127 ? -9.63623  4.27654   -11.00688 1.000 21.36510 ? 173 LYS A CG  1 
ATOM   799  C  CD  . LYS A 1 127 ? -10.57047 5.30156   -10.38643 1.000 23.96170 ? 173 LYS A CD  1 
ATOM   800  C  CE  . LYS A 1 127 ? -12.02105 4.86878   -10.52684 1.000 30.49125 ? 173 LYS A CE  1 
ATOM   801  N  NZ  . LYS A 1 127 ? -12.96564 5.89675   -10.01161 1.000 34.08182 ? 173 LYS A NZ  1 
ATOM   802  N  N   . THR A 1 128 ? -8.23470  1.95149   -12.57717 1.000 15.07464 ? 174 THR A N   1 
ATOM   803  C  CA  . THR A 1 128 ? -8.59226  0.58052   -12.91936 1.000 15.75765 ? 174 THR A CA  1 
ATOM   804  C  C   . THR A 1 128 ? -7.34455  -0.23624  -13.22511 1.000 17.55390 ? 174 THR A C   1 
ATOM   805  O  O   . THR A 1 128 ? -7.21431  -1.38168  -12.77600 1.000 18.93371 ? 174 THR A O   1 
ATOM   806  C  CB  . THR A 1 128 ? -9.54431  0.57806   -14.11569 1.000 16.57445 ? 174 THR A CB  1 
ATOM   807  O  OG1 . THR A 1 128 ? -10.64491 1.45605   -13.84983 1.000 15.47696 ? 174 THR A OG1 1 
ATOM   808  C  CG2 . THR A 1 128 ? -10.06708 -0.82764  -14.38703 1.000 16.47394 ? 174 THR A CG2 1 
ATOM   809  N  N   . ALA A 1 129 ? -6.42923  0.32641   -14.01744 1.000 17.54840 ? 175 ALA A N   1 
ATOM   810  C  CA  . ALA A 1 129 ? -5.19874  -0.38505  -14.34209 1.000 23.16625 ? 175 ALA A CA  1 
ATOM   811  C  C   . ALA A 1 129 ? -4.39783  -0.69128  -13.08133 1.000 17.07114 ? 175 ALA A C   1 
ATOM   812  O  O   . ALA A 1 129 ? -3.79770  -1.76602  -12.96169 1.000 19.56328 ? 175 ALA A O   1 
ATOM   813  C  CB  . ALA A 1 129 ? -4.36452  0.43101   -15.33039 1.000 17.82935 ? 175 ALA A CB  1 
ATOM   814  N  N   . VAL A 1 130 ? -4.37237  0.25221   -12.13363 1.000 15.84188 ? 176 VAL A N   1 
ATOM   815  C  CA  . VAL A 1 130 ? -3.66799  0.04045   -10.86915 1.000 15.64497 ? 176 VAL A CA  1 
ATOM   816  C  C   . VAL A 1 130 ? -4.23760  -1.16242  -10.12611 1.000 16.39327 ? 176 VAL A C   1 
ATOM   817  O  O   . VAL A 1 130 ? -3.49280  -2.02293  -9.64163  1.000 13.50886 ? 176 VAL A O   1 
ATOM   818  C  CB  . VAL A 1 130 ? -3.72718  1.31372   -10.00586 1.000 18.30606 ? 176 VAL A CB  1 
ATOM   819  C  CG1 . VAL A 1 130 ? -3.20480  1.03201   -8.60116  1.000 15.17719 ? 176 VAL A CG1 1 
ATOM   820  C  CG2 . VAL A 1 130 ? -2.93520  2.43389   -10.66131 1.000 17.47648 ? 176 VAL A CG2 1 
ATOM   821  N  N   . GLN A 1 131 ? -5.56700  -1.24336  -10.02094 1.000 16.66143 ? 177 GLN A N   1 
ATOM   822  C  CA  . GLN A 1 131 ? -6.15416  -2.35274  -9.27709  1.000 14.58950 ? 177 GLN A CA  1 
ATOM   823  C  C   . GLN A 1 131 ? -5.98521  -3.66509  -10.02608 1.000 15.08510 ? 177 GLN A C   1 
ATOM   824  O  O   . GLN A 1 131 ? -5.83801  -4.72080  -9.39956  1.000 15.45891 ? 177 GLN A O   1 
ATOM   825  C  CB  . GLN A 1 131 ? -7.62889  -2.08058  -8.98035  1.000 14.17970 ? 177 GLN A CB  1 
ATOM   826  C  CG  . GLN A 1 131 ? -7.88364  -0.79750  -8.19453  1.000 18.37438 ? 177 GLN A CG  1 
ATOM   827  C  CD  . GLN A 1 131 ? -7.05939  -0.69279  -6.91617  1.000 17.81067 ? 177 GLN A CD  1 
ATOM   828  O  OE1 . GLN A 1 131 ? -6.68065  -1.69939  -6.31299  1.000 17.98365 ? 177 GLN A OE1 1 
ATOM   829  N  NE2 . GLN A 1 131 ? -6.78857  0.53544   -6.49338  1.000 16.59022 ? 177 GLN A NE2 1 
ATOM   830  N  N   . MET A 1 132 ? -6.01089  -3.61952  -11.36029 1.000 19.16244 ? 178 MET A N   1 
ATOM   831  C  CA  . MET A 1 132 ? -5.66378  -4.80019  -12.14107 1.000 21.91510 ? 178 MET A CA  1 
ATOM   832  C  C   . MET A 1 132 ? -4.24739  -5.25178  -11.81364 1.000 16.47001 ? 178 MET A C   1 
ATOM   833  O  O   . MET A 1 132 ? -3.98964  -6.44858  -11.63814 1.000 16.31805 ? 178 MET A O   1 
ATOM   834  C  CB  . MET A 1 132 ? -5.81088  -4.50162  -13.63213 1.000 15.55654 ? 178 MET A CB  1 
ATOM   835  C  CG  . MET A 1 132 ? -7.26090  -4.42805  -14.10379 1.000 14.38103 ? 178 MET A CG  1 
ATOM   836  S  SD  . MET A 1 132 ? -7.43328  -3.73558  -15.76418 1.000 20.74051 ? 178 MET A SD  1 
ATOM   837  C  CE  . MET A 1 132 ? -6.85930  -5.10862  -16.76535 1.000 18.60607 ? 178 MET A CE  1 
ATOM   838  N  N   . ALA A 1 133 ? -3.31324  -4.30099  -11.72828 1.000 16.30820 ? 179 ALA A N   1 
ATOM   839  C  CA  . ALA A 1 133 ? -1.92680  -4.65093  -11.44190 1.000 18.05419 ? 179 ALA A CA  1 
ATOM   840  C  C   . ALA A 1 133 ? -1.78392  -5.21252  -10.03276 1.000 16.11065 ? 179 ALA A C   1 
ATOM   841  O  O   . ALA A 1 133 ? -1.01720  -6.15714  -9.80823  1.000 21.03693 ? 179 ALA A O   1 
ATOM   842  C  CB  . ALA A 1 133 ? -1.03133  -3.42865  -11.63393 1.000 12.26369 ? 179 ALA A CB  1 
ATOM   843  N  N   . VAL A 1 134 ? -2.49744  -4.62827  -9.06683  1.000 13.47952 ? 180 VAL A N   1 
ATOM   844  C  CA  . VAL A 1 134 ? -2.46471  -5.14367  -7.70120  1.000 14.98634 ? 180 VAL A CA  1 
ATOM   845  C  C   . VAL A 1 134 ? -2.99072  -6.57374  -7.66693  1.000 12.40732 ? 180 VAL A C   1 
ATOM   846  O  O   . VAL A 1 134 ? -2.40969  -7.45352  -7.01907  1.000 11.75436 ? 180 VAL A O   1 
ATOM   847  C  CB  . VAL A 1 134 ? -3.26439  -4.21728  -6.76530  1.000 18.31259 ? 180 VAL A CB  1 
ATOM   848  C  CG1 . VAL A 1 134 ? -3.45555  -4.87255  -5.40268  1.000 12.39122 ? 180 VAL A CG1 1 
ATOM   849  C  CG2 . VAL A 1 134 ? -2.56414  -2.87485  -6.62131  1.000 18.19658 ? 180 VAL A CG2 1 
ATOM   850  N  N   . PHE A 1 135 ? -4.10618  -6.82160  -8.35926  1.000 11.72920 ? 181 PHE A N   1 
ATOM   851  C  CA  . PHE A 1 135 ? -4.67524  -8.16499  -8.42776  1.000 19.19821 ? 181 PHE A CA  1 
ATOM   852  C  C   . PHE A 1 135 ? -3.66705  -9.15146  -9.00535  1.000 14.96473 ? 181 PHE A C   1 
ATOM   853  O  O   . PHE A 1 135 ? -3.45663  -10.23997 -8.45718  1.000 16.81435 ? 181 PHE A O   1 
ATOM   854  C  CB  . PHE A 1 135 ? -5.96372  -8.13250  -9.26261  1.000 12.45870 ? 181 PHE A CB  1 
ATOM   855  C  CG  . PHE A 1 135 ? -6.60033  -9.48852  -9.49447  1.000 17.47342 ? 181 PHE A CG  1 
ATOM   856  C  CD1 . PHE A 1 135 ? -6.06014  -10.40308 -10.39165 1.000 18.53239 ? 181 PHE A CD1 1 
ATOM   857  C  CD2 . PHE A 1 135 ? -7.76357  -9.83256  -8.82326  1.000 16.64348 ? 181 PHE A CD2 1 
ATOM   858  C  CE1 . PHE A 1 135 ? -6.65414  -11.63835 -10.59528 1.000 17.79257 ? 181 PHE A CE1 1 
ATOM   859  C  CE2 . PHE A 1 135 ? -8.36732  -11.06340 -9.02697  1.000 22.99162 ? 181 PHE A CE2 1 
ATOM   860  C  CZ  . PHE A 1 135 ? -7.81220  -11.96743 -9.91378  1.000 23.80045 ? 181 PHE A CZ  1 
ATOM   861  N  N   . ILE A 1 136 ? -3.02954  -8.77723  -10.11615 1.000 15.43791 ? 182 ILE A N   1 
ATOM   862  C  CA  . ILE A 1 136 ? -2.04978  -9.65014  -10.75818 1.000 24.31294 ? 182 ILE A CA  1 
ATOM   863  C  C   . ILE A 1 136 ? -0.88137  -9.91809  -9.81859  1.000 20.98400 ? 182 ILE A C   1 
ATOM   864  O  O   . ILE A 1 136 ? -0.44595  -11.06359 -9.65133  1.000 20.20940 ? 182 ILE A O   1 
ATOM   865  C  CB  . ILE A 1 136 ? -1.57954  -9.02980  -12.08603 1.000 20.63108 ? 182 ILE A CB  1 
ATOM   866  C  CG1 . ILE A 1 136 ? -2.68403  -9.13663  -13.14041 1.000 19.66826 ? 182 ILE A CG1 1 
ATOM   867  C  CG2 . ILE A 1 136 ? -0.29788  -9.70414  -12.57676 1.000 26.45210 ? 182 ILE A CG2 1 
ATOM   868  C  CD1 . ILE A 1 136 ? -2.56373  -8.11843  -14.25442 1.000 20.08589 ? 182 ILE A CD1 1 
ATOM   869  N  N   . HIS A 1 137 ? -0.36209  -8.86206  -9.18579  1.000 24.10080 ? 183 HIS A N   1 
ATOM   870  C  CA  . HIS A 1 137 ? 0.79424   -9.00839  -8.30581  1.000 18.94015 ? 183 HIS A CA  1 
ATOM   871  C  C   . HIS A 1 137 ? 0.49285   -9.94546  -7.14269  1.000 23.75116 ? 183 HIS A C   1 
ATOM   872  O  O   . HIS A 1 137 ? 1.28352   -10.84457 -6.83255  1.000 17.43741 ? 183 HIS A O   1 
ATOM   873  C  CB  . HIS A 1 137 ? 1.24199   -7.64556  -7.77830  1.000 21.59505 ? 183 HIS A CB  1 
ATOM   874  C  CG  . HIS A 1 137 ? 2.28298   -7.73749  -6.70631  1.000 20.79646 ? 183 HIS A CG  1 
ATOM   875  N  ND1 . HIS A 1 137 ? 3.62409   -7.89444  -6.98224  1.000 22.61169 ? 183 HIS A ND1 1 
ATOM   876  C  CD2 . HIS A 1 137 ? 2.17585   -7.72560  -5.35632  1.000 19.59706 ? 183 HIS A CD2 1 
ATOM   877  C  CE1 . HIS A 1 137 ? 4.30022   -7.95884  -5.84905  1.000 25.44514 ? 183 HIS A CE1 1 
ATOM   878  N  NE2 . HIS A 1 137 ? 3.44486   -7.85995  -4.84736  1.000 28.04601 ? 183 HIS A NE2 1 
ATOM   879  N  N   . ASN A 1 138 ? -0.65132  -9.74692  -6.48305  1.000 18.26655 ? 184 ASN A N   1 
ATOM   880  C  CA  . ASN A 1 138 ? -0.94805  -10.48209 -5.26015  1.000 15.61557 ? 184 ASN A CA  1 
ATOM   881  C  C   . ASN A 1 138 ? -1.31039  -11.93726 -5.52532  1.000 22.31574 ? 184 ASN A C   1 
ATOM   882  O  O   . ASN A 1 138 ? -1.22874  -12.75909 -4.60603  1.000 19.34633 ? 184 ASN A O   1 
ATOM   883  C  CB  . ASN A 1 138 ? -2.09636  -9.80084  -4.51170  1.000 12.40444 ? 184 ASN A CB  1 
ATOM   884  C  CG  . ASN A 1 138 ? -1.66172  -8.52941  -3.80292  1.000 23.25344 ? 184 ASN A CG  1 
ATOM   885  O  OD1 . ASN A 1 138 ? -0.47075  -8.28856  -3.60571  1.000 18.59257 ? 184 ASN A OD1 1 
ATOM   886  N  ND2 . ASN A 1 138 ? -2.63086  -7.70477  -3.42269  1.000 13.68111 ? 184 ASN A ND2 1 
ATOM   887  N  N   . HIS A 1 139 ? -1.69889  -12.27752 -6.75274  1.000 20.27534 ? 185 HIS A N   1 
ATOM   888  C  CA  . HIS A 1 139 ? -2.07657  -13.64110 -7.09740  1.000 32.37501 ? 185 HIS A CA  1 
ATOM   889  C  C   . HIS A 1 139 ? -1.04685  -14.34643 -7.96815  1.000 30.34144 ? 185 HIS A C   1 
ATOM   890  O  O   . HIS A 1 139 ? -1.23703  -15.52161 -8.29938  1.000 39.51235 ? 185 HIS A O   1 
ATOM   891  C  CB  . HIS A 1 139 ? -3.43974  -13.64594 -7.79779  1.000 27.49074 ? 185 HIS A CB  1 
ATOM   892  C  CG  . HIS A 1 139 ? -4.56046  -13.16485 -6.93128  1.000 37.15672 ? 185 HIS A CG  1 
ATOM   893  N  ND1 . HIS A 1 139 ? -5.61218  -12.41966 -7.41864  1.000 41.82265 ? 185 HIS A ND1 1 
ATOM   894  C  CD2 . HIS A 1 139 ? -4.79167  -13.32138 -5.60618  1.000 36.25067 ? 185 HIS A CD2 1 
ATOM   895  C  CE1 . HIS A 1 139 ? -6.44336  -12.13881 -6.43116  1.000 34.66119 ? 185 HIS A CE1 1 
ATOM   896  N  NE2 . HIS A 1 139 ? -5.96909  -12.67448 -5.32091  1.000 48.13434 ? 185 HIS A NE2 1 
ATOM   897  N  N   . LYS A 1 140 ? 0.03371   -13.66938 -8.34384  1.000 39.04949 ? 186 LYS A N   1 
ATOM   898  C  CA  . LYS A 1 140 ? 1.07044   -14.28632 -9.15648  1.000 33.96283 ? 186 LYS A CA  1 
ATOM   899  C  C   . LYS A 1 140 ? 1.95123   -15.19047 -8.30311  1.000 42.39701 ? 186 LYS A C   1 
ATOM   900  O  O   . LYS A 1 140 ? 2.30371   -14.85136 -7.16970  1.000 32.22114 ? 186 LYS A O   1 
ATOM   901  C  CB  . LYS A 1 140 ? 1.92037   -13.21159 -9.83543  1.000 32.74963 ? 186 LYS A CB  1 
ATOM   902  C  CG  . LYS A 1 140 ? 3.04433   -13.75196 -10.70504 1.000 51.85814 ? 186 LYS A CG  1 
ATOM   903  C  CD  . LYS A 1 140 ? 3.79912   -12.62064 -11.38598 1.000 50.83700 ? 186 LYS A CD  1 
ATOM   904  C  CE  . LYS A 1 140 ? 2.88784   -11.82352 -12.30895 1.000 56.49132 ? 186 LYS A CE  1 
ATOM   905  N  NZ  . LYS A 1 140 ? 3.61280   -10.71912 -12.99870 1.000 41.04239 ? 186 LYS A NZ  1 
ATOM   906  N  N   . ARG A 1 141 ? 2.29882   -16.35016 -8.85185  1.000 50.85816 ? 187 ARG A N   1 
ATOM   907  C  CA  . ARG A 1 141 ? 3.21249   -17.26900 -8.18124  1.000 52.36291 ? 187 ARG A CA  1 
ATOM   908  C  C   . ARG A 1 141 ? 4.55019   -17.32554 -8.91037  1.000 39.52313 ? 187 ARG A C   1 
ATOM   909  O  O   . ARG A 1 141 ? 5.60868   -17.36931 -8.28340  1.000 55.74187 ? 187 ARG A O   1 
ATOM   910  C  CB  . ARG A 1 141 ? 2.60696   -18.67037 -8.08747  1.000 50.82051 ? 187 ARG A CB  1 
ATOM   911  C  CG  . ARG A 1 141 ? 1.45768   -18.79554 -7.10147  1.000 50.60427 ? 187 ARG A CG  1 
ATOM   912  C  CD  . ARG A 1 141 ? 1.09524   -20.25654 -6.88135  1.000 57.55779 ? 187 ARG A CD  1 
ATOM   913  N  NE  . ARG A 1 141 ? -0.03024  -20.42268 -5.96624  1.000 58.34469 ? 187 ARG A NE  1 
ATOM   914  C  CZ  . ARG A 1 141 ? -0.52091  -21.60078 -5.59311  1.000 70.47723 ? 187 ARG A CZ  1 
ATOM   915  N  NH1 . ARG A 1 141 ? 0.01516   -22.72270 -6.05479  1.000 71.31480 ? 187 ARG A NH1 1 
ATOM   916  N  NH2 . ARG A 1 141 ? -1.54825  -21.65898 -4.75723  1.000 76.05069 ? 187 ARG A NH2 1 
ATOM   917  N  N   . TYR A 1 148 ? 4.39852   -19.76479 -3.44988  1.000 60.00687 ? 194 TYR A N   1 
ATOM   918  C  CA  . TYR A 1 148 ? 3.06916   -19.30371 -3.07029  1.000 48.44771 ? 194 TYR A CA  1 
ATOM   919  C  C   . TYR A 1 148 ? 2.87166   -17.88771 -3.60378  1.000 32.36521 ? 194 TYR A C   1 
ATOM   920  O  O   . TYR A 1 148 ? 3.83491   -17.24181 -4.01358  1.000 32.35973 ? 194 TYR A O   1 
ATOM   921  C  CB  . TYR A 1 148 ? 2.90866   -19.31491 -1.54782  1.000 44.55489 ? 194 TYR A CB  1 
ATOM   922  C  CG  . TYR A 1 148 ? 2.85646   -20.69467 -0.92977  1.000 59.08215 ? 194 TYR A CG  1 
ATOM   923  C  CD1 . TYR A 1 148 ? 3.97456   -21.22732 -0.29960  1.000 63.19444 ? 194 TYR A CD1 1 
ATOM   924  C  CD2 . TYR A 1 148 ? 1.70167   -21.46405 -0.97386  1.000 52.95136 ? 194 TYR A CD2 1 
ATOM   925  C  CE1 . TYR A 1 148 ? 3.94700   -22.48487 0.27076   1.000 57.68553 ? 194 TYR A CE1 1 
ATOM   926  C  CE2 . TYR A 1 148 ? 1.66447   -22.72918 -0.40483  1.000 63.29225 ? 194 TYR A CE2 1 
ATOM   927  C  CZ  . TYR A 1 148 ? 2.79123   -23.23257 0.21540   1.000 70.30814 ? 194 TYR A CZ  1 
ATOM   928  O  OH  . TYR A 1 148 ? 2.76319   -24.48634 0.78308   1.000 87.26319 ? 194 TYR A OH  1 
ATOM   929  N  N   . SER A 1 149 ? 1.63624   -17.39854 -3.60327  1.000 33.16129 ? 195 SER A N   1 
ATOM   930  C  CA  . SER A 1 149 ? 1.39681   -16.02540 -4.01886  1.000 29.12466 ? 195 SER A CA  1 
ATOM   931  C  C   . SER A 1 149 ? 1.53464   -15.09647 -2.81653  1.000 24.48254 ? 195 SER A C   1 
ATOM   932  O  O   . SER A 1 149 ? 1.52117   -15.53149 -1.66240  1.000 27.62930 ? 195 SER A O   1 
ATOM   933  C  CB  . SER A 1 149 ? 0.01297   -15.87360 -4.65152  1.000 24.28423 ? 195 SER A CB  1 
ATOM   934  O  OG  . SER A 1 149 ? -1.00959  -15.99872 -3.68029  1.000 28.06116 ? 195 SER A OG  1 
ATOM   935  N  N   . ALA A 1 150 ? 1.67634   -13.79880 -3.09893  1.000 28.56349 ? 196 ALA A N   1 
ATOM   936  C  CA  . ALA A 1 150 ? 1.74685   -12.82808 -2.01117  1.000 18.40293 ? 196 ALA A CA  1 
ATOM   937  C  C   . ALA A 1 150 ? 0.47105   -12.83956 -1.17771  1.000 15.26456 ? 196 ALA A C   1 
ATOM   938  O  O   . ALA A 1 150 ? 0.52406   -12.73591 0.05340   1.000 20.01878 ? 196 ALA A O   1 
ATOM   939  C  CB  . ALA A 1 150 ? 2.01563   -11.43089 -2.56921  1.000 30.22080 ? 196 ALA A CB  1 
ATOM   940  N  N   . GLY A 1 151 ? -0.68593  -12.97409 -1.83138  1.000 19.75816 ? 197 GLY A N   1 
ATOM   941  C  CA  . GLY A 1 151 ? -1.94005  -13.03586 -1.09591  1.000 22.48788 ? 197 GLY A CA  1 
ATOM   942  C  C   . GLY A 1 151 ? -2.03239  -14.25739 -0.20209  1.000 28.68167 ? 197 GLY A C   1 
ATOM   943  O  O   . GLY A 1 151 ? -2.56462  -14.19172 0.90874   1.000 19.58628 ? 197 GLY A O   1 
ATOM   944  N  N   . GLU A 1 152 ? -1.52824  -15.39375 -0.68460  1.000 20.15593 ? 198 GLU A N   1 
ATOM   945  C  CA  . GLU A 1 152 ? -1.46494  -16.59678 0.13735   1.000 26.47210 ? 198 GLU A CA  1 
ATOM   946  C  C   . GLU A 1 152 ? -0.47894  -16.43836 1.28812   1.000 25.91773 ? 198 GLU A C   1 
ATOM   947  O  O   . GLU A 1 152 ? -0.74423  -16.89440 2.40633   1.000 25.72721 ? 198 GLU A O   1 
ATOM   948  C  CB  . GLU A 1 152 ? -1.09609  -17.79919 -0.73072  1.000 31.34391 ? 198 GLU A CB  1 
ATOM   949  C  CG  . GLU A 1 152 ? -2.19380  -18.20841 -1.70035  1.000 33.98935 ? 198 GLU A CG  1 
ATOM   950  C  CD  . GLU A 1 152 ? -1.72736  -19.23548 -2.71103  1.000 39.58283 ? 198 GLU A CD  1 
ATOM   951  O  OE1 . GLU A 1 152 ? -0.51126  -19.28451 -2.99344  1.000 39.04589 ? 198 GLU A OE1 1 
ATOM   952  O  OE2 . GLU A 1 152 ? -2.57814  -19.99152 -3.22481  1.000 43.41223 ? 198 GLU A OE2 1 
ATOM   953  N  N   . ARG A 1 153 ? 0.67169   -15.81252 1.03256   1.000 24.85058 ? 199 ARG A N   1 
ATOM   954  C  CA  . ARG A 1 153 ? 1.68039   -15.68347 2.07960   1.000 25.00572 ? 199 ARG A CA  1 
ATOM   955  C  C   . ARG A 1 153 ? 1.21173   -14.78786 3.22133   1.000 31.13514 ? 199 ARG A C   1 
ATOM   956  O  O   . ARG A 1 153 ? 1.43934   -15.11184 4.39262   1.000 24.52529 ? 199 ARG A O   1 
ATOM   957  C  CB  . ARG A 1 153 ? 2.99062   -15.15420 1.49483   1.000 32.61356 ? 199 ARG A CB  1 
ATOM   958  C  CG  . ARG A 1 153 ? 3.73222   -16.15035 0.61860   1.000 38.75469 ? 199 ARG A CG  1 
ATOM   959  C  CD  . ARG A 1 153 ? 5.15668   -15.68885 0.34535   1.000 39.91928 ? 199 ARG A CD  1 
ATOM   960  N  NE  . ARG A 1 153 ? 5.20317   -14.41125 -0.36028  1.000 42.40475 ? 199 ARG A NE  1 
ATOM   961  C  CZ  . ARG A 1 153 ? 5.20024   -14.28651 -1.68372  1.000 49.61264 ? 199 ARG A CZ  1 
ATOM   962  N  NH1 . ARG A 1 153 ? 5.16517   -15.36556 -2.45326  1.000 41.78501 ? 199 ARG A NH1 1 
ATOM   963  N  NH2 . ARG A 1 153 ? 5.24403   -13.08246 -2.23938  1.000 41.62807 ? 199 ARG A NH2 1 
ATOM   964  N  N   . ILE A 1 154 ? 0.56360   -13.65874 2.91434   1.000 17.42488 ? 200 ILE A N   1 
ATOM   965  C  CA  . ILE A 1 154 ? 0.16509   -12.75007 3.98848   1.000 22.16527 ? 200 ILE A CA  1 
ATOM   966  C  C   . ILE A 1 154 ? -0.83413  -13.41386 4.93108   1.000 22.05959 ? 200 ILE A C   1 
ATOM   967  O  O   . ILE A 1 154 ? -0.70985  -13.30045 6.15630   1.000 23.27122 ? 200 ILE A O   1 
ATOM   968  C  CB  . ILE A 1 154 ? -0.36831  -11.41575 3.42725   1.000 21.22331 ? 200 ILE A CB  1 
ATOM   969  C  CG1 . ILE A 1 154 ? -0.57544  -10.42758 4.58093   1.000 16.59106 ? 200 ILE A CG1 1 
ATOM   970  C  CG2 . ILE A 1 154 ? -1.64195  -11.60171 2.59985   1.000 18.97277 ? 200 ILE A CG2 1 
ATOM   971  C  CD1 . ILE A 1 154 ? -0.94486  -9.03269  4.15228   1.000 18.74701 ? 200 ILE A CD1 1 
ATOM   972  N  N   . VAL A 1 155 ? -1.83093  -14.12213 4.39236   1.000 19.18131 ? 201 VAL A N   1 
ATOM   973  C  CA  . VAL A 1 155 ? -2.82467  -14.72638 5.27517   1.000 23.79964 ? 201 VAL A CA  1 
ATOM   974  C  C   . VAL A 1 155 ? -2.18747  -15.83580 6.10387   1.000 25.11602 ? 201 VAL A C   1 
ATOM   975  O  O   . VAL A 1 155 ? -2.52122  -16.01883 7.27981   1.000 24.16245 ? 201 VAL A O   1 
ATOM   976  C  CB  . VAL A 1 155 ? -4.04738  -15.22084 4.47678   1.000 28.16991 ? 201 VAL A CB  1 
ATOM   977  C  CG1 . VAL A 1 155 ? -4.73323  -14.05084 3.78234   1.000 23.41332 ? 201 VAL A CG1 1 
ATOM   978  C  CG2 . VAL A 1 155 ? -3.65392  -16.27852 3.46298   1.000 32.70336 ? 201 VAL A CG2 1 
ATOM   979  N  N   . ASP A 1 156 ? -1.26289  -16.59142 5.50597   1.000 27.10196 ? 202 ASP A N   1 
ATOM   980  C  CA  . ASP A 1 156 ? -0.53537  -17.61496 6.25024   1.000 35.91384 ? 202 ASP A CA  1 
ATOM   981  C  C   . ASP A 1 156 ? 0.29695   -16.98910 7.36318   1.000 31.12733 ? 202 ASP A C   1 
ATOM   982  O  O   . ASP A 1 156 ? 0.27911   -17.45470 8.50829   1.000 32.65250 ? 202 ASP A O   1 
ATOM   983  C  CB  . ASP A 1 156 ? 0.34836   -18.42550 5.30165   1.000 35.77720 ? 202 ASP A CB  1 
ATOM   984  C  CG  . ASP A 1 156 ? 1.25394   -19.39603 6.03563   1.000 53.43036 ? 202 ASP A CG  1 
ATOM   985  O  OD1 . ASP A 1 156 ? 0.76046   -20.45827 6.46864   1.000 49.80606 ? 202 ASP A OD1 1 
ATOM   986  O  OD2 . ASP A 1 156 ? 2.45799   -19.09717 6.18007   1.000 49.22163 ? 202 ASP A OD2 1 
ATOM   987  N  N   . ILE A 1 157 ? 1.04745   -15.93487 7.03258   1.000 33.08813 ? 203 ILE A N   1 
ATOM   988  C  CA  . ILE A 1 157 ? 1.90507   -15.27196 8.01327   1.000 33.59889 ? 203 ILE A CA  1 
ATOM   989  C  C   . ILE A 1 157 ? 1.07611   -14.74131 9.17805   1.000 35.72332 ? 203 ILE A C   1 
ATOM   990  O  O   . ILE A 1 157 ? 1.43387   -14.91936 10.34926  1.000 29.23891 ? 203 ILE A O   1 
ATOM   991  C  CB  . ILE A 1 157 ? 2.72158   -14.15437 7.33916   1.000 30.79010 ? 203 ILE A CB  1 
ATOM   992  C  CG1 . ILE A 1 157 ? 3.81400   -14.75373 6.45218   1.000 29.23343 ? 203 ILE A CG1 1 
ATOM   993  C  CG2 . ILE A 1 157 ? 3.34067   -13.23934 8.37739   1.000 24.48971 ? 203 ILE A CG2 1 
ATOM   994  C  CD1 . ILE A 1 157 ? 4.51908   -13.73613 5.58027   1.000 27.56637 ? 203 ILE A CD1 1 
ATOM   995  N  N   . ILE A 1 158 ? -0.04875  -14.08663 8.87506   1.000 25.31843 ? 204 ILE A N   1 
ATOM   996  C  CA  . ILE A 1 158 ? -0.85042  -13.47135 9.92964   1.000 29.13049 ? 204 ILE A CA  1 
ATOM   997  C  C   . ILE A 1 158 ? -1.55115  -14.53819 10.76266  1.000 36.80998 ? 204 ILE A C   1 
ATOM   998  O  O   . ILE A 1 158 ? -1.59977  -14.44711 11.99575  1.000 32.04409 ? 204 ILE A O   1 
ATOM   999  C  CB  . ILE A 1 158 ? -1.85485  -12.46857 9.33152   1.000 34.48509 ? 204 ILE A CB  1 
ATOM   1000 C  CG1 . ILE A 1 158 ? -1.12410  -11.36987 8.55530   1.000 32.69176 ? 204 ILE A CG1 1 
ATOM   1001 C  CG2 . ILE A 1 158 ? -2.72609  -11.86524 10.42569  1.000 27.45375 ? 204 ILE A CG2 1 
ATOM   1002 C  CD1 . ILE A 1 158 ? -0.26094  -10.47952 9.41952   1.000 34.37142 ? 204 ILE A CD1 1 
ATOM   1003 N  N   . ALA A 1 159 ? -2.10805  -15.56066 10.10817  1.000 32.71325 ? 205 ALA A N   1 
ATOM   1004 C  CA  . ALA A 1 159 ? -2.79081  -16.62741 10.83587  1.000 33.93407 ? 205 ALA A CA  1 
ATOM   1005 C  C   . ALA A 1 159 ? -1.83037  -17.35931 11.76631  1.000 36.20247 ? 205 ALA A C   1 
ATOM   1006 O  O   . ALA A 1 159 ? -2.16284  -17.64110 12.92405  1.000 41.43562 ? 205 ALA A O   1 
ATOM   1007 C  CB  . ALA A 1 159 ? -3.44188  -17.60275 9.85571   1.000 20.08658 ? 205 ALA A CB  1 
ATOM   1008 N  N   . THR A 1 160 ? -0.63544  -17.69030 11.26751  1.000 34.25428 ? 206 THR A N   1 
ATOM   1009 C  CA  . THR A 1 160 ? 0.37197   -18.33115 12.10821  1.000 40.37664 ? 206 THR A CA  1 
ATOM   1010 C  C   . THR A 1 160 ? 0.72044   -17.46528 13.31369  1.000 46.78083 ? 206 THR A C   1 
ATOM   1011 O  O   . THR A 1 160 ? 0.90421   -17.97871 14.42389  1.000 47.73195 ? 206 THR A O   1 
ATOM   1012 C  CB  . THR A 1 160 ? 1.62430   -18.63451 11.28461  1.000 35.82124 ? 206 THR A CB  1 
ATOM   1013 O  OG1 . THR A 1 160 ? 1.28493   -19.50271 10.19599  1.000 40.52276 ? 206 THR A OG1 1 
ATOM   1014 C  CG2 . THR A 1 160 ? 2.68508   -19.30548 12.14439  1.000 43.05881 ? 206 THR A CG2 1 
ATOM   1015 N  N   . ASP A 1 161 ? 0.80782   -16.14701 13.11781  1.000 50.58958 ? 207 ASP A N   1 
ATOM   1016 C  CA  . ASP A 1 161 ? 1.17938   -15.26064 14.21611  1.000 41.54502 ? 207 ASP A CA  1 
ATOM   1017 C  C   . ASP A 1 161 ? 0.10936   -15.22628 15.29998  1.000 45.26982 ? 207 ASP A C   1 
ATOM   1018 O  O   . ASP A 1 161 ? 0.41855   -14.95564 16.46605  1.000 48.16673 ? 207 ASP A O   1 
ATOM   1019 C  CB  . ASP A 1 161 ? 1.44194   -13.85006 13.68958  1.000 38.35036 ? 207 ASP A CB  1 
ATOM   1020 C  CG  . ASP A 1 161 ? 2.27131   -13.01700 14.64583  1.000 49.43847 ? 207 ASP A CG  1 
ATOM   1021 O  OD1 . ASP A 1 161 ? 3.27297   -13.53937 15.17810  1.000 56.71507 ? 207 ASP A OD1 1 
ATOM   1022 O  OD2 . ASP A 1 161 ? 1.91738   -11.84048 14.87039  1.000 45.61493 ? 207 ASP A OD2 1 
ATOM   1023 N  N   . ILE A 1 162 ? -1.14138  -15.49429 14.94059  1.000 49.31830 ? 208 ILE A N   1 
ATOM   1024 C  CA  . ILE A 1 162 ? -2.23476  -15.50965 15.90331  1.000 58.07122 ? 208 ILE A CA  1 
ATOM   1025 C  C   . ILE A 1 162 ? -2.08796  -16.69024 16.85700  1.000 60.52932 ? 208 ILE A C   1 
ATOM   1026 O  O   . ILE A 1 162 ? -1.88865  -17.82669 16.42763  1.000 63.42389 ? 208 ILE A O   1 
ATOM   1027 C  CB  . ILE A 1 162 ? -3.59652  -15.55092 15.18922  1.000 47.47545 ? 208 ILE A CB  1 
ATOM   1028 C  CG1 . ILE A 1 162 ? -3.79908  -14.28272 14.35734  1.000 48.63064 ? 208 ILE A CG1 1 
ATOM   1029 C  CG2 . ILE A 1 162 ? -4.72433  -15.72851 16.19598  1.000 44.01758 ? 208 ILE A CG2 1 
ATOM   1030 C  CD1 . ILE A 1 162 ? -5.03695  -14.31479 13.49480  1.000 49.14141 ? 208 ILE A CD1 1 
HETATM 1031 C  C01 . L3D B 2 .   ? -14.84311 3.30242   -17.56226 1.000 25.25919 ? 300 L3D A C01 1 
HETATM 1032 C  C02 . L3D B 2 .   ? -15.19137 1.83211   -17.80153 1.000 26.68917 ? 300 L3D A C02 1 
HETATM 1033 C  C03 . L3D B 2 .   ? -14.53231 0.77762   -17.14880 1.000 21.70223 ? 300 L3D A C03 1 
HETATM 1034 C  C04 . L3D B 2 .   ? -13.40268 0.99953   -16.13088 1.000 21.70154 ? 300 L3D A C04 1 
HETATM 1035 C  C05 . L3D B 2 .   ? -12.15073 1.49171   -16.85274 1.000 27.30486 ? 300 L3D A C05 1 
HETATM 1036 O  O06 . L3D B 2 .   ? -11.93375 1.14128   -18.04109 1.000 24.92368 ? 300 L3D A O06 1 
HETATM 1037 O  O07 . L3D B 2 .   ? -11.33706 2.25613   -16.26763 1.000 18.73574 ? 300 L3D A O07 1 
HETATM 1038 O  O08 . L3D B 2 .   ? -13.75661 1.92704   -15.12578 1.000 20.74034 ? 300 L3D A O08 1 
HETATM 1039 C  C09 . L3D B 2 .   ? -14.32093 1.44073   -13.92148 1.000 22.43924 ? 300 L3D A C09 1 
HETATM 1040 C  C10 . L3D B 2 .   ? -13.58789 0.19280   -13.42811 1.000 20.40676 ? 300 L3D A C10 1 
HETATM 1041 C  C11 . L3D B 2 .   ? -15.79646 1.12435   -14.11538 1.000 20.03458 ? 300 L3D A C11 1 
HETATM 1042 C  C12 . L3D B 2 .   ? -14.20087 2.53239   -12.85325 1.000 22.31022 ? 300 L3D A C12 1 
HETATM 1043 C  C13 . L3D B 2 .   ? -14.91878 -0.54464  -17.43317 1.000 23.20058 ? 300 L3D A C13 1 
HETATM 1044 C  C14 . L3D B 2 .   ? -14.23460 -1.75290  -16.74658 1.000 19.93767 ? 300 L3D A C14 1 
HETATM 1045 C  C15 . L3D B 2 .   ? -14.76389 -2.28606  -15.55465 1.000 21.02590 ? 300 L3D A C15 1 
HETATM 1046 C  C16 . L3D B 2 .   ? -14.14009 -3.38075  -14.93687 1.000 19.86190 ? 300 L3D A C16 1 
HETATM 1047 C  C17 . L3D B 2 .   ? -12.97063 -3.95422  -15.52033 1.000 17.75579 ? 300 L3D A C17 1 
HETATM 1048 C  C18 . L3D B 2 .   ? -12.45122 -3.42779  -16.70229 1.000 23.30784 ? 300 L3D A C18 1 
HETATM 1049 C  C19 . L3D B 2 .   ? -13.07649 -2.32951  -17.32475 1.000 22.42899 ? 300 L3D A C19 1 
HETATM 1050 N  N20 . L3D B 2 .   ? -12.60033 -1.80270  -18.45961 1.000 20.45266 ? 300 L3D A N20 1 
HETATM 1051 C  C21 . L3D B 2 .   ? -11.50546 -2.32415  -19.03043 1.000 26.03664 ? 300 L3D A C21 1 
HETATM 1052 C  C22 . L3D B 2 .   ? -10.81830 -3.41835  -18.48280 1.000 22.24307 ? 300 L3D A C22 1 
HETATM 1053 C  C23 . L3D B 2 .   ? -11.31059 -3.98826  -17.28380 1.000 27.44297 ? 300 L3D A C23 1 
HETATM 1054 C  C24 . L3D B 2 .   ? -10.62825 -5.17607  -16.61171 1.000 20.01326 ? 300 L3D A C24 1 
HETATM 1055 C  C25 . L3D B 2 .   ? -11.00650 -5.31593  -15.14027 1.000 23.50968 ? 300 L3D A C25 1 
HETATM 1056 O  O26 . L3D B 2 .   ? -12.36877 -5.07680  -14.85076 1.000 21.90891 ? 300 L3D A O26 1 
HETATM 1057 C  C27 . L3D B 2 .   ? -15.95620 -0.76160  -18.36460 1.000 27.12346 ? 300 L3D A C27 1 
HETATM 1058 C  C28 . L3D B 2 .   ? -16.54893 0.32491   -18.95798 1.000 23.16691 ? 300 L3D A C28 1 
HETATM 1059 C  C29 . L3D B 2 .   ? -17.58803 0.14425   -19.89432 1.000 26.02138 ? 300 L3D A C29 1 
HETATM 1060 C  C30 . L3D B 2 .   ? -18.01431 -1.13895  -20.21542 1.000 28.71754 ? 300 L3D A C30 1 
HETATM 1061 C  C31 . L3D B 2 .   ? -17.41588 -2.24065  -19.61522 1.000 34.66058 ? 300 L3D A C31 1 
HETATM 1062 C  C32 . L3D B 2 .   ? -16.38679 -2.06026  -18.68932 1.000 24.95620 ? 300 L3D A C32 1 
HETATM 1063 N  N33 . L3D B 2 .   ? -16.16108 1.57677   -18.66950 1.000 25.11796 ? 300 L3D A N33 1 
HETATM 1064 O  O   . HOH C 3 .   ? 4.93552   13.71631  1.64931   1.000 29.82322 ? 401 HOH A O   1 
HETATM 1065 O  O   . HOH C 3 .   ? 6.97116   15.44062  1.89969   1.000 36.03083 ? 402 HOH A O   1 
HETATM 1066 O  O   . HOH C 3 .   ? 14.08319  8.71913   0.06516   1.000 36.34371 ? 403 HOH A O   1 
HETATM 1067 O  O   . HOH C 3 .   ? -13.99542 5.52710   1.36791   1.000 22.89706 ? 404 HOH A O   1 
HETATM 1068 O  O   . HOH C 3 .   ? -9.58233  15.13082  2.87721   1.000 40.16398 ? 405 HOH A O   1 
HETATM 1069 O  O   . HOH C 3 .   ? -15.63823 6.46912   -16.52304 1.000 39.27585 ? 406 HOH A O   1 
HETATM 1070 O  O   . HOH C 3 .   ? 2.42269   -12.93034 -5.64629  1.000 22.94299 ? 407 HOH A O   1 
HETATM 1071 O  O   . HOH C 3 .   ? -0.47963  -1.19545  -21.62138 1.000 34.85783 ? 408 HOH A O   1 
HETATM 1072 O  O   . HOH C 3 .   ? 2.08335   14.19331  6.09902   1.000 26.21347 ? 409 HOH A O   1 
HETATM 1073 O  O   . HOH C 3 .   ? -16.03858 6.08385   -19.48909 1.000 40.88988 ? 410 HOH A O   1 
HETATM 1074 O  O   . HOH C 3 .   ? 0.77624   5.59650   -18.04145 1.000 41.48990 ? 411 HOH A O   1 
HETATM 1075 O  O   . HOH C 3 .   ? 5.84016   11.86496  12.26298  1.000 44.45126 ? 412 HOH A O   1 
HETATM 1076 O  O   . HOH C 3 .   ? -6.03990  3.24212   -21.89917 1.000 35.96013 ? 413 HOH A O   1 
HETATM 1077 O  O   . HOH C 3 .   ? -6.60247  8.30759   0.95092   1.000 19.91689 ? 414 HOH A O   1 
HETATM 1078 O  O   . HOH C 3 .   ? 0.10652   -6.72386  9.66314   1.000 22.07746 ? 415 HOH A O   1 
HETATM 1079 O  O   . HOH C 3 .   ? -10.62467 -0.99171  7.01744   1.000 13.81108 ? 416 HOH A O   1 
HETATM 1080 O  O   . HOH C 3 .   ? -3.25984  -0.78704  13.83681  1.000 21.54376 ? 417 HOH A O   1 
HETATM 1081 O  O   . HOH C 3 .   ? 7.90677   6.33313   -3.85116  1.000 42.19501 ? 418 HOH A O   1 
HETATM 1082 O  O   . HOH C 3 .   ? -4.77527  9.64284   -15.98591 1.000 39.57065 ? 419 HOH A O   1 
HETATM 1083 O  O   . HOH C 3 .   ? 2.32206   -0.27779  17.42635  1.000 31.48836 ? 420 HOH A O   1 
HETATM 1084 O  O   . HOH C 3 .   ? 3.24530   9.43618   -16.38221 1.000 31.28073 ? 421 HOH A O   1 
HETATM 1085 O  O   . HOH C 3 .   ? -10.62362 0.64364   8.88301   1.000 14.54427 ? 422 HOH A O   1 
HETATM 1086 O  O   . HOH C 3 .   ? -4.61023  -2.97404  13.03886  1.000 17.33597 ? 423 HOH A O   1 
HETATM 1087 O  O   . HOH C 3 .   ? 8.58486   10.86471  9.87285   1.000 26.60128 ? 424 HOH A O   1 
HETATM 1088 O  O   . HOH C 3 .   ? -9.23919  6.35870   -6.72772  1.000 42.99890 ? 425 HOH A O   1 
HETATM 1089 O  O   . HOH C 3 .   ? 5.67523   -7.52453  7.40091   1.000 23.75549 ? 426 HOH A O   1 
HETATM 1090 O  O   . HOH C 3 .   ? -15.33289 4.43848   -9.90155  1.000 29.84313 ? 427 HOH A O   1 
HETATM 1091 O  O   . HOH C 3 .   ? -5.64983  -2.25380  -3.78503  1.000 12.64349 ? 428 HOH A O   1 
HETATM 1092 O  O   . HOH C 3 .   ? 1.31293   12.44603  3.66584   1.000 26.37119 ? 429 HOH A O   1 
HETATM 1093 O  O   . HOH C 3 .   ? -13.40585 0.37481   -20.30187 1.000 31.08652 ? 430 HOH A O   1 
HETATM 1094 O  O   . HOH C 3 .   ? -3.79082  -1.68381  17.13997  1.000 41.56016 ? 431 HOH A O   1 
HETATM 1095 O  O   . HOH C 3 .   ? -0.40409  19.19483  9.96241   1.000 43.00771 ? 432 HOH A O   1 
HETATM 1096 O  O   . HOH C 3 .   ? -7.70714  5.89432   0.02860   1.000 26.47945 ? 433 HOH A O   1 
HETATM 1097 O  O   . HOH C 3 .   ? 5.58106   1.16641   -0.65237  1.000 26.20098 ? 434 HOH A O   1 
HETATM 1098 O  O   . HOH C 3 .   ? 4.05063   -15.86674 11.13700  1.000 49.31276 ? 435 HOH A O   1 
HETATM 1099 O  O   . HOH C 3 .   ? -0.15172  -10.27569 13.58931  1.000 39.53080 ? 436 HOH A O   1 
HETATM 1100 O  O   . HOH C 3 .   ? -12.72143 5.46210   -7.11354  1.000 44.57216 ? 437 HOH A O   1 
HETATM 1101 O  O   . HOH C 3 .   ? -17.39766 4.04659   -19.72128 1.000 36.40576 ? 438 HOH A O   1 
HETATM 1102 O  O   . HOH C 3 .   ? -7.77159  7.14093   -12.44188 1.000 21.51328 ? 439 HOH A O   1 
HETATM 1103 O  O   . HOH C 3 .   ? -9.16981  -6.90350  10.65164  1.000 33.04902 ? 440 HOH A O   1 
HETATM 1104 O  O   . HOH C 3 .   ? -5.41457  -13.60097 0.18285   1.000 31.08747 ? 441 HOH A O   1 
HETATM 1105 O  O   . HOH C 3 .   ? 0.87836   -7.97925  13.64806  1.000 41.53115 ? 442 HOH A O   1 
HETATM 1106 O  O   . HOH C 3 .   ? -2.28370  14.48293  16.02846  1.000 37.33441 ? 443 HOH A O   1 
HETATM 1107 O  O   . HOH C 3 .   ? -1.36924  -2.11041  16.79107  1.000 41.17604 ? 444 HOH A O   1 
HETATM 1108 O  O   . HOH C 3 .   ? -2.56095  17.78864  8.37676   1.000 43.58172 ? 445 HOH A O   1 
HETATM 1109 O  O   . HOH C 3 .   ? -7.90026  10.58535  -7.85110  1.000 48.82222 ? 446 HOH A O   1 
HETATM 1110 O  O   . HOH C 3 .   ? -6.24197  5.49801   -21.60978 1.000 41.80990 ? 447 HOH A O   1 
HETATM 1111 O  O   . HOH C 3 .   ? -2.55695  12.68474  17.63884  1.000 41.88557 ? 448 HOH A O   1 
HETATM 1112 O  O   . HOH C 3 .   ? -8.48281  -15.30639 -6.73815  1.000 44.43498 ? 449 HOH A O   1 
HETATM 1113 O  O   . HOH C 3 .   ? -14.94033 -1.09596  -21.76229 1.000 39.48408 ? 450 HOH A O   1 
HETATM 1114 O  O   . HOH C 3 .   ? 2.89360   7.16784   -17.91271 1.000 39.11300 ? 451 HOH A O   1 
HETATM 1115 O  O   . HOH C 3 .   ? 5.08802   -17.44234 9.37007   1.000 36.74825 ? 452 HOH A O   1 
HETATM 1116 O  O   . HOH C 3 .   ? -8.50226  8.78704   -10.05839 1.000 35.47461 ? 453 HOH A O   1 
# 
